data_1KUV
# 
_entry.id   1KUV 
# 
_audit_conform.dict_name       mmcif_pdbx.dic 
_audit_conform.dict_version    5.386 
_audit_conform.dict_location   http://mmcif.pdb.org/dictionaries/ascii/mmcif_pdbx.dic 
# 
loop_
_database_2.database_id 
_database_2.database_code 
_database_2.pdbx_database_accession 
_database_2.pdbx_DOI 
PDB   1KUV         pdb_00001kuv 10.2210/pdb1kuv/pdb 
RCSB  RCSB015365   ?            ?                   
WWPDB D_1000015365 ?            ?                   
# 
loop_
_pdbx_audit_revision_history.ordinal 
_pdbx_audit_revision_history.data_content_type 
_pdbx_audit_revision_history.major_revision 
_pdbx_audit_revision_history.minor_revision 
_pdbx_audit_revision_history.revision_date 
1 'Structure model' 1 0 2002-03-22 
2 'Structure model' 1 1 2008-04-27 
3 'Structure model' 1 2 2011-07-13 
4 'Structure model' 1 3 2011-11-16 
5 'Structure model' 1 4 2017-10-11 
6 'Structure model' 1 5 2021-02-03 
7 'Structure model' 1 6 2024-02-14 
# 
_pdbx_audit_revision_details.ordinal             1 
_pdbx_audit_revision_details.revision_ordinal    1 
_pdbx_audit_revision_details.data_content_type   'Structure model' 
_pdbx_audit_revision_details.provider            repository 
_pdbx_audit_revision_details.type                'Initial release' 
_pdbx_audit_revision_details.description         ? 
_pdbx_audit_revision_details.details             ? 
# 
loop_
_pdbx_audit_revision_group.ordinal 
_pdbx_audit_revision_group.revision_ordinal 
_pdbx_audit_revision_group.data_content_type 
_pdbx_audit_revision_group.group 
1 2 'Structure model' 'Version format compliance' 
2 3 'Structure model' 'Version format compliance' 
3 4 'Structure model' 'Atomic model'              
4 5 'Structure model' 'Refinement description'    
5 6 'Structure model' 'Database references'       
6 6 'Structure model' 'Derived calculations'      
7 6 'Structure model' 'Structure summary'         
8 7 'Structure model' 'Data collection'           
9 7 'Structure model' 'Database references'       
# 
loop_
_pdbx_audit_revision_category.ordinal 
_pdbx_audit_revision_category.revision_ordinal 
_pdbx_audit_revision_category.data_content_type 
_pdbx_audit_revision_category.category 
1 5 'Structure model' software        
2 6 'Structure model' audit_author    
3 6 'Structure model' citation_author 
4 6 'Structure model' struct_site     
5 7 'Structure model' chem_comp_atom  
6 7 'Structure model' chem_comp_bond  
7 7 'Structure model' database_2      
# 
loop_
_pdbx_audit_revision_item.ordinal 
_pdbx_audit_revision_item.revision_ordinal 
_pdbx_audit_revision_item.data_content_type 
_pdbx_audit_revision_item.item 
1  5 'Structure model' '_software.classification'            
2  5 'Structure model' '_software.name'                      
3  5 'Structure model' '_software.version'                   
4  6 'Structure model' '_audit_author.identifier_ORCID'      
5  6 'Structure model' '_citation_author.identifier_ORCID'   
6  6 'Structure model' '_struct_site.pdbx_auth_asym_id'      
7  6 'Structure model' '_struct_site.pdbx_auth_comp_id'      
8  6 'Structure model' '_struct_site.pdbx_auth_seq_id'       
9  7 'Structure model' '_database_2.pdbx_DOI'                
10 7 'Structure model' '_database_2.pdbx_database_accession' 
# 
_pdbx_database_status.status_code                     REL 
_pdbx_database_status.entry_id                        1KUV 
_pdbx_database_status.recvd_initial_deposition_date   2002-01-22 
_pdbx_database_status.deposit_site                    RCSB 
_pdbx_database_status.process_site                    RCSB 
_pdbx_database_status.SG_entry                        . 
_pdbx_database_status.pdb_format_compatible           Y 
_pdbx_database_status.status_code_mr                  ? 
_pdbx_database_status.status_code_sf                  ? 
_pdbx_database_status.status_code_cs                  ? 
_pdbx_database_status.methods_development_category    ? 
_pdbx_database_status.status_code_nmr_data            ? 
# 
loop_
_pdbx_database_related.db_name 
_pdbx_database_related.db_id 
_pdbx_database_related.details 
_pdbx_database_related.content_type 
PDB 1BO4 'Crystal Structure Of A Gcn5-Related N-Acetyltransferase: Serratia Marescens Aminoglycoside 3-N-Acetyltransferase' 
unspecified 
PDB 1B6B 
'Melatonin Biosynthesis: The Structure Of Serotonin N- Acetyltransferase At 2.5 A Resolution Suggests A Catalytic Mechanism' 
unspecified 
PDB 1CJW 'Serotonin N-Acetyltranferase Complexed With A Bisubstrate Analog' unspecified 
PDB 1KUX . unspecified 
PDB 1KUY . unspecified 
# 
loop_
_audit_author.name 
_audit_author.pdbx_ordinal 
_audit_author.identifier_ORCID 
'Wolf, E.'       1 ?                   
'De Angelis, J.' 2 ?                   
'Khalil, E.M.'   3 ?                   
'Cole, P.A.'     4 ?                   
'Burley, S.K.'   5 0000-0002-2487-9713 
# 
_citation.id                        primary 
_citation.title                     'X-ray crystallographic studies of serotonin N-acetyltransferase catalysis and inhibition.' 
_citation.journal_abbrev            J.Mol.Biol. 
_citation.journal_volume            317 
_citation.page_first                215 
_citation.page_last                 224 
_citation.year                      2002 
_citation.journal_id_ASTM           JMOBAK 
_citation.country                   UK 
_citation.journal_id_ISSN           0022-2836 
_citation.journal_id_CSD            0070 
_citation.book_publisher            ? 
_citation.pdbx_database_id_PubMed   11902838 
_citation.pdbx_database_id_DOI      10.1006/jmbi.2001.5371 
# 
loop_
_citation_author.citation_id 
_citation_author.name 
_citation_author.ordinal 
_citation_author.identifier_ORCID 
primary 'Wolf, E.'       1 ?                   
primary 'De Angelis, J.' 2 ?                   
primary 'Khalil, E.M.'   3 ?                   
primary 'Cole, P.A.'     4 ?                   
primary 'Burley, S.K.'   5 0000-0002-2487-9713 
# 
loop_
_entity.id 
_entity.type 
_entity.src_method 
_entity.pdbx_description 
_entity.formula_weight 
_entity.pdbx_number_of_molecules 
_entity.pdbx_ec 
_entity.pdbx_mutation 
_entity.pdbx_fragment 
_entity.details 
1 polymer     man 'Serotonin N-acetyltransferase'  23111.568 1   2.3.1.87 'MET substituted by Se-met' ? ? 
2 non-polymer syn 'MAGNESIUM ION'                  24.305    1   ?        ?                           ? ? 
3 non-polymer syn 'COA-S-ACETYL 5-BROMOTRYPTAMINE' 1046.667  1   ?        ?                           ? ? 
4 water       nat water                            18.015    167 ?        ?                           ? ? 
# 
_entity_name_com.entity_id   1 
_entity_name_com.name        
;arylalkylamine N-acetyltransferase; Aralkylamine N-acetyltransferase; AA-NAT;
Serotonin acetylase
;
# 
_entity_name_sys.entity_id   1 
_entity_name_sys.name        E.C.2.3.1.87 
# 
_entity_poly.entity_id                      1 
_entity_poly.type                           'polypeptide(L)' 
_entity_poly.nstd_linkage                   no 
_entity_poly.nstd_monomer                   no 
_entity_poly.pdbx_seq_one_letter_code       
;MSTPSVHCLKPSPLHLPSGIPGSPGRQRRHTLPANEFRCLTPEDAAGVFEIEREAFISVSGNCPLNLDEVQHFLTLCPEL
SLGWFVEGRLVAFIIGSLWDEERLTQESLALHRPRGHSAHLHALAVHRSFRQQGKGSVLLWRYLHHVGAQPAVRRAVLMC
EDALVPFYQRFGFHPAGPCAIVVGSLTFTEMHCSLRGHAALRRNSDR
;
_entity_poly.pdbx_seq_one_letter_code_can   
;MSTPSVHCLKPSPLHLPSGIPGSPGRQRRHTLPANEFRCLTPEDAAGVFEIEREAFISVSGNCPLNLDEVQHFLTLCPEL
SLGWFVEGRLVAFIIGSLWDEERLTQESLALHRPRGHSAHLHALAVHRSFRQQGKGSVLLWRYLHHVGAQPAVRRAVLMC
EDALVPFYQRFGFHPAGPCAIVVGSLTFTEMHCSLRGHAALRRNSDR
;
_entity_poly.pdbx_strand_id                 A 
_entity_poly.pdbx_target_identifier         ? 
# 
loop_
_pdbx_entity_nonpoly.entity_id 
_pdbx_entity_nonpoly.name 
_pdbx_entity_nonpoly.comp_id 
2 'MAGNESIUM ION'                  MG  
3 'COA-S-ACETYL 5-BROMOTRYPTAMINE' CA5 
4 water                            HOH 
# 
loop_
_entity_poly_seq.entity_id 
_entity_poly_seq.num 
_entity_poly_seq.mon_id 
_entity_poly_seq.hetero 
1 1   MET n 
1 2   SER n 
1 3   THR n 
1 4   PRO n 
1 5   SER n 
1 6   VAL n 
1 7   HIS n 
1 8   CYS n 
1 9   LEU n 
1 10  LYS n 
1 11  PRO n 
1 12  SER n 
1 13  PRO n 
1 14  LEU n 
1 15  HIS n 
1 16  LEU n 
1 17  PRO n 
1 18  SER n 
1 19  GLY n 
1 20  ILE n 
1 21  PRO n 
1 22  GLY n 
1 23  SER n 
1 24  PRO n 
1 25  GLY n 
1 26  ARG n 
1 27  GLN n 
1 28  ARG n 
1 29  ARG n 
1 30  HIS n 
1 31  THR n 
1 32  LEU n 
1 33  PRO n 
1 34  ALA n 
1 35  ASN n 
1 36  GLU n 
1 37  PHE n 
1 38  ARG n 
1 39  CYS n 
1 40  LEU n 
1 41  THR n 
1 42  PRO n 
1 43  GLU n 
1 44  ASP n 
1 45  ALA n 
1 46  ALA n 
1 47  GLY n 
1 48  VAL n 
1 49  PHE n 
1 50  GLU n 
1 51  ILE n 
1 52  GLU n 
1 53  ARG n 
1 54  GLU n 
1 55  ALA n 
1 56  PHE n 
1 57  ILE n 
1 58  SER n 
1 59  VAL n 
1 60  SER n 
1 61  GLY n 
1 62  ASN n 
1 63  CYS n 
1 64  PRO n 
1 65  LEU n 
1 66  ASN n 
1 67  LEU n 
1 68  ASP n 
1 69  GLU n 
1 70  VAL n 
1 71  GLN n 
1 72  HIS n 
1 73  PHE n 
1 74  LEU n 
1 75  THR n 
1 76  LEU n 
1 77  CYS n 
1 78  PRO n 
1 79  GLU n 
1 80  LEU n 
1 81  SER n 
1 82  LEU n 
1 83  GLY n 
1 84  TRP n 
1 85  PHE n 
1 86  VAL n 
1 87  GLU n 
1 88  GLY n 
1 89  ARG n 
1 90  LEU n 
1 91  VAL n 
1 92  ALA n 
1 93  PHE n 
1 94  ILE n 
1 95  ILE n 
1 96  GLY n 
1 97  SER n 
1 98  LEU n 
1 99  TRP n 
1 100 ASP n 
1 101 GLU n 
1 102 GLU n 
1 103 ARG n 
1 104 LEU n 
1 105 THR n 
1 106 GLN n 
1 107 GLU n 
1 108 SER n 
1 109 LEU n 
1 110 ALA n 
1 111 LEU n 
1 112 HIS n 
1 113 ARG n 
1 114 PRO n 
1 115 ARG n 
1 116 GLY n 
1 117 HIS n 
1 118 SER n 
1 119 ALA n 
1 120 HIS n 
1 121 LEU n 
1 122 HIS n 
1 123 ALA n 
1 124 LEU n 
1 125 ALA n 
1 126 VAL n 
1 127 HIS n 
1 128 ARG n 
1 129 SER n 
1 130 PHE n 
1 131 ARG n 
1 132 GLN n 
1 133 GLN n 
1 134 GLY n 
1 135 LYS n 
1 136 GLY n 
1 137 SER n 
1 138 VAL n 
1 139 LEU n 
1 140 LEU n 
1 141 TRP n 
1 142 ARG n 
1 143 TYR n 
1 144 LEU n 
1 145 HIS n 
1 146 HIS n 
1 147 VAL n 
1 148 GLY n 
1 149 ALA n 
1 150 GLN n 
1 151 PRO n 
1 152 ALA n 
1 153 VAL n 
1 154 ARG n 
1 155 ARG n 
1 156 ALA n 
1 157 VAL n 
1 158 LEU n 
1 159 MET n 
1 160 CYS n 
1 161 GLU n 
1 162 ASP n 
1 163 ALA n 
1 164 LEU n 
1 165 VAL n 
1 166 PRO n 
1 167 PHE n 
1 168 TYR n 
1 169 GLN n 
1 170 ARG n 
1 171 PHE n 
1 172 GLY n 
1 173 PHE n 
1 174 HIS n 
1 175 PRO n 
1 176 ALA n 
1 177 GLY n 
1 178 PRO n 
1 179 CYS n 
1 180 ALA n 
1 181 ILE n 
1 182 VAL n 
1 183 VAL n 
1 184 GLY n 
1 185 SER n 
1 186 LEU n 
1 187 THR n 
1 188 PHE n 
1 189 THR n 
1 190 GLU n 
1 191 MET n 
1 192 HIS n 
1 193 CYS n 
1 194 SER n 
1 195 LEU n 
1 196 ARG n 
1 197 GLY n 
1 198 HIS n 
1 199 ALA n 
1 200 ALA n 
1 201 LEU n 
1 202 ARG n 
1 203 ARG n 
1 204 ASN n 
1 205 SER n 
1 206 ASP n 
1 207 ARG n 
# 
_entity_src_gen.entity_id                          1 
_entity_src_gen.pdbx_src_id                        1 
_entity_src_gen.pdbx_alt_source_flag               sample 
_entity_src_gen.pdbx_seq_type                      ? 
_entity_src_gen.pdbx_beg_seq_num                   ? 
_entity_src_gen.pdbx_end_seq_num                   ? 
_entity_src_gen.gene_src_common_name               sheep 
_entity_src_gen.gene_src_genus                     Ovis 
_entity_src_gen.pdbx_gene_src_gene                 U29663 
_entity_src_gen.gene_src_species                   ? 
_entity_src_gen.gene_src_strain                    ? 
_entity_src_gen.gene_src_tissue                    ? 
_entity_src_gen.gene_src_tissue_fraction           ? 
_entity_src_gen.gene_src_details                   ? 
_entity_src_gen.pdbx_gene_src_fragment             ? 
_entity_src_gen.pdbx_gene_src_scientific_name      'Ovis aries' 
_entity_src_gen.pdbx_gene_src_ncbi_taxonomy_id     9940 
_entity_src_gen.pdbx_gene_src_variant              ? 
_entity_src_gen.pdbx_gene_src_cell_line            ? 
_entity_src_gen.pdbx_gene_src_atcc                 ? 
_entity_src_gen.pdbx_gene_src_organ                ? 
_entity_src_gen.pdbx_gene_src_organelle            ? 
_entity_src_gen.pdbx_gene_src_cell                 ? 
_entity_src_gen.pdbx_gene_src_cellular_location    ? 
_entity_src_gen.host_org_common_name               ? 
_entity_src_gen.pdbx_host_org_scientific_name      'Escherichia coli' 
_entity_src_gen.pdbx_host_org_ncbi_taxonomy_id     562 
_entity_src_gen.host_org_genus                     Escherichia 
_entity_src_gen.pdbx_host_org_gene                 ? 
_entity_src_gen.pdbx_host_org_organ                ? 
_entity_src_gen.host_org_species                   ? 
_entity_src_gen.pdbx_host_org_tissue               ? 
_entity_src_gen.pdbx_host_org_tissue_fraction      ? 
_entity_src_gen.pdbx_host_org_strain               'BL21(DE3)pLysS' 
_entity_src_gen.pdbx_host_org_variant              ? 
_entity_src_gen.pdbx_host_org_cell_line            ? 
_entity_src_gen.pdbx_host_org_atcc                 ? 
_entity_src_gen.pdbx_host_org_culture_collection   ? 
_entity_src_gen.pdbx_host_org_cell                 ? 
_entity_src_gen.pdbx_host_org_organelle            ? 
_entity_src_gen.pdbx_host_org_cellular_location    ? 
_entity_src_gen.pdbx_host_org_vector_type          Plasmid 
_entity_src_gen.pdbx_host_org_vector               ? 
_entity_src_gen.host_org_details                   ? 
_entity_src_gen.expression_system_id               ? 
_entity_src_gen.plasmid_name                       pGEX-6P-1 
_entity_src_gen.plasmid_details                    ? 
_entity_src_gen.pdbx_description                   ? 
# 
loop_
_chem_comp.id 
_chem_comp.type 
_chem_comp.mon_nstd_flag 
_chem_comp.name 
_chem_comp.pdbx_synonyms 
_chem_comp.formula 
_chem_comp.formula_weight 
ALA 'L-peptide linking' y ALANINE                          ? 'C3 H7 N O2'             89.093   
ARG 'L-peptide linking' y ARGININE                         ? 'C6 H15 N4 O2 1'         175.209  
ASN 'L-peptide linking' y ASPARAGINE                       ? 'C4 H8 N2 O3'            132.118  
ASP 'L-peptide linking' y 'ASPARTIC ACID'                  ? 'C4 H7 N O4'             133.103  
CA5 non-polymer         . 'COA-S-ACETYL 5-BROMOTRYPTAMINE' ? 'C33 H47 Br N9 O17 P3 S' 1046.667 
CYS 'L-peptide linking' y CYSTEINE                         ? 'C3 H7 N O2 S'           121.158  
GLN 'L-peptide linking' y GLUTAMINE                        ? 'C5 H10 N2 O3'           146.144  
GLU 'L-peptide linking' y 'GLUTAMIC ACID'                  ? 'C5 H9 N O4'             147.129  
GLY 'peptide linking'   y GLYCINE                          ? 'C2 H5 N O2'             75.067   
HIS 'L-peptide linking' y HISTIDINE                        ? 'C6 H10 N3 O2 1'         156.162  
HOH non-polymer         . WATER                            ? 'H2 O'                   18.015   
ILE 'L-peptide linking' y ISOLEUCINE                       ? 'C6 H13 N O2'            131.173  
LEU 'L-peptide linking' y LEUCINE                          ? 'C6 H13 N O2'            131.173  
LYS 'L-peptide linking' y LYSINE                           ? 'C6 H15 N2 O2 1'         147.195  
MET 'L-peptide linking' y METHIONINE                       ? 'C5 H11 N O2 S'          149.211  
MG  non-polymer         . 'MAGNESIUM ION'                  ? 'Mg 2'                   24.305   
PHE 'L-peptide linking' y PHENYLALANINE                    ? 'C9 H11 N O2'            165.189  
PRO 'L-peptide linking' y PROLINE                          ? 'C5 H9 N O2'             115.130  
SER 'L-peptide linking' y SERINE                           ? 'C3 H7 N O3'             105.093  
THR 'L-peptide linking' y THREONINE                        ? 'C4 H9 N O3'             119.119  
TRP 'L-peptide linking' y TRYPTOPHAN                       ? 'C11 H12 N2 O2'          204.225  
TYR 'L-peptide linking' y TYROSINE                         ? 'C9 H11 N O3'            181.189  
VAL 'L-peptide linking' y VALINE                           ? 'C5 H11 N O2'            117.146  
# 
loop_
_pdbx_poly_seq_scheme.asym_id 
_pdbx_poly_seq_scheme.entity_id 
_pdbx_poly_seq_scheme.seq_id 
_pdbx_poly_seq_scheme.mon_id 
_pdbx_poly_seq_scheme.ndb_seq_num 
_pdbx_poly_seq_scheme.pdb_seq_num 
_pdbx_poly_seq_scheme.auth_seq_num 
_pdbx_poly_seq_scheme.pdb_mon_id 
_pdbx_poly_seq_scheme.auth_mon_id 
_pdbx_poly_seq_scheme.pdb_strand_id 
_pdbx_poly_seq_scheme.pdb_ins_code 
_pdbx_poly_seq_scheme.hetero 
A 1 1   MET 1   1   ?   ?   ?   A . n 
A 1 2   SER 2   2   ?   ?   ?   A . n 
A 1 3   THR 3   3   ?   ?   ?   A . n 
A 1 4   PRO 4   4   ?   ?   ?   A . n 
A 1 5   SER 5   5   ?   ?   ?   A . n 
A 1 6   VAL 6   6   ?   ?   ?   A . n 
A 1 7   HIS 7   7   ?   ?   ?   A . n 
A 1 8   CYS 8   8   ?   ?   ?   A . n 
A 1 9   LEU 9   9   ?   ?   ?   A . n 
A 1 10  LYS 10  10  ?   ?   ?   A . n 
A 1 11  PRO 11  11  ?   ?   ?   A . n 
A 1 12  SER 12  12  ?   ?   ?   A . n 
A 1 13  PRO 13  13  ?   ?   ?   A . n 
A 1 14  LEU 14  14  ?   ?   ?   A . n 
A 1 15  HIS 15  15  ?   ?   ?   A . n 
A 1 16  LEU 16  16  ?   ?   ?   A . n 
A 1 17  PRO 17  17  ?   ?   ?   A . n 
A 1 18  SER 18  18  ?   ?   ?   A . n 
A 1 19  GLY 19  19  ?   ?   ?   A . n 
A 1 20  ILE 20  20  ?   ?   ?   A . n 
A 1 21  PRO 21  21  ?   ?   ?   A . n 
A 1 22  GLY 22  22  ?   ?   ?   A . n 
A 1 23  SER 23  23  ?   ?   ?   A . n 
A 1 24  PRO 24  24  ?   ?   ?   A . n 
A 1 25  GLY 25  25  ?   ?   ?   A . n 
A 1 26  ARG 26  26  ?   ?   ?   A . n 
A 1 27  GLN 27  27  ?   ?   ?   A . n 
A 1 28  ARG 28  28  ?   ?   ?   A . n 
A 1 29  ARG 29  29  ?   ?   ?   A . n 
A 1 30  HIS 30  30  30  HIS HIS A . n 
A 1 31  THR 31  31  31  THR THR A . n 
A 1 32  LEU 32  32  32  LEU LEU A . n 
A 1 33  PRO 33  33  33  PRO PRO A . n 
A 1 34  ALA 34  34  34  ALA ALA A . n 
A 1 35  ASN 35  35  35  ASN ASN A . n 
A 1 36  GLU 36  36  36  GLU GLU A . n 
A 1 37  PHE 37  37  37  PHE PHE A . n 
A 1 38  ARG 38  38  38  ARG ARG A . n 
A 1 39  CYS 39  39  39  CYS CYS A . n 
A 1 40  LEU 40  40  40  LEU LEU A . n 
A 1 41  THR 41  41  41  THR THR A . n 
A 1 42  PRO 42  42  42  PRO PRO A . n 
A 1 43  GLU 43  43  43  GLU GLU A . n 
A 1 44  ASP 44  44  44  ASP ASP A . n 
A 1 45  ALA 45  45  45  ALA ALA A . n 
A 1 46  ALA 46  46  46  ALA ALA A . n 
A 1 47  GLY 47  47  47  GLY GLY A . n 
A 1 48  VAL 48  48  48  VAL VAL A . n 
A 1 49  PHE 49  49  49  PHE PHE A . n 
A 1 50  GLU 50  50  50  GLU GLU A . n 
A 1 51  ILE 51  51  51  ILE ILE A . n 
A 1 52  GLU 52  52  52  GLU GLU A . n 
A 1 53  ARG 53  53  53  ARG ARG A . n 
A 1 54  GLU 54  54  54  GLU GLU A . n 
A 1 55  ALA 55  55  55  ALA ALA A . n 
A 1 56  PHE 56  56  56  PHE PHE A . n 
A 1 57  ILE 57  57  57  ILE ILE A . n 
A 1 58  SER 58  58  58  SER SER A . n 
A 1 59  VAL 59  59  59  VAL VAL A . n 
A 1 60  SER 60  60  60  SER SER A . n 
A 1 61  GLY 61  61  61  GLY GLY A . n 
A 1 62  ASN 62  62  62  ASN ASN A . n 
A 1 63  CYS 63  63  63  CYS CYS A . n 
A 1 64  PRO 64  64  64  PRO PRO A . n 
A 1 65  LEU 65  65  65  LEU LEU A . n 
A 1 66  ASN 66  66  66  ASN ASN A . n 
A 1 67  LEU 67  67  67  LEU LEU A . n 
A 1 68  ASP 68  68  68  ASP ASP A . n 
A 1 69  GLU 69  69  69  GLU GLU A . n 
A 1 70  VAL 70  70  70  VAL VAL A . n 
A 1 71  GLN 71  71  71  GLN GLN A . n 
A 1 72  HIS 72  72  72  HIS HIS A . n 
A 1 73  PHE 73  73  73  PHE PHE A . n 
A 1 74  LEU 74  74  74  LEU LEU A . n 
A 1 75  THR 75  75  75  THR THR A . n 
A 1 76  LEU 76  76  76  LEU LEU A . n 
A 1 77  CYS 77  77  77  CYS CYS A . n 
A 1 78  PRO 78  78  78  PRO PRO A . n 
A 1 79  GLU 79  79  79  GLU GLU A . n 
A 1 80  LEU 80  80  80  LEU LEU A . n 
A 1 81  SER 81  81  81  SER SER A . n 
A 1 82  LEU 82  82  82  LEU LEU A . n 
A 1 83  GLY 83  83  83  GLY GLY A . n 
A 1 84  TRP 84  84  84  TRP TRP A . n 
A 1 85  PHE 85  85  85  PHE PHE A . n 
A 1 86  VAL 86  86  86  VAL VAL A . n 
A 1 87  GLU 87  87  87  GLU GLU A . n 
A 1 88  GLY 88  88  88  GLY GLY A . n 
A 1 89  ARG 89  89  89  ARG ARG A . n 
A 1 90  LEU 90  90  90  LEU LEU A . n 
A 1 91  VAL 91  91  91  VAL VAL A . n 
A 1 92  ALA 92  92  92  ALA ALA A . n 
A 1 93  PHE 93  93  93  PHE PHE A . n 
A 1 94  ILE 94  94  94  ILE ILE A . n 
A 1 95  ILE 95  95  95  ILE ILE A . n 
A 1 96  GLY 96  96  96  GLY GLY A . n 
A 1 97  SER 97  97  97  SER SER A . n 
A 1 98  LEU 98  98  98  LEU LEU A . n 
A 1 99  TRP 99  99  99  TRP TRP A . n 
A 1 100 ASP 100 100 100 ASP ASP A . n 
A 1 101 GLU 101 101 101 GLU GLU A . n 
A 1 102 GLU 102 102 102 GLU GLU A . n 
A 1 103 ARG 103 103 103 ARG ARG A . n 
A 1 104 LEU 104 104 104 LEU LEU A . n 
A 1 105 THR 105 105 105 THR THR A . n 
A 1 106 GLN 106 106 106 GLN GLN A . n 
A 1 107 GLU 107 107 107 GLU GLU A . n 
A 1 108 SER 108 108 108 SER SER A . n 
A 1 109 LEU 109 109 109 LEU LEU A . n 
A 1 110 ALA 110 110 110 ALA ALA A . n 
A 1 111 LEU 111 111 111 LEU LEU A . n 
A 1 112 HIS 112 112 112 HIS HIS A . n 
A 1 113 ARG 113 113 113 ARG ARG A . n 
A 1 114 PRO 114 114 114 PRO PRO A . n 
A 1 115 ARG 115 115 115 ARG ARG A . n 
A 1 116 GLY 116 116 116 GLY GLY A . n 
A 1 117 HIS 117 117 117 HIS HIS A . n 
A 1 118 SER 118 118 118 SER SER A . n 
A 1 119 ALA 119 119 119 ALA ALA A . n 
A 1 120 HIS 120 120 120 HIS HIS A . n 
A 1 121 LEU 121 121 121 LEU LEU A . n 
A 1 122 HIS 122 122 122 HIS HIS A . n 
A 1 123 ALA 123 123 123 ALA ALA A . n 
A 1 124 LEU 124 124 124 LEU LEU A . n 
A 1 125 ALA 125 125 125 ALA ALA A . n 
A 1 126 VAL 126 126 126 VAL VAL A . n 
A 1 127 HIS 127 127 127 HIS HIS A . n 
A 1 128 ARG 128 128 128 ARG ARG A . n 
A 1 129 SER 129 129 129 SER SER A . n 
A 1 130 PHE 130 130 130 PHE PHE A . n 
A 1 131 ARG 131 131 131 ARG ARG A . n 
A 1 132 GLN 132 132 132 GLN GLN A . n 
A 1 133 GLN 133 133 133 GLN GLN A . n 
A 1 134 GLY 134 134 134 GLY GLY A . n 
A 1 135 LYS 135 135 135 LYS LYS A . n 
A 1 136 GLY 136 136 136 GLY GLY A . n 
A 1 137 SER 137 137 137 SER SER A . n 
A 1 138 VAL 138 138 138 VAL VAL A . n 
A 1 139 LEU 139 139 139 LEU LEU A . n 
A 1 140 LEU 140 140 140 LEU LEU A . n 
A 1 141 TRP 141 141 141 TRP TRP A . n 
A 1 142 ARG 142 142 142 ARG ARG A . n 
A 1 143 TYR 143 143 143 TYR TYR A . n 
A 1 144 LEU 144 144 144 LEU LEU A . n 
A 1 145 HIS 145 145 145 HIS HIS A . n 
A 1 146 HIS 146 146 146 HIS HIS A . n 
A 1 147 VAL 147 147 147 VAL VAL A . n 
A 1 148 GLY 148 148 148 GLY GLY A . n 
A 1 149 ALA 149 149 149 ALA ALA A . n 
A 1 150 GLN 150 150 150 GLN GLN A . n 
A 1 151 PRO 151 151 151 PRO PRO A . n 
A 1 152 ALA 152 152 152 ALA ALA A . n 
A 1 153 VAL 153 153 153 VAL VAL A . n 
A 1 154 ARG 154 154 154 ARG ARG A . n 
A 1 155 ARG 155 155 155 ARG ARG A . n 
A 1 156 ALA 156 156 156 ALA ALA A . n 
A 1 157 VAL 157 157 157 VAL VAL A . n 
A 1 158 LEU 158 158 158 LEU LEU A . n 
A 1 159 MET 159 159 159 MET MET A . n 
A 1 160 CYS 160 160 160 CYS CYS A . n 
A 1 161 GLU 161 161 161 GLU GLU A . n 
A 1 162 ASP 162 162 162 ASP ASP A . n 
A 1 163 ALA 163 163 163 ALA ALA A . n 
A 1 164 LEU 164 164 164 LEU LEU A . n 
A 1 165 VAL 165 165 165 VAL VAL A . n 
A 1 166 PRO 166 166 166 PRO PRO A . n 
A 1 167 PHE 167 167 167 PHE PHE A . n 
A 1 168 TYR 168 168 168 TYR TYR A . n 
A 1 169 GLN 169 169 169 GLN GLN A . n 
A 1 170 ARG 170 170 170 ARG ARG A . n 
A 1 171 PHE 171 171 171 PHE PHE A . n 
A 1 172 GLY 172 172 172 GLY GLY A . n 
A 1 173 PHE 173 173 173 PHE PHE A . n 
A 1 174 HIS 174 174 174 HIS HIS A . n 
A 1 175 PRO 175 175 175 PRO PRO A . n 
A 1 176 ALA 176 176 176 ALA ALA A . n 
A 1 177 GLY 177 177 177 GLY GLY A . n 
A 1 178 PRO 178 178 178 PRO PRO A . n 
A 1 179 CYS 179 179 179 CYS CYS A . n 
A 1 180 ALA 180 180 180 ALA ALA A . n 
A 1 181 ILE 181 181 181 ILE ILE A . n 
A 1 182 VAL 182 182 182 VAL VAL A . n 
A 1 183 VAL 183 183 183 VAL VAL A . n 
A 1 184 GLY 184 184 184 GLY GLY A . n 
A 1 185 SER 185 185 185 SER SER A . n 
A 1 186 LEU 186 186 186 LEU LEU A . n 
A 1 187 THR 187 187 187 THR THR A . n 
A 1 188 PHE 188 188 188 PHE PHE A . n 
A 1 189 THR 189 189 189 THR THR A . n 
A 1 190 GLU 190 190 190 GLU GLU A . n 
A 1 191 MET 191 191 191 MET MET A . n 
A 1 192 HIS 192 192 192 HIS HIS A . n 
A 1 193 CYS 193 193 193 CYS CYS A . n 
A 1 194 SER 194 194 194 SER SER A . n 
A 1 195 LEU 195 195 195 LEU LEU A . n 
A 1 196 ARG 196 196 ?   ?   ?   A . n 
A 1 197 GLY 197 197 ?   ?   ?   A . n 
A 1 198 HIS 198 198 ?   ?   ?   A . n 
A 1 199 ALA 199 199 ?   ?   ?   A . n 
A 1 200 ALA 200 200 ?   ?   ?   A . n 
A 1 201 LEU 201 201 ?   ?   ?   A . n 
A 1 202 ARG 202 202 ?   ?   ?   A . n 
A 1 203 ARG 203 203 ?   ?   ?   A . n 
A 1 204 ASN 204 204 ?   ?   ?   A . n 
A 1 205 SER 205 205 ?   ?   ?   A . n 
A 1 206 ASP 206 206 ?   ?   ?   A . n 
A 1 207 ARG 207 207 ?   ?   ?   A . n 
# 
loop_
_pdbx_nonpoly_scheme.asym_id 
_pdbx_nonpoly_scheme.entity_id 
_pdbx_nonpoly_scheme.mon_id 
_pdbx_nonpoly_scheme.ndb_seq_num 
_pdbx_nonpoly_scheme.pdb_seq_num 
_pdbx_nonpoly_scheme.auth_seq_num 
_pdbx_nonpoly_scheme.pdb_mon_id 
_pdbx_nonpoly_scheme.auth_mon_id 
_pdbx_nonpoly_scheme.pdb_strand_id 
_pdbx_nonpoly_scheme.pdb_ins_code 
B 2 MG  1   208  100 MG  MG  A . 
C 3 CA5 1   901  901 CA5 CA5 A . 
D 4 HOH 1   902  200 HOH HOH A . 
D 4 HOH 2   903  201 HOH HOH A . 
D 4 HOH 3   904  202 HOH HOH A . 
D 4 HOH 4   905  203 HOH HOH A . 
D 4 HOH 5   906  204 HOH HOH A . 
D 4 HOH 6   907  205 HOH HOH A . 
D 4 HOH 7   908  206 HOH HOH A . 
D 4 HOH 8   909  207 HOH HOH A . 
D 4 HOH 9   910  208 HOH HOH A . 
D 4 HOH 10  911  209 HOH HOH A . 
D 4 HOH 11  912  210 HOH HOH A . 
D 4 HOH 12  913  211 HOH HOH A . 
D 4 HOH 13  914  212 HOH HOH A . 
D 4 HOH 14  915  213 HOH HOH A . 
D 4 HOH 15  916  214 HOH HOH A . 
D 4 HOH 16  917  215 HOH HOH A . 
D 4 HOH 17  918  216 HOH HOH A . 
D 4 HOH 18  919  217 HOH HOH A . 
D 4 HOH 19  920  218 HOH HOH A . 
D 4 HOH 20  921  219 HOH HOH A . 
D 4 HOH 21  922  220 HOH HOH A . 
D 4 HOH 22  923  221 HOH HOH A . 
D 4 HOH 23  924  222 HOH HOH A . 
D 4 HOH 24  925  223 HOH HOH A . 
D 4 HOH 25  926  224 HOH HOH A . 
D 4 HOH 26  927  225 HOH HOH A . 
D 4 HOH 27  928  226 HOH HOH A . 
D 4 HOH 28  929  227 HOH HOH A . 
D 4 HOH 29  930  228 HOH HOH A . 
D 4 HOH 30  931  229 HOH HOH A . 
D 4 HOH 31  932  230 HOH HOH A . 
D 4 HOH 32  933  231 HOH HOH A . 
D 4 HOH 33  934  232 HOH HOH A . 
D 4 HOH 34  935  233 HOH HOH A . 
D 4 HOH 35  936  234 HOH HOH A . 
D 4 HOH 36  937  235 HOH HOH A . 
D 4 HOH 37  938  236 HOH HOH A . 
D 4 HOH 38  939  237 HOH HOH A . 
D 4 HOH 39  940  238 HOH HOH A . 
D 4 HOH 40  941  239 HOH HOH A . 
D 4 HOH 41  942  240 HOH HOH A . 
D 4 HOH 42  943  241 HOH HOH A . 
D 4 HOH 43  944  242 HOH HOH A . 
D 4 HOH 44  945  243 HOH HOH A . 
D 4 HOH 45  946  244 HOH HOH A . 
D 4 HOH 46  947  245 HOH HOH A . 
D 4 HOH 47  948  246 HOH HOH A . 
D 4 HOH 48  949  247 HOH HOH A . 
D 4 HOH 49  950  248 HOH HOH A . 
D 4 HOH 50  951  249 HOH HOH A . 
D 4 HOH 51  952  250 HOH HOH A . 
D 4 HOH 52  953  251 HOH HOH A . 
D 4 HOH 53  954  252 HOH HOH A . 
D 4 HOH 54  955  253 HOH HOH A . 
D 4 HOH 55  956  254 HOH HOH A . 
D 4 HOH 56  957  255 HOH HOH A . 
D 4 HOH 57  958  256 HOH HOH A . 
D 4 HOH 58  959  257 HOH HOH A . 
D 4 HOH 59  960  258 HOH HOH A . 
D 4 HOH 60  961  259 HOH HOH A . 
D 4 HOH 61  962  260 HOH HOH A . 
D 4 HOH 62  963  261 HOH HOH A . 
D 4 HOH 63  964  262 HOH HOH A . 
D 4 HOH 64  965  263 HOH HOH A . 
D 4 HOH 65  966  264 HOH HOH A . 
D 4 HOH 66  967  265 HOH HOH A . 
D 4 HOH 67  968  266 HOH HOH A . 
D 4 HOH 68  969  267 HOH HOH A . 
D 4 HOH 69  970  268 HOH HOH A . 
D 4 HOH 70  971  269 HOH HOH A . 
D 4 HOH 71  972  270 HOH HOH A . 
D 4 HOH 72  973  271 HOH HOH A . 
D 4 HOH 73  974  272 HOH HOH A . 
D 4 HOH 74  975  273 HOH HOH A . 
D 4 HOH 75  976  274 HOH HOH A . 
D 4 HOH 76  977  275 HOH HOH A . 
D 4 HOH 77  978  276 HOH HOH A . 
D 4 HOH 78  979  277 HOH HOH A . 
D 4 HOH 79  980  278 HOH HOH A . 
D 4 HOH 80  981  279 HOH HOH A . 
D 4 HOH 81  982  280 HOH HOH A . 
D 4 HOH 82  983  282 HOH HOH A . 
D 4 HOH 83  984  283 HOH HOH A . 
D 4 HOH 84  985  284 HOH HOH A . 
D 4 HOH 85  986  285 HOH HOH A . 
D 4 HOH 86  987  286 HOH HOH A . 
D 4 HOH 87  988  287 HOH HOH A . 
D 4 HOH 88  989  288 HOH HOH A . 
D 4 HOH 89  990  290 HOH HOH A . 
D 4 HOH 90  991  291 HOH HOH A . 
D 4 HOH 91  992  292 HOH HOH A . 
D 4 HOH 92  993  294 HOH HOH A . 
D 4 HOH 93  994  295 HOH HOH A . 
D 4 HOH 94  995  296 HOH HOH A . 
D 4 HOH 95  996  297 HOH HOH A . 
D 4 HOH 96  997  298 HOH HOH A . 
D 4 HOH 97  998  299 HOH HOH A . 
D 4 HOH 98  999  300 HOH HOH A . 
D 4 HOH 99  1000 301 HOH HOH A . 
D 4 HOH 100 1001 302 HOH HOH A . 
D 4 HOH 101 1002 303 HOH HOH A . 
D 4 HOH 102 1003 304 HOH HOH A . 
D 4 HOH 103 1004 305 HOH HOH A . 
D 4 HOH 104 1005 306 HOH HOH A . 
D 4 HOH 105 1006 308 HOH HOH A . 
D 4 HOH 106 1007 309 HOH HOH A . 
D 4 HOH 107 1008 310 HOH HOH A . 
D 4 HOH 108 1009 311 HOH HOH A . 
D 4 HOH 109 1010 312 HOH HOH A . 
D 4 HOH 110 1011 313 HOH HOH A . 
D 4 HOH 111 1012 314 HOH HOH A . 
D 4 HOH 112 1013 315 HOH HOH A . 
D 4 HOH 113 1014 316 HOH HOH A . 
D 4 HOH 114 1015 318 HOH HOH A . 
D 4 HOH 115 1016 319 HOH HOH A . 
D 4 HOH 116 1017 320 HOH HOH A . 
D 4 HOH 117 1018 321 HOH HOH A . 
D 4 HOH 118 1019 322 HOH HOH A . 
D 4 HOH 119 1020 323 HOH HOH A . 
D 4 HOH 120 1021 324 HOH HOH A . 
D 4 HOH 121 1022 325 HOH HOH A . 
D 4 HOH 122 1023 326 HOH HOH A . 
D 4 HOH 123 1024 327 HOH HOH A . 
D 4 HOH 124 1025 328 HOH HOH A . 
D 4 HOH 125 1026 329 HOH HOH A . 
D 4 HOH 126 1027 330 HOH HOH A . 
D 4 HOH 127 1028 331 HOH HOH A . 
D 4 HOH 128 1029 332 HOH HOH A . 
D 4 HOH 129 1030 333 HOH HOH A . 
D 4 HOH 130 1031 334 HOH HOH A . 
D 4 HOH 131 1032 335 HOH HOH A . 
D 4 HOH 132 1033 336 HOH HOH A . 
D 4 HOH 133 1034 337 HOH HOH A . 
D 4 HOH 134 1035 911 HOH HOH A . 
D 4 HOH 135 1036 912 HOH HOH A . 
D 4 HOH 136 1037 913 HOH HOH A . 
D 4 HOH 137 1038 914 HOH HOH A . 
D 4 HOH 138 1039 915 HOH HOH A . 
D 4 HOH 139 1040 916 HOH HOH A . 
D 4 HOH 140 1041 917 HOH HOH A . 
D 4 HOH 141 1042 918 HOH HOH A . 
D 4 HOH 142 1043 919 HOH HOH A . 
D 4 HOH 143 1044 920 HOH HOH A . 
D 4 HOH 144 1045 921 HOH HOH A . 
D 4 HOH 145 1046 922 HOH HOH A . 
D 4 HOH 146 1047 923 HOH HOH A . 
D 4 HOH 147 1048 924 HOH HOH A . 
D 4 HOH 148 1049 925 HOH HOH A . 
D 4 HOH 149 1050 926 HOH HOH A . 
D 4 HOH 150 1051 514 HOH HOH A . 
D 4 HOH 151 1052 515 HOH HOH A . 
D 4 HOH 152 1053 518 HOH HOH A . 
D 4 HOH 153 1054 530 HOH HOH A . 
D 4 HOH 154 1055 541 HOH HOH A . 
D 4 HOH 155 1056 545 HOH HOH A . 
D 4 HOH 156 1057 546 HOH HOH A . 
D 4 HOH 157 1058 552 HOH HOH A . 
D 4 HOH 158 1059 613 HOH HOH A . 
D 4 HOH 159 1060 621 HOH HOH A . 
D 4 HOH 160 1061 626 HOH HOH A . 
D 4 HOH 161 1062 670 HOH HOH A . 
D 4 HOH 162 1063 677 HOH HOH A . 
D 4 HOH 163 1064 927 HOH HOH A . 
D 4 HOH 164 1065 928 HOH HOH A . 
D 4 HOH 165 1066 930 HOH HOH A . 
D 4 HOH 166 1067 931 HOH HOH A . 
D 4 HOH 167 1068 932 HOH HOH A . 
# 
loop_
_software.name 
_software.classification 
_software.version 
_software.citation_id 
_software.pdbx_ordinal 
SnB       phasing          .   ? 1 
MLPHARE   phasing          .   ? 2 
DM        'model building' .   ? 3 
CNS       refinement       1.0 ? 4 
MARMAD    'data reduction' .   ? 5 
DENZO     'data reduction' .   ? 6 
SCALEPACK 'data scaling'   .   ? 7 
DM        phasing          .   ? 8 
# 
_cell.entry_id           1KUV 
_cell.length_a           53.313 
_cell.length_b           68.716 
_cell.length_c           89.725 
_cell.angle_alpha        90.00 
_cell.angle_beta         90.00 
_cell.angle_gamma        90.00 
_cell.Z_PDB              8 
_cell.pdbx_unique_axis   ? 
# 
_symmetry.entry_id                         1KUV 
_symmetry.space_group_name_H-M             'C 2 2 21' 
_symmetry.pdbx_full_space_group_name_H-M   ? 
_symmetry.cell_setting                     orthorhombic 
_symmetry.Int_Tables_number                20 
# 
_exptl.entry_id          1KUV 
_exptl.method            'X-RAY DIFFRACTION' 
_exptl.crystals_number   2 
# 
_exptl_crystal.id                    1 
_exptl_crystal.density_meas          ? 
_exptl_crystal.density_percent_sol   30.81 
_exptl_crystal.density_Matthews      1.78 
_exptl_crystal.description           ? 
# 
_exptl_crystal_grow.crystal_id      1 
_exptl_crystal_grow.method          'VAPOR DIFFUSION, HANGING DROP' 
_exptl_crystal_grow.temp            277.0 
_exptl_crystal_grow.temp_details    ? 
_exptl_crystal_grow.pH              6.5 
_exptl_crystal_grow.pdbx_details    
;PEG 2000, MPD, ammonium sulfate, MES pH 6.5, magnesium acetate, DTT, spermidine, and lithium chloride. VAPOR DIFFUSION, HANGING DROP at 277K, temperature 277.0K
;
_exptl_crystal_grow.pdbx_pH_range   . 
# 
loop_
_diffrn.id 
_diffrn.ambient_temp 
_diffrn.ambient_temp_details 
_diffrn.crystal_id 
1 100.0 ? 1 
2 ?     ? 1 
# 
loop_
_diffrn_detector.diffrn_id 
_diffrn_detector.detector 
_diffrn_detector.type 
_diffrn_detector.pdbx_collection_date 
_diffrn_detector.details 
1 CCD 'BRANDEIS - B4'  1999-03-23 ? 
2 CCD 'ADSC QUANTUM 4' 1999-01-06 ? 
# 
loop_
_diffrn_radiation.diffrn_id 
_diffrn_radiation.wavelength_id 
_diffrn_radiation.pdbx_monochromatic_or_laue_m_l 
_diffrn_radiation.monochromator 
_diffrn_radiation.pdbx_diffrn_protocol 
_diffrn_radiation.pdbx_scattering_type 
1 1 M 'Si 111' MAD                 x-ray 
2 1 M 'Si 111' 'SINGLE WAVELENGTH' x-ray 
# 
loop_
_diffrn_radiation_wavelength.id 
_diffrn_radiation_wavelength.wavelength 
_diffrn_radiation_wavelength.wt 
1 0.97946 1.0 
2 0.97927 1.0 
3 0.92011 1.0 
4 0.91970 1.0 
5 0.9100  1.0 
# 
loop_
_diffrn_source.diffrn_id 
_diffrn_source.source 
_diffrn_source.type 
_diffrn_source.pdbx_synchrotron_site 
_diffrn_source.pdbx_synchrotron_beamline 
_diffrn_source.pdbx_wavelength 
_diffrn_source.pdbx_wavelength_list 
1 SYNCHROTRON 'NSLS BEAMLINE X25' NSLS  X25 ? '0.97946, 0.97927, 0.92011, 0.91970' 
2 SYNCHROTRON 'CHESS BEAMLINE F1' CHESS F1  ? 0.9100                               
# 
_reflns.entry_id                     1KUV 
_reflns.observed_criterion_sigma_I   -3.0 
_reflns.observed_criterion_sigma_F   ? 
_reflns.d_resolution_low             25.0 
_reflns.d_resolution_high            2.00 
_reflns.number_obs                   10517 
_reflns.number_all                   11494 
_reflns.percent_possible_obs         91.5 
_reflns.pdbx_Rmerge_I_obs            0.0890000 
_reflns.pdbx_Rsym_value              0.0890000 
_reflns.pdbx_netI_over_sigmaI        16.3 
_reflns.B_iso_Wilson_estimate        ? 
_reflns.pdbx_redundancy              8.3 
_reflns.R_free_details               ? 
_reflns.observed_criterion_F_max     ? 
_reflns.observed_criterion_F_min     ? 
_reflns.limit_h_max                  ? 
_reflns.limit_h_min                  ? 
_reflns.limit_k_max                  ? 
_reflns.limit_k_min                  ? 
_reflns.limit_l_max                  ? 
_reflns.limit_l_min                  ? 
_reflns.pdbx_diffrn_id               1,2 
_reflns.pdbx_ordinal                 1 
# 
_reflns_shell.d_res_high             2.00 
_reflns_shell.d_res_low              2.07 
_reflns_shell.percent_possible_all   79.5 
_reflns_shell.Rmerge_I_obs           0.1230000 
_reflns_shell.pdbx_Rsym_value        0.1230000 
_reflns_shell.meanI_over_sigI_obs    9.6 
_reflns_shell.pdbx_redundancy        5 
_reflns_shell.percent_possible_obs   ? 
_reflns_shell.number_unique_all      1148 
_reflns_shell.pdbx_diffrn_id         ? 
_reflns_shell.pdbx_ordinal           1 
# 
_refine.entry_id                                 1KUV 
_refine.ls_number_reflns_obs                     10402 
_refine.ls_number_reflns_all                     11474 
_refine.pdbx_ls_sigma_I                          0 
_refine.pdbx_ls_sigma_F                          0 
_refine.pdbx_data_cutoff_high_absF               ? 
_refine.pdbx_data_cutoff_low_absF                ? 
_refine.ls_d_res_low                             25 
_refine.ls_d_res_high                            2.0 
_refine.ls_percent_reflns_obs                    90.7 
_refine.ls_R_factor_obs                          0.2260000 
_refine.ls_R_factor_all                          0.2260000 
_refine.ls_R_factor_R_work                       0.2030000 
_refine.ls_R_factor_R_free                       0.2500000 
_refine.ls_R_factor_R_free_error                 ? 
_refine.ls_R_factor_R_free_error_details         ? 
_refine.ls_percent_reflns_R_free                 10 
_refine.ls_number_reflns_R_free                  1055 
_refine.ls_number_parameters                     ? 
_refine.ls_number_restraints                     ? 
_refine.occupancy_min                            ? 
_refine.occupancy_max                            ? 
_refine.B_iso_mean                               ? 
_refine.aniso_B[1][1]                            6.943 
_refine.aniso_B[2][2]                            -13.236 
_refine.aniso_B[3][3]                            6.293 
_refine.aniso_B[1][2]                            0.000 
_refine.aniso_B[1][3]                            0.000 
_refine.aniso_B[2][3]                            0.000 
_refine.solvent_model_details                    ? 
_refine.solvent_model_param_ksol                 ? 
_refine.solvent_model_param_bsol                 ? 
_refine.pdbx_ls_cross_valid_method               THROUGHOUT 
_refine.details                                  
;Structure was solved based on MAD data collected in the vicinity of
the bromine and selenium edges. Ligand density was identified by
difference fourier. The final model (protein and ligand) was refined
at 2.0 Angstrom
;
_refine.pdbx_starting_model                      ? 
_refine.pdbx_method_to_determine_struct          MAD 
_refine.pdbx_isotropic_thermal_model             ? 
_refine.pdbx_stereochemistry_target_values       'Engh & Huber' 
_refine.pdbx_stereochem_target_val_spec_case     ? 
_refine.pdbx_R_Free_selection_details            RANDOM 
_refine.pdbx_overall_ESU_R_Free                  ? 
_refine.overall_SU_B                             ? 
_refine.ls_redundancy_reflns_obs                 ? 
_refine.B_iso_min                                ? 
_refine.B_iso_max                                ? 
_refine.correlation_coeff_Fo_to_Fc               ? 
_refine.overall_SU_R_Cruickshank_DPI             ? 
_refine.overall_SU_R_free                        ? 
_refine.overall_SU_ML                            ? 
_refine.pdbx_overall_ESU_R                       ? 
_refine.pdbx_data_cutoff_high_rms_absF           ? 
_refine.correlation_coeff_Fo_to_Fc_free          ? 
_refine.pdbx_solvent_vdw_probe_radii             ? 
_refine.pdbx_solvent_ion_probe_radii             ? 
_refine.pdbx_solvent_shrinkage_radii             ? 
_refine.pdbx_refine_id                           'X-RAY DIFFRACTION' 
_refine.pdbx_diffrn_id                           1 
_refine.pdbx_TLS_residual_ADP_flag               ? 
_refine.pdbx_overall_phase_error                 ? 
_refine.pdbx_overall_SU_R_free_Cruickshank_DPI   ? 
_refine.pdbx_overall_SU_R_Blow_DPI               ? 
_refine.pdbx_overall_SU_R_free_Blow_DPI          ? 
# 
_refine_hist.pdbx_refine_id                   'X-RAY DIFFRACTION' 
_refine_hist.cycle_id                         LAST 
_refine_hist.pdbx_number_atoms_protein        1312 
_refine_hist.pdbx_number_atoms_nucleic_acid   0 
_refine_hist.pdbx_number_atoms_ligand         129 
_refine_hist.number_atoms_solvent             167 
_refine_hist.number_atoms_total               1608 
_refine_hist.d_res_high                       2.0 
_refine_hist.d_res_low                        25 
# 
loop_
_refine_ls_restr.type 
_refine_ls_restr.dev_ideal 
_refine_ls_restr.dev_ideal_target 
_refine_ls_restr.weight 
_refine_ls_restr.number 
_refine_ls_restr.pdbx_refine_id 
_refine_ls_restr.pdbx_restraint_function 
c_bond_d     0.007 ? ? ? 'X-RAY DIFFRACTION' ? 
c_angle_deg  1.3   ? ? ? 'X-RAY DIFFRACTION' ? 
c_mcbond_it  1.27  ? ? ? 'X-RAY DIFFRACTION' ? 
c_mcangle_it 1.89  ? ? ? 'X-RAY DIFFRACTION' ? 
c_scbond_it  1.94  ? ? ? 'X-RAY DIFFRACTION' ? 
c_scangle_it 2.95  ? ? ? 'X-RAY DIFFRACTION' ? 
# 
_struct.entry_id                  1KUV 
_struct.title                     'X-ray Crystallographic Studies of Serotonin N-acetyltransferase Catalysis and Inhibition' 
_struct.pdbx_model_details        ? 
_struct.pdbx_CASP_flag            ? 
_struct.pdbx_model_type_details   ? 
# 
_struct_keywords.entry_id        1KUV 
_struct_keywords.pdbx_keywords   TRANSFERASE 
_struct_keywords.text            'Enzyme-Inhibitor Complex, Bisubstrate Analog, Alternate Conformations, TRANSFERASE' 
# 
loop_
_struct_asym.id 
_struct_asym.pdbx_blank_PDB_chainid_flag 
_struct_asym.pdbx_modified 
_struct_asym.entity_id 
_struct_asym.details 
A N N 1 ? 
B N N 2 ? 
C N N 3 ? 
D N N 4 ? 
# 
_struct_ref.id                         1 
_struct_ref.entity_id                  1 
_struct_ref.db_name                    UNP 
_struct_ref.db_code                    SNAT_SHEEP 
_struct_ref.pdbx_db_accession          Q29495 
_struct_ref.pdbx_align_begin           1 
_struct_ref.pdbx_seq_one_letter_code   
;MSTPSVHCLKPSPLHLPSGIPGSPGRQRRHTLPANEFRCLTPEDAAGVFEIEREAFISVSGNCPLNLDEVQHFLTLCPEL
SLGWFVEGRLVAFIIGSLWDEERLTQESLALHRPRGHSAHLHALAVHRSFRQQGKGSVLLWRYLHHVGAQPAVRRAVLMC
EDALVPFYQRFGFHPAGPCAIVVGSLTFTEMHCSLRGHAALRRNSDR
;
_struct_ref.pdbx_db_isoform            ? 
# 
_struct_ref_seq.align_id                      1 
_struct_ref_seq.ref_id                        1 
_struct_ref_seq.pdbx_PDB_id_code              1KUV 
_struct_ref_seq.pdbx_strand_id                A 
_struct_ref_seq.seq_align_beg                 1 
_struct_ref_seq.pdbx_seq_align_beg_ins_code   ? 
_struct_ref_seq.seq_align_end                 207 
_struct_ref_seq.pdbx_seq_align_end_ins_code   ? 
_struct_ref_seq.pdbx_db_accession             Q29495 
_struct_ref_seq.db_align_beg                  1 
_struct_ref_seq.pdbx_db_align_beg_ins_code    ? 
_struct_ref_seq.db_align_end                  207 
_struct_ref_seq.pdbx_db_align_end_ins_code    ? 
_struct_ref_seq.pdbx_auth_seq_align_beg       1 
_struct_ref_seq.pdbx_auth_seq_align_end       207 
# 
_pdbx_struct_assembly.id                   1 
_pdbx_struct_assembly.details              author_defined_assembly 
_pdbx_struct_assembly.method_details       ? 
_pdbx_struct_assembly.oligomeric_details   monomeric 
_pdbx_struct_assembly.oligomeric_count     1 
# 
_pdbx_struct_assembly_gen.assembly_id       1 
_pdbx_struct_assembly_gen.oper_expression   1 
_pdbx_struct_assembly_gen.asym_id_list      A,B,C,D 
# 
_pdbx_struct_oper_list.id                   1 
_pdbx_struct_oper_list.type                 'identity operation' 
_pdbx_struct_oper_list.name                 1_555 
_pdbx_struct_oper_list.symmetry_operation   x,y,z 
_pdbx_struct_oper_list.matrix[1][1]         1.0000000000 
_pdbx_struct_oper_list.matrix[1][2]         0.0000000000 
_pdbx_struct_oper_list.matrix[1][3]         0.0000000000 
_pdbx_struct_oper_list.vector[1]            0.0000000000 
_pdbx_struct_oper_list.matrix[2][1]         0.0000000000 
_pdbx_struct_oper_list.matrix[2][2]         1.0000000000 
_pdbx_struct_oper_list.matrix[2][3]         0.0000000000 
_pdbx_struct_oper_list.vector[2]            0.0000000000 
_pdbx_struct_oper_list.matrix[3][1]         0.0000000000 
_pdbx_struct_oper_list.matrix[3][2]         0.0000000000 
_pdbx_struct_oper_list.matrix[3][3]         1.0000000000 
_pdbx_struct_oper_list.vector[3]            0.0000000000 
# 
_struct_biol.id                    1 
_struct_biol.details               'The biological assembly is a monomer' 
_struct_biol.pdbx_parent_biol_id   ? 
# 
loop_
_struct_conf.conf_type_id 
_struct_conf.id 
_struct_conf.pdbx_PDB_helix_id 
_struct_conf.beg_label_comp_id 
_struct_conf.beg_label_asym_id 
_struct_conf.beg_label_seq_id 
_struct_conf.pdbx_beg_PDB_ins_code 
_struct_conf.end_label_comp_id 
_struct_conf.end_label_asym_id 
_struct_conf.end_label_seq_id 
_struct_conf.pdbx_end_PDB_ins_code 
_struct_conf.beg_auth_comp_id 
_struct_conf.beg_auth_asym_id 
_struct_conf.beg_auth_seq_id 
_struct_conf.end_auth_comp_id 
_struct_conf.end_auth_asym_id 
_struct_conf.end_auth_seq_id 
_struct_conf.pdbx_PDB_helix_class 
_struct_conf.details 
_struct_conf.pdbx_PDB_helix_length 
HELX_P HELX_P1 1 THR A 41  ? GLU A 43  ? THR A 41  GLU A 43  5 ? 3  
HELX_P HELX_P2 2 ASP A 44  ? PHE A 56  ? ASP A 44  PHE A 56  1 ? 13 
HELX_P HELX_P3 3 PHE A 56  ? GLY A 61  ? PHE A 56  GLY A 61  1 ? 6  
HELX_P HELX_P4 4 ASN A 66  ? CYS A 77  ? ASN A 66  CYS A 77  1 ? 12 
HELX_P HELX_P5 5 THR A 105 ? LEU A 111 ? THR A 105 LEU A 111 5 ? 7  
HELX_P HELX_P6 6 ARG A 128 ? ARG A 131 ? ARG A 128 ARG A 131 5 ? 4  
HELX_P HELX_P7 7 GLY A 134 ? GLN A 150 ? GLY A 134 GLN A 150 1 ? 17 
HELX_P HELX_P8 8 GLU A 161 ? ALA A 163 ? GLU A 161 ALA A 163 5 ? 3  
HELX_P HELX_P9 9 LEU A 164 ? ARG A 170 ? LEU A 164 ARG A 170 1 ? 7  
# 
_struct_conf_type.id          HELX_P 
_struct_conf_type.criteria    ? 
_struct_conf_type.reference   ? 
# 
_struct_sheet.id               A 
_struct_sheet.type             ? 
_struct_sheet.number_strands   7 
_struct_sheet.details          ? 
# 
loop_
_struct_sheet_order.sheet_id 
_struct_sheet_order.range_id_1 
_struct_sheet_order.range_id_2 
_struct_sheet_order.offset 
_struct_sheet_order.sense 
A 1 2 ? anti-parallel 
A 2 3 ? anti-parallel 
A 3 4 ? anti-parallel 
A 4 5 ? parallel      
A 5 6 ? anti-parallel 
A 6 7 ? anti-parallel 
# 
loop_
_struct_sheet_range.sheet_id 
_struct_sheet_range.id 
_struct_sheet_range.beg_label_comp_id 
_struct_sheet_range.beg_label_asym_id 
_struct_sheet_range.beg_label_seq_id 
_struct_sheet_range.pdbx_beg_PDB_ins_code 
_struct_sheet_range.end_label_comp_id 
_struct_sheet_range.end_label_asym_id 
_struct_sheet_range.end_label_seq_id 
_struct_sheet_range.pdbx_end_PDB_ins_code 
_struct_sheet_range.beg_auth_comp_id 
_struct_sheet_range.beg_auth_asym_id 
_struct_sheet_range.beg_auth_seq_id 
_struct_sheet_range.end_auth_comp_id 
_struct_sheet_range.end_auth_asym_id 
_struct_sheet_range.end_auth_seq_id 
A 1 GLU A 36  ? ARG A 38  ? GLU A 36  ARG A 38  
A 2 SER A 81  ? VAL A 86  ? SER A 81  VAL A 86  
A 3 ARG A 89  ? TRP A 99  ? ARG A 89  TRP A 99  
A 4 SER A 118 ? VAL A 126 ? SER A 118 VAL A 126 
A 5 ARG A 155 ? CYS A 160 ? ARG A 155 CYS A 160 
A 6 THR A 189 ? SER A 194 ? THR A 189 SER A 194 
A 7 HIS A 174 ? PRO A 178 ? HIS A 174 PRO A 178 
# 
loop_
_pdbx_struct_sheet_hbond.sheet_id 
_pdbx_struct_sheet_hbond.range_id_1 
_pdbx_struct_sheet_hbond.range_id_2 
_pdbx_struct_sheet_hbond.range_1_label_atom_id 
_pdbx_struct_sheet_hbond.range_1_label_comp_id 
_pdbx_struct_sheet_hbond.range_1_label_asym_id 
_pdbx_struct_sheet_hbond.range_1_label_seq_id 
_pdbx_struct_sheet_hbond.range_1_PDB_ins_code 
_pdbx_struct_sheet_hbond.range_1_auth_atom_id 
_pdbx_struct_sheet_hbond.range_1_auth_comp_id 
_pdbx_struct_sheet_hbond.range_1_auth_asym_id 
_pdbx_struct_sheet_hbond.range_1_auth_seq_id 
_pdbx_struct_sheet_hbond.range_2_label_atom_id 
_pdbx_struct_sheet_hbond.range_2_label_comp_id 
_pdbx_struct_sheet_hbond.range_2_label_asym_id 
_pdbx_struct_sheet_hbond.range_2_label_seq_id 
_pdbx_struct_sheet_hbond.range_2_PDB_ins_code 
_pdbx_struct_sheet_hbond.range_2_auth_atom_id 
_pdbx_struct_sheet_hbond.range_2_auth_comp_id 
_pdbx_struct_sheet_hbond.range_2_auth_asym_id 
_pdbx_struct_sheet_hbond.range_2_auth_seq_id 
A 1 2 N GLU A 36  ? N GLU A 36  O PHE A 85  ? O PHE A 85  
A 2 3 N TRP A 84  ? N TRP A 84  O VAL A 91  ? O VAL A 91  
A 3 4 N SER A 97  ? N SER A 97  O HIS A 120 ? O HIS A 120 
A 4 5 N ALA A 119 ? N ALA A 119 O ARG A 155 ? O ARG A 155 
A 5 6 N CYS A 160 ? N CYS A 160 O THR A 189 ? O THR A 189 
A 6 7 O HIS A 192 ? O HIS A 192 N HIS A 174 ? N HIS A 174 
# 
_struct_site.id                   AC1 
_struct_site.pdbx_evidence_code   Software 
_struct_site.pdbx_auth_asym_id    A 
_struct_site.pdbx_auth_comp_id    CA5 
_struct_site.pdbx_auth_seq_id     901 
_struct_site.pdbx_auth_ins_code   ? 
_struct_site.pdbx_num_residues    33 
_struct_site.details              'BINDING SITE FOR RESIDUE CA5 A 901' 
# 
loop_
_struct_site_gen.id 
_struct_site_gen.site_id 
_struct_site_gen.pdbx_num_res 
_struct_site_gen.label_comp_id 
_struct_site_gen.label_asym_id 
_struct_site_gen.label_seq_id 
_struct_site_gen.pdbx_auth_ins_code 
_struct_site_gen.auth_comp_id 
_struct_site_gen.auth_asym_id 
_struct_site_gen.auth_seq_id 
_struct_site_gen.label_atom_id 
_struct_site_gen.label_alt_id 
_struct_site_gen.symmetry 
_struct_site_gen.details 
1  AC1 33 PHE A 56  ? PHE A 56   . ? 1_555 ? 
2  AC1 33 SER A 60  ? SER A 60   . ? 1_555 ? 
3  AC1 33 ASN A 62  ? ASN A 62   . ? 1_555 ? 
4  AC1 33 CYS A 63  ? CYS A 63   . ? 1_555 ? 
5  AC1 33 PRO A 64  ? PRO A 64   . ? 1_555 ? 
6  AC1 33 HIS A 122 ? HIS A 122  . ? 1_555 ? 
7  AC1 33 ALA A 123 ? ALA A 123  . ? 1_555 ? 
8  AC1 33 LEU A 124 ? LEU A 124  . ? 1_555 ? 
9  AC1 33 ALA A 125 ? ALA A 125  . ? 1_555 ? 
10 AC1 33 VAL A 126 ? VAL A 126  . ? 1_555 ? 
11 AC1 33 ARG A 131 ? ARG A 131  . ? 1_555 ? 
12 AC1 33 GLN A 132 ? GLN A 132  . ? 1_555 ? 
13 AC1 33 GLN A 132 ? GLN A 132  . ? 3_655 ? 
14 AC1 33 GLN A 133 ? GLN A 133  . ? 1_555 ? 
15 AC1 33 GLY A 134 ? GLY A 134  . ? 1_555 ? 
16 AC1 33 GLY A 136 ? GLY A 136  . ? 1_555 ? 
17 AC1 33 SER A 137 ? SER A 137  . ? 1_555 ? 
18 AC1 33 ARG A 154 ? ARG A 154  . ? 7_545 ? 
19 AC1 33 MET A 159 ? MET A 159  . ? 1_555 ? 
20 AC1 33 CYS A 160 ? CYS A 160  . ? 1_555 ? 
21 AC1 33 GLU A 161 ? GLU A 161  . ? 1_555 ? 
22 AC1 33 LEU A 164 ? LEU A 164  . ? 1_555 ? 
23 AC1 33 PHE A 167 ? PHE A 167  . ? 1_555 ? 
24 AC1 33 TYR A 168 ? TYR A 168  . ? 1_555 ? 
25 AC1 33 ARG A 170 ? ARG A 170  . ? 1_555 ? 
26 AC1 33 VAL A 183 ? VAL A 183  . ? 1_555 ? 
27 AC1 33 PHE A 188 ? PHE A 188  . ? 1_555 ? 
28 AC1 33 HOH D .   ? HOH A 902  . ? 1_555 ? 
29 AC1 33 HOH D .   ? HOH A 907  . ? 1_555 ? 
30 AC1 33 HOH D .   ? HOH A 942  . ? 1_555 ? 
31 AC1 33 HOH D .   ? HOH A 946  . ? 1_555 ? 
32 AC1 33 HOH D .   ? HOH A 993  . ? 1_555 ? 
33 AC1 33 HOH D .   ? HOH A 1065 . ? 3_655 ? 
# 
loop_
_pdbx_validate_symm_contact.id 
_pdbx_validate_symm_contact.PDB_model_num 
_pdbx_validate_symm_contact.auth_atom_id_1 
_pdbx_validate_symm_contact.auth_asym_id_1 
_pdbx_validate_symm_contact.auth_comp_id_1 
_pdbx_validate_symm_contact.auth_seq_id_1 
_pdbx_validate_symm_contact.PDB_ins_code_1 
_pdbx_validate_symm_contact.label_alt_id_1 
_pdbx_validate_symm_contact.site_symmetry_1 
_pdbx_validate_symm_contact.auth_atom_id_2 
_pdbx_validate_symm_contact.auth_asym_id_2 
_pdbx_validate_symm_contact.auth_comp_id_2 
_pdbx_validate_symm_contact.auth_seq_id_2 
_pdbx_validate_symm_contact.PDB_ins_code_2 
_pdbx_validate_symm_contact.label_alt_id_2 
_pdbx_validate_symm_contact.site_symmetry_2 
_pdbx_validate_symm_contact.dist 
1 1 O A HOH 1065 ? ? 1_555 O A HOH 1065 ? ? 3_655 1.63 
2 1 O A HOH 1025 ? ? 1_555 O A HOH 1025 ? ? 4_555 2.12 
# 
loop_
_pdbx_validate_torsion.id 
_pdbx_validate_torsion.PDB_model_num 
_pdbx_validate_torsion.auth_comp_id 
_pdbx_validate_torsion.auth_asym_id 
_pdbx_validate_torsion.auth_seq_id 
_pdbx_validate_torsion.PDB_ins_code 
_pdbx_validate_torsion.label_alt_id 
_pdbx_validate_torsion.phi 
_pdbx_validate_torsion.psi 
1 1 SER A 60  ? ? -140.91 -4.43 
2 1 GLN A 133 ? ? -145.45 45.50 
# 
_pdbx_struct_special_symmetry.id              1 
_pdbx_struct_special_symmetry.PDB_model_num   1 
_pdbx_struct_special_symmetry.auth_asym_id    A 
_pdbx_struct_special_symmetry.auth_comp_id    HOH 
_pdbx_struct_special_symmetry.auth_seq_id     1027 
_pdbx_struct_special_symmetry.PDB_ins_code    ? 
_pdbx_struct_special_symmetry.label_asym_id   D 
_pdbx_struct_special_symmetry.label_comp_id   HOH 
_pdbx_struct_special_symmetry.label_seq_id    . 
# 
loop_
_pdbx_unobs_or_zero_occ_residues.id 
_pdbx_unobs_or_zero_occ_residues.PDB_model_num 
_pdbx_unobs_or_zero_occ_residues.polymer_flag 
_pdbx_unobs_or_zero_occ_residues.occupancy_flag 
_pdbx_unobs_or_zero_occ_residues.auth_asym_id 
_pdbx_unobs_or_zero_occ_residues.auth_comp_id 
_pdbx_unobs_or_zero_occ_residues.auth_seq_id 
_pdbx_unobs_or_zero_occ_residues.PDB_ins_code 
_pdbx_unobs_or_zero_occ_residues.label_asym_id 
_pdbx_unobs_or_zero_occ_residues.label_comp_id 
_pdbx_unobs_or_zero_occ_residues.label_seq_id 
1  1 Y 1 A MET 1   ? A MET 1   
2  1 Y 1 A SER 2   ? A SER 2   
3  1 Y 1 A THR 3   ? A THR 3   
4  1 Y 1 A PRO 4   ? A PRO 4   
5  1 Y 1 A SER 5   ? A SER 5   
6  1 Y 1 A VAL 6   ? A VAL 6   
7  1 Y 1 A HIS 7   ? A HIS 7   
8  1 Y 1 A CYS 8   ? A CYS 8   
9  1 Y 1 A LEU 9   ? A LEU 9   
10 1 Y 1 A LYS 10  ? A LYS 10  
11 1 Y 1 A PRO 11  ? A PRO 11  
12 1 Y 1 A SER 12  ? A SER 12  
13 1 Y 1 A PRO 13  ? A PRO 13  
14 1 Y 1 A LEU 14  ? A LEU 14  
15 1 Y 1 A HIS 15  ? A HIS 15  
16 1 Y 1 A LEU 16  ? A LEU 16  
17 1 Y 1 A PRO 17  ? A PRO 17  
18 1 Y 1 A SER 18  ? A SER 18  
19 1 Y 1 A GLY 19  ? A GLY 19  
20 1 Y 1 A ILE 20  ? A ILE 20  
21 1 Y 1 A PRO 21  ? A PRO 21  
22 1 Y 1 A GLY 22  ? A GLY 22  
23 1 Y 1 A SER 23  ? A SER 23  
24 1 Y 1 A PRO 24  ? A PRO 24  
25 1 Y 1 A GLY 25  ? A GLY 25  
26 1 Y 1 A ARG 26  ? A ARG 26  
27 1 Y 1 A GLN 27  ? A GLN 27  
28 1 Y 1 A ARG 28  ? A ARG 28  
29 1 Y 1 A ARG 29  ? A ARG 29  
30 1 Y 1 A ARG 196 ? A ARG 196 
31 1 Y 1 A GLY 197 ? A GLY 197 
32 1 Y 1 A HIS 198 ? A HIS 198 
33 1 Y 1 A ALA 199 ? A ALA 199 
34 1 Y 1 A ALA 200 ? A ALA 200 
35 1 Y 1 A LEU 201 ? A LEU 201 
36 1 Y 1 A ARG 202 ? A ARG 202 
37 1 Y 1 A ARG 203 ? A ARG 203 
38 1 Y 1 A ASN 204 ? A ASN 204 
39 1 Y 1 A SER 205 ? A SER 205 
40 1 Y 1 A ASP 206 ? A ASP 206 
41 1 Y 1 A ARG 207 ? A ARG 207 
# 
loop_
_chem_comp_atom.comp_id 
_chem_comp_atom.atom_id 
_chem_comp_atom.type_symbol 
_chem_comp_atom.pdbx_aromatic_flag 
_chem_comp_atom.pdbx_stereo_config 
_chem_comp_atom.pdbx_ordinal 
ALA N      N  N N 1   
ALA CA     C  N S 2   
ALA C      C  N N 3   
ALA O      O  N N 4   
ALA CB     C  N N 5   
ALA OXT    O  N N 6   
ALA H      H  N N 7   
ALA H2     H  N N 8   
ALA HA     H  N N 9   
ALA HB1    H  N N 10  
ALA HB2    H  N N 11  
ALA HB3    H  N N 12  
ALA HXT    H  N N 13  
ARG N      N  N N 14  
ARG CA     C  N S 15  
ARG C      C  N N 16  
ARG O      O  N N 17  
ARG CB     C  N N 18  
ARG CG     C  N N 19  
ARG CD     C  N N 20  
ARG NE     N  N N 21  
ARG CZ     C  N N 22  
ARG NH1    N  N N 23  
ARG NH2    N  N N 24  
ARG OXT    O  N N 25  
ARG H      H  N N 26  
ARG H2     H  N N 27  
ARG HA     H  N N 28  
ARG HB2    H  N N 29  
ARG HB3    H  N N 30  
ARG HG2    H  N N 31  
ARG HG3    H  N N 32  
ARG HD2    H  N N 33  
ARG HD3    H  N N 34  
ARG HE     H  N N 35  
ARG HH11   H  N N 36  
ARG HH12   H  N N 37  
ARG HH21   H  N N 38  
ARG HH22   H  N N 39  
ARG HXT    H  N N 40  
ASN N      N  N N 41  
ASN CA     C  N S 42  
ASN C      C  N N 43  
ASN O      O  N N 44  
ASN CB     C  N N 45  
ASN CG     C  N N 46  
ASN OD1    O  N N 47  
ASN ND2    N  N N 48  
ASN OXT    O  N N 49  
ASN H      H  N N 50  
ASN H2     H  N N 51  
ASN HA     H  N N 52  
ASN HB2    H  N N 53  
ASN HB3    H  N N 54  
ASN HD21   H  N N 55  
ASN HD22   H  N N 56  
ASN HXT    H  N N 57  
ASP N      N  N N 58  
ASP CA     C  N S 59  
ASP C      C  N N 60  
ASP O      O  N N 61  
ASP CB     C  N N 62  
ASP CG     C  N N 63  
ASP OD1    O  N N 64  
ASP OD2    O  N N 65  
ASP OXT    O  N N 66  
ASP H      H  N N 67  
ASP H2     H  N N 68  
ASP HA     H  N N 69  
ASP HB2    H  N N 70  
ASP HB3    H  N N 71  
ASP HD2    H  N N 72  
ASP HXT    H  N N 73  
CA5 N1     N  Y N 74  
CA5 C2     C  Y N 75  
CA5 N3     N  Y N 76  
CA5 C4     C  Y N 77  
CA5 C5     C  Y N 78  
CA5 C6     C  Y N 79  
CA5 N6     N  N N 80  
CA5 N7     N  Y N 81  
CA5 C8     C  Y N 82  
CA5 N9     N  Y N 83  
CA5 "C1'"  C  N R 84  
CA5 "C2'"  C  N R 85  
CA5 "O2'"  O  N N 86  
CA5 "C3'"  C  N S 87  
CA5 "O3'"  O  N N 88  
CA5 P3     P  N N 89  
CA5 O31    O  N N 90  
CA5 O32    O  N N 91  
CA5 O33    O  N N 92  
CA5 "C4'"  C  N R 93  
CA5 "O4'"  O  N N 94  
CA5 "C5'"  C  N N 95  
CA5 "O5'"  O  N N 96  
CA5 P1     P  N R 97  
CA5 O11    O  N N 98  
CA5 O12    O  N N 99  
CA5 O6     O  N N 100 
CA5 P2     P  N S 101 
CA5 O21    O  N N 102 
CA5 O22    O  N N 103 
CA5 O7     O  N N 104 
CA5 CP8    C  N N 105 
CA5 CP9    C  N N 106 
CA5 CPA    C  N N 107 
CA5 CPB    C  N N 108 
CA5 CP7    C  N R 109 
CA5 OP3    O  N N 110 
CA5 CP6    C  N N 111 
CA5 OP2    O  N N 112 
CA5 NP2    N  N N 113 
CA5 CP5    C  N N 114 
CA5 CP4    C  N N 115 
CA5 CP3    C  N N 116 
CA5 OP1    O  N N 117 
CA5 NP1    N  N N 118 
CA5 CP2    C  N N 119 
CA5 CP1    C  N N 120 
CA5 S      S  N N 121 
CA5 CT2    C  N N 122 
CA5 CT3    C  Y N 123 
CA5 CT4    C  Y N 124 
CA5 CT5    C  Y N 125 
CA5 C11    C  Y N 126 
CA5 CT6    C  Y N 127 
CA5 NT6    N  Y N 128 
CA5 CT7    C  Y N 129 
CA5 CT9    C  Y N 130 
CA5 CT8    C  Y N 131 
CA5 CA1    C  N N 132 
CA5 CA2    C  N N 133 
CA5 OA2    O  N N 134 
CA5 NT1    N  N N 135 
CA5 CT1    C  N N 136 
CA5 BR     BR N N 137 
CA5 H2     H  N N 138 
CA5 HN61   H  N N 139 
CA5 HN62   H  N N 140 
CA5 H8     H  N N 141 
CA5 "H1'"  H  N N 142 
CA5 "H2'"  H  N N 143 
CA5 "HO'2" H  N N 144 
CA5 "H3'"  H  N N 145 
CA5 H32    H  N N 146 
CA5 H33    H  N N 147 
CA5 "H4'"  H  N N 148 
CA5 "H5'1" H  N N 149 
CA5 "H5'2" H  N N 150 
CA5 H12    H  N N 151 
CA5 H22    H  N N 152 
CA5 HP91   H  N N 153 
CA5 HP92   H  N N 154 
CA5 HCA1   H  N N 155 
CA5 HCA2   H  N N 156 
CA5 HCA3   H  N N 157 
CA5 HCB1   H  N N 158 
CA5 HCB2   H  N N 159 
CA5 HCB3   H  N N 160 
CA5 HP7    H  N N 161 
CA5 HP3    H  N N 162 
CA5 HP2    H  N N 163 
CA5 HP51   H  N N 164 
CA5 HP52   H  N N 165 
CA5 HP41   H  N N 166 
CA5 HP42   H  N N 167 
CA5 HP1    H  N N 168 
CA5 HP21   H  N N 169 
CA5 HP22   H  N N 170 
CA5 HP11   H  N N 171 
CA5 HP12   H  N N 172 
CA5 HT21   H  N N 173 
CA5 HT22   H  N N 174 
CA5 HT10   H  N N 175 
CA5 HT6    H  N N 176 
CA5 HNT6   H  N N 177 
CA5 HT7    H  N N 178 
CA5 HT8    H  N N 179 
CA5 HA11   H  N N 180 
CA5 HA12   H  N N 181 
CA5 HT1    H  N N 182 
CA5 HT11   H  N N 183 
CA5 HT12   H  N N 184 
CYS N      N  N N 185 
CYS CA     C  N R 186 
CYS C      C  N N 187 
CYS O      O  N N 188 
CYS CB     C  N N 189 
CYS SG     S  N N 190 
CYS OXT    O  N N 191 
CYS H      H  N N 192 
CYS H2     H  N N 193 
CYS HA     H  N N 194 
CYS HB2    H  N N 195 
CYS HB3    H  N N 196 
CYS HG     H  N N 197 
CYS HXT    H  N N 198 
GLN N      N  N N 199 
GLN CA     C  N S 200 
GLN C      C  N N 201 
GLN O      O  N N 202 
GLN CB     C  N N 203 
GLN CG     C  N N 204 
GLN CD     C  N N 205 
GLN OE1    O  N N 206 
GLN NE2    N  N N 207 
GLN OXT    O  N N 208 
GLN H      H  N N 209 
GLN H2     H  N N 210 
GLN HA     H  N N 211 
GLN HB2    H  N N 212 
GLN HB3    H  N N 213 
GLN HG2    H  N N 214 
GLN HG3    H  N N 215 
GLN HE21   H  N N 216 
GLN HE22   H  N N 217 
GLN HXT    H  N N 218 
GLU N      N  N N 219 
GLU CA     C  N S 220 
GLU C      C  N N 221 
GLU O      O  N N 222 
GLU CB     C  N N 223 
GLU CG     C  N N 224 
GLU CD     C  N N 225 
GLU OE1    O  N N 226 
GLU OE2    O  N N 227 
GLU OXT    O  N N 228 
GLU H      H  N N 229 
GLU H2     H  N N 230 
GLU HA     H  N N 231 
GLU HB2    H  N N 232 
GLU HB3    H  N N 233 
GLU HG2    H  N N 234 
GLU HG3    H  N N 235 
GLU HE2    H  N N 236 
GLU HXT    H  N N 237 
GLY N      N  N N 238 
GLY CA     C  N N 239 
GLY C      C  N N 240 
GLY O      O  N N 241 
GLY OXT    O  N N 242 
GLY H      H  N N 243 
GLY H2     H  N N 244 
GLY HA2    H  N N 245 
GLY HA3    H  N N 246 
GLY HXT    H  N N 247 
HIS N      N  N N 248 
HIS CA     C  N S 249 
HIS C      C  N N 250 
HIS O      O  N N 251 
HIS CB     C  N N 252 
HIS CG     C  Y N 253 
HIS ND1    N  Y N 254 
HIS CD2    C  Y N 255 
HIS CE1    C  Y N 256 
HIS NE2    N  Y N 257 
HIS OXT    O  N N 258 
HIS H      H  N N 259 
HIS H2     H  N N 260 
HIS HA     H  N N 261 
HIS HB2    H  N N 262 
HIS HB3    H  N N 263 
HIS HD1    H  N N 264 
HIS HD2    H  N N 265 
HIS HE1    H  N N 266 
HIS HE2    H  N N 267 
HIS HXT    H  N N 268 
HOH O      O  N N 269 
HOH H1     H  N N 270 
HOH H2     H  N N 271 
ILE N      N  N N 272 
ILE CA     C  N S 273 
ILE C      C  N N 274 
ILE O      O  N N 275 
ILE CB     C  N S 276 
ILE CG1    C  N N 277 
ILE CG2    C  N N 278 
ILE CD1    C  N N 279 
ILE OXT    O  N N 280 
ILE H      H  N N 281 
ILE H2     H  N N 282 
ILE HA     H  N N 283 
ILE HB     H  N N 284 
ILE HG12   H  N N 285 
ILE HG13   H  N N 286 
ILE HG21   H  N N 287 
ILE HG22   H  N N 288 
ILE HG23   H  N N 289 
ILE HD11   H  N N 290 
ILE HD12   H  N N 291 
ILE HD13   H  N N 292 
ILE HXT    H  N N 293 
LEU N      N  N N 294 
LEU CA     C  N S 295 
LEU C      C  N N 296 
LEU O      O  N N 297 
LEU CB     C  N N 298 
LEU CG     C  N N 299 
LEU CD1    C  N N 300 
LEU CD2    C  N N 301 
LEU OXT    O  N N 302 
LEU H      H  N N 303 
LEU H2     H  N N 304 
LEU HA     H  N N 305 
LEU HB2    H  N N 306 
LEU HB3    H  N N 307 
LEU HG     H  N N 308 
LEU HD11   H  N N 309 
LEU HD12   H  N N 310 
LEU HD13   H  N N 311 
LEU HD21   H  N N 312 
LEU HD22   H  N N 313 
LEU HD23   H  N N 314 
LEU HXT    H  N N 315 
LYS N      N  N N 316 
LYS CA     C  N S 317 
LYS C      C  N N 318 
LYS O      O  N N 319 
LYS CB     C  N N 320 
LYS CG     C  N N 321 
LYS CD     C  N N 322 
LYS CE     C  N N 323 
LYS NZ     N  N N 324 
LYS OXT    O  N N 325 
LYS H      H  N N 326 
LYS H2     H  N N 327 
LYS HA     H  N N 328 
LYS HB2    H  N N 329 
LYS HB3    H  N N 330 
LYS HG2    H  N N 331 
LYS HG3    H  N N 332 
LYS HD2    H  N N 333 
LYS HD3    H  N N 334 
LYS HE2    H  N N 335 
LYS HE3    H  N N 336 
LYS HZ1    H  N N 337 
LYS HZ2    H  N N 338 
LYS HZ3    H  N N 339 
LYS HXT    H  N N 340 
MET N      N  N N 341 
MET CA     C  N S 342 
MET C      C  N N 343 
MET O      O  N N 344 
MET CB     C  N N 345 
MET CG     C  N N 346 
MET SD     S  N N 347 
MET CE     C  N N 348 
MET OXT    O  N N 349 
MET H      H  N N 350 
MET H2     H  N N 351 
MET HA     H  N N 352 
MET HB2    H  N N 353 
MET HB3    H  N N 354 
MET HG2    H  N N 355 
MET HG3    H  N N 356 
MET HE1    H  N N 357 
MET HE2    H  N N 358 
MET HE3    H  N N 359 
MET HXT    H  N N 360 
MG  MG     MG N N 361 
PHE N      N  N N 362 
PHE CA     C  N S 363 
PHE C      C  N N 364 
PHE O      O  N N 365 
PHE CB     C  N N 366 
PHE CG     C  Y N 367 
PHE CD1    C  Y N 368 
PHE CD2    C  Y N 369 
PHE CE1    C  Y N 370 
PHE CE2    C  Y N 371 
PHE CZ     C  Y N 372 
PHE OXT    O  N N 373 
PHE H      H  N N 374 
PHE H2     H  N N 375 
PHE HA     H  N N 376 
PHE HB2    H  N N 377 
PHE HB3    H  N N 378 
PHE HD1    H  N N 379 
PHE HD2    H  N N 380 
PHE HE1    H  N N 381 
PHE HE2    H  N N 382 
PHE HZ     H  N N 383 
PHE HXT    H  N N 384 
PRO N      N  N N 385 
PRO CA     C  N S 386 
PRO C      C  N N 387 
PRO O      O  N N 388 
PRO CB     C  N N 389 
PRO CG     C  N N 390 
PRO CD     C  N N 391 
PRO OXT    O  N N 392 
PRO H      H  N N 393 
PRO HA     H  N N 394 
PRO HB2    H  N N 395 
PRO HB3    H  N N 396 
PRO HG2    H  N N 397 
PRO HG3    H  N N 398 
PRO HD2    H  N N 399 
PRO HD3    H  N N 400 
PRO HXT    H  N N 401 
SER N      N  N N 402 
SER CA     C  N S 403 
SER C      C  N N 404 
SER O      O  N N 405 
SER CB     C  N N 406 
SER OG     O  N N 407 
SER OXT    O  N N 408 
SER H      H  N N 409 
SER H2     H  N N 410 
SER HA     H  N N 411 
SER HB2    H  N N 412 
SER HB3    H  N N 413 
SER HG     H  N N 414 
SER HXT    H  N N 415 
THR N      N  N N 416 
THR CA     C  N S 417 
THR C      C  N N 418 
THR O      O  N N 419 
THR CB     C  N R 420 
THR OG1    O  N N 421 
THR CG2    C  N N 422 
THR OXT    O  N N 423 
THR H      H  N N 424 
THR H2     H  N N 425 
THR HA     H  N N 426 
THR HB     H  N N 427 
THR HG1    H  N N 428 
THR HG21   H  N N 429 
THR HG22   H  N N 430 
THR HG23   H  N N 431 
THR HXT    H  N N 432 
TRP N      N  N N 433 
TRP CA     C  N S 434 
TRP C      C  N N 435 
TRP O      O  N N 436 
TRP CB     C  N N 437 
TRP CG     C  Y N 438 
TRP CD1    C  Y N 439 
TRP CD2    C  Y N 440 
TRP NE1    N  Y N 441 
TRP CE2    C  Y N 442 
TRP CE3    C  Y N 443 
TRP CZ2    C  Y N 444 
TRP CZ3    C  Y N 445 
TRP CH2    C  Y N 446 
TRP OXT    O  N N 447 
TRP H      H  N N 448 
TRP H2     H  N N 449 
TRP HA     H  N N 450 
TRP HB2    H  N N 451 
TRP HB3    H  N N 452 
TRP HD1    H  N N 453 
TRP HE1    H  N N 454 
TRP HE3    H  N N 455 
TRP HZ2    H  N N 456 
TRP HZ3    H  N N 457 
TRP HH2    H  N N 458 
TRP HXT    H  N N 459 
TYR N      N  N N 460 
TYR CA     C  N S 461 
TYR C      C  N N 462 
TYR O      O  N N 463 
TYR CB     C  N N 464 
TYR CG     C  Y N 465 
TYR CD1    C  Y N 466 
TYR CD2    C  Y N 467 
TYR CE1    C  Y N 468 
TYR CE2    C  Y N 469 
TYR CZ     C  Y N 470 
TYR OH     O  N N 471 
TYR OXT    O  N N 472 
TYR H      H  N N 473 
TYR H2     H  N N 474 
TYR HA     H  N N 475 
TYR HB2    H  N N 476 
TYR HB3    H  N N 477 
TYR HD1    H  N N 478 
TYR HD2    H  N N 479 
TYR HE1    H  N N 480 
TYR HE2    H  N N 481 
TYR HH     H  N N 482 
TYR HXT    H  N N 483 
VAL N      N  N N 484 
VAL CA     C  N S 485 
VAL C      C  N N 486 
VAL O      O  N N 487 
VAL CB     C  N N 488 
VAL CG1    C  N N 489 
VAL CG2    C  N N 490 
VAL OXT    O  N N 491 
VAL H      H  N N 492 
VAL H2     H  N N 493 
VAL HA     H  N N 494 
VAL HB     H  N N 495 
VAL HG11   H  N N 496 
VAL HG12   H  N N 497 
VAL HG13   H  N N 498 
VAL HG21   H  N N 499 
VAL HG22   H  N N 500 
VAL HG23   H  N N 501 
VAL HXT    H  N N 502 
# 
loop_
_chem_comp_bond.comp_id 
_chem_comp_bond.atom_id_1 
_chem_comp_bond.atom_id_2 
_chem_comp_bond.value_order 
_chem_comp_bond.pdbx_aromatic_flag 
_chem_comp_bond.pdbx_stereo_config 
_chem_comp_bond.pdbx_ordinal 
ALA N     CA     sing N N 1   
ALA N     H      sing N N 2   
ALA N     H2     sing N N 3   
ALA CA    C      sing N N 4   
ALA CA    CB     sing N N 5   
ALA CA    HA     sing N N 6   
ALA C     O      doub N N 7   
ALA C     OXT    sing N N 8   
ALA CB    HB1    sing N N 9   
ALA CB    HB2    sing N N 10  
ALA CB    HB3    sing N N 11  
ALA OXT   HXT    sing N N 12  
ARG N     CA     sing N N 13  
ARG N     H      sing N N 14  
ARG N     H2     sing N N 15  
ARG CA    C      sing N N 16  
ARG CA    CB     sing N N 17  
ARG CA    HA     sing N N 18  
ARG C     O      doub N N 19  
ARG C     OXT    sing N N 20  
ARG CB    CG     sing N N 21  
ARG CB    HB2    sing N N 22  
ARG CB    HB3    sing N N 23  
ARG CG    CD     sing N N 24  
ARG CG    HG2    sing N N 25  
ARG CG    HG3    sing N N 26  
ARG CD    NE     sing N N 27  
ARG CD    HD2    sing N N 28  
ARG CD    HD3    sing N N 29  
ARG NE    CZ     sing N N 30  
ARG NE    HE     sing N N 31  
ARG CZ    NH1    sing N N 32  
ARG CZ    NH2    doub N N 33  
ARG NH1   HH11   sing N N 34  
ARG NH1   HH12   sing N N 35  
ARG NH2   HH21   sing N N 36  
ARG NH2   HH22   sing N N 37  
ARG OXT   HXT    sing N N 38  
ASN N     CA     sing N N 39  
ASN N     H      sing N N 40  
ASN N     H2     sing N N 41  
ASN CA    C      sing N N 42  
ASN CA    CB     sing N N 43  
ASN CA    HA     sing N N 44  
ASN C     O      doub N N 45  
ASN C     OXT    sing N N 46  
ASN CB    CG     sing N N 47  
ASN CB    HB2    sing N N 48  
ASN CB    HB3    sing N N 49  
ASN CG    OD1    doub N N 50  
ASN CG    ND2    sing N N 51  
ASN ND2   HD21   sing N N 52  
ASN ND2   HD22   sing N N 53  
ASN OXT   HXT    sing N N 54  
ASP N     CA     sing N N 55  
ASP N     H      sing N N 56  
ASP N     H2     sing N N 57  
ASP CA    C      sing N N 58  
ASP CA    CB     sing N N 59  
ASP CA    HA     sing N N 60  
ASP C     O      doub N N 61  
ASP C     OXT    sing N N 62  
ASP CB    CG     sing N N 63  
ASP CB    HB2    sing N N 64  
ASP CB    HB3    sing N N 65  
ASP CG    OD1    doub N N 66  
ASP CG    OD2    sing N N 67  
ASP OD2   HD2    sing N N 68  
ASP OXT   HXT    sing N N 69  
CA5 N1    C2     doub Y N 70  
CA5 N1    C6     sing Y N 71  
CA5 C2    N3     sing Y N 72  
CA5 C2    H2     sing N N 73  
CA5 N3    C4     doub Y N 74  
CA5 C4    C5     sing Y N 75  
CA5 C4    N9     sing Y N 76  
CA5 C5    C6     doub Y N 77  
CA5 C5    N7     sing Y N 78  
CA5 C6    N6     sing N N 79  
CA5 N6    HN61   sing N N 80  
CA5 N6    HN62   sing N N 81  
CA5 N7    C8     doub Y N 82  
CA5 C8    N9     sing Y N 83  
CA5 C8    H8     sing N N 84  
CA5 N9    "C1'"  sing N N 85  
CA5 "C1'" "C2'"  sing N N 86  
CA5 "C1'" "O4'"  sing N N 87  
CA5 "C1'" "H1'"  sing N N 88  
CA5 "C2'" "O2'"  sing N N 89  
CA5 "C2'" "C3'"  sing N N 90  
CA5 "C2'" "H2'"  sing N N 91  
CA5 "O2'" "HO'2" sing N N 92  
CA5 "C3'" "O3'"  sing N N 93  
CA5 "C3'" "C4'"  sing N N 94  
CA5 "C3'" "H3'"  sing N N 95  
CA5 "O3'" P3     sing N N 96  
CA5 P3    O31    doub N N 97  
CA5 P3    O32    sing N N 98  
CA5 P3    O33    sing N N 99  
CA5 O32   H32    sing N N 100 
CA5 O33   H33    sing N N 101 
CA5 "C4'" "O4'"  sing N N 102 
CA5 "C4'" "C5'"  sing N N 103 
CA5 "C4'" "H4'"  sing N N 104 
CA5 "C5'" "O5'"  sing N N 105 
CA5 "C5'" "H5'1" sing N N 106 
CA5 "C5'" "H5'2" sing N N 107 
CA5 "O5'" P1     sing N N 108 
CA5 P1    O11    doub N N 109 
CA5 P1    O12    sing N N 110 
CA5 P1    O6     sing N N 111 
CA5 O12   H12    sing N N 112 
CA5 O6    P2     sing N N 113 
CA5 P2    O21    doub N N 114 
CA5 P2    O22    sing N N 115 
CA5 P2    O7     sing N N 116 
CA5 O22   H22    sing N N 117 
CA5 O7    CP9    sing N N 118 
CA5 CP8   CP9    sing N N 119 
CA5 CP8   CPA    sing N N 120 
CA5 CP8   CPB    sing N N 121 
CA5 CP8   CP7    sing N N 122 
CA5 CP9   HP91   sing N N 123 
CA5 CP9   HP92   sing N N 124 
CA5 CPA   HCA1   sing N N 125 
CA5 CPA   HCA2   sing N N 126 
CA5 CPA   HCA3   sing N N 127 
CA5 CPB   HCB1   sing N N 128 
CA5 CPB   HCB2   sing N N 129 
CA5 CPB   HCB3   sing N N 130 
CA5 CP7   OP3    sing N N 131 
CA5 CP7   CP6    sing N N 132 
CA5 CP7   HP7    sing N N 133 
CA5 OP3   HP3    sing N N 134 
CA5 CP6   OP2    doub N N 135 
CA5 CP6   NP2    sing N N 136 
CA5 NP2   CP5    sing N N 137 
CA5 NP2   HP2    sing N N 138 
CA5 CP5   CP4    sing N N 139 
CA5 CP5   HP51   sing N N 140 
CA5 CP5   HP52   sing N N 141 
CA5 CP4   CP3    sing N N 142 
CA5 CP4   HP41   sing N N 143 
CA5 CP4   HP42   sing N N 144 
CA5 CP3   OP1    doub N N 145 
CA5 CP3   NP1    sing N N 146 
CA5 NP1   CP2    sing N N 147 
CA5 NP1   HP1    sing N N 148 
CA5 CP2   CP1    sing N N 149 
CA5 CP2   HP21   sing N N 150 
CA5 CP2   HP22   sing N N 151 
CA5 CP1   S      sing N N 152 
CA5 CP1   HP11   sing N N 153 
CA5 CP1   HP12   sing N N 154 
CA5 S     CA1    sing N N 155 
CA5 CT2   CT3    sing N N 156 
CA5 CT2   CT1    sing N N 157 
CA5 CT2   HT21   sing N N 158 
CA5 CT2   HT22   sing N N 159 
CA5 CT3   CT4    sing Y N 160 
CA5 CT3   CT6    doub Y N 161 
CA5 CT4   CT5    doub Y N 162 
CA5 CT4   C11    sing Y N 163 
CA5 CT5   NT6    sing Y N 164 
CA5 CT5   CT7    sing Y N 165 
CA5 C11   CT9    doub Y N 166 
CA5 C11   HT10   sing N N 167 
CA5 CT6   NT6    sing Y N 168 
CA5 CT6   HT6    sing N N 169 
CA5 NT6   HNT6   sing N N 170 
CA5 CT7   CT8    doub Y N 171 
CA5 CT7   HT7    sing N N 172 
CA5 CT9   CT8    sing Y N 173 
CA5 CT9   BR     sing N N 174 
CA5 CT8   HT8    sing N N 175 
CA5 CA1   CA2    sing N N 176 
CA5 CA1   HA11   sing N N 177 
CA5 CA1   HA12   sing N N 178 
CA5 CA2   OA2    doub N N 179 
CA5 CA2   NT1    sing N N 180 
CA5 NT1   CT1    sing N N 181 
CA5 NT1   HT1    sing N N 182 
CA5 CT1   HT11   sing N N 183 
CA5 CT1   HT12   sing N N 184 
CYS N     CA     sing N N 185 
CYS N     H      sing N N 186 
CYS N     H2     sing N N 187 
CYS CA    C      sing N N 188 
CYS CA    CB     sing N N 189 
CYS CA    HA     sing N N 190 
CYS C     O      doub N N 191 
CYS C     OXT    sing N N 192 
CYS CB    SG     sing N N 193 
CYS CB    HB2    sing N N 194 
CYS CB    HB3    sing N N 195 
CYS SG    HG     sing N N 196 
CYS OXT   HXT    sing N N 197 
GLN N     CA     sing N N 198 
GLN N     H      sing N N 199 
GLN N     H2     sing N N 200 
GLN CA    C      sing N N 201 
GLN CA    CB     sing N N 202 
GLN CA    HA     sing N N 203 
GLN C     O      doub N N 204 
GLN C     OXT    sing N N 205 
GLN CB    CG     sing N N 206 
GLN CB    HB2    sing N N 207 
GLN CB    HB3    sing N N 208 
GLN CG    CD     sing N N 209 
GLN CG    HG2    sing N N 210 
GLN CG    HG3    sing N N 211 
GLN CD    OE1    doub N N 212 
GLN CD    NE2    sing N N 213 
GLN NE2   HE21   sing N N 214 
GLN NE2   HE22   sing N N 215 
GLN OXT   HXT    sing N N 216 
GLU N     CA     sing N N 217 
GLU N     H      sing N N 218 
GLU N     H2     sing N N 219 
GLU CA    C      sing N N 220 
GLU CA    CB     sing N N 221 
GLU CA    HA     sing N N 222 
GLU C     O      doub N N 223 
GLU C     OXT    sing N N 224 
GLU CB    CG     sing N N 225 
GLU CB    HB2    sing N N 226 
GLU CB    HB3    sing N N 227 
GLU CG    CD     sing N N 228 
GLU CG    HG2    sing N N 229 
GLU CG    HG3    sing N N 230 
GLU CD    OE1    doub N N 231 
GLU CD    OE2    sing N N 232 
GLU OE2   HE2    sing N N 233 
GLU OXT   HXT    sing N N 234 
GLY N     CA     sing N N 235 
GLY N     H      sing N N 236 
GLY N     H2     sing N N 237 
GLY CA    C      sing N N 238 
GLY CA    HA2    sing N N 239 
GLY CA    HA3    sing N N 240 
GLY C     O      doub N N 241 
GLY C     OXT    sing N N 242 
GLY OXT   HXT    sing N N 243 
HIS N     CA     sing N N 244 
HIS N     H      sing N N 245 
HIS N     H2     sing N N 246 
HIS CA    C      sing N N 247 
HIS CA    CB     sing N N 248 
HIS CA    HA     sing N N 249 
HIS C     O      doub N N 250 
HIS C     OXT    sing N N 251 
HIS CB    CG     sing N N 252 
HIS CB    HB2    sing N N 253 
HIS CB    HB3    sing N N 254 
HIS CG    ND1    sing Y N 255 
HIS CG    CD2    doub Y N 256 
HIS ND1   CE1    doub Y N 257 
HIS ND1   HD1    sing N N 258 
HIS CD2   NE2    sing Y N 259 
HIS CD2   HD2    sing N N 260 
HIS CE1   NE2    sing Y N 261 
HIS CE1   HE1    sing N N 262 
HIS NE2   HE2    sing N N 263 
HIS OXT   HXT    sing N N 264 
HOH O     H1     sing N N 265 
HOH O     H2     sing N N 266 
ILE N     CA     sing N N 267 
ILE N     H      sing N N 268 
ILE N     H2     sing N N 269 
ILE CA    C      sing N N 270 
ILE CA    CB     sing N N 271 
ILE CA    HA     sing N N 272 
ILE C     O      doub N N 273 
ILE C     OXT    sing N N 274 
ILE CB    CG1    sing N N 275 
ILE CB    CG2    sing N N 276 
ILE CB    HB     sing N N 277 
ILE CG1   CD1    sing N N 278 
ILE CG1   HG12   sing N N 279 
ILE CG1   HG13   sing N N 280 
ILE CG2   HG21   sing N N 281 
ILE CG2   HG22   sing N N 282 
ILE CG2   HG23   sing N N 283 
ILE CD1   HD11   sing N N 284 
ILE CD1   HD12   sing N N 285 
ILE CD1   HD13   sing N N 286 
ILE OXT   HXT    sing N N 287 
LEU N     CA     sing N N 288 
LEU N     H      sing N N 289 
LEU N     H2     sing N N 290 
LEU CA    C      sing N N 291 
LEU CA    CB     sing N N 292 
LEU CA    HA     sing N N 293 
LEU C     O      doub N N 294 
LEU C     OXT    sing N N 295 
LEU CB    CG     sing N N 296 
LEU CB    HB2    sing N N 297 
LEU CB    HB3    sing N N 298 
LEU CG    CD1    sing N N 299 
LEU CG    CD2    sing N N 300 
LEU CG    HG     sing N N 301 
LEU CD1   HD11   sing N N 302 
LEU CD1   HD12   sing N N 303 
LEU CD1   HD13   sing N N 304 
LEU CD2   HD21   sing N N 305 
LEU CD2   HD22   sing N N 306 
LEU CD2   HD23   sing N N 307 
LEU OXT   HXT    sing N N 308 
LYS N     CA     sing N N 309 
LYS N     H      sing N N 310 
LYS N     H2     sing N N 311 
LYS CA    C      sing N N 312 
LYS CA    CB     sing N N 313 
LYS CA    HA     sing N N 314 
LYS C     O      doub N N 315 
LYS C     OXT    sing N N 316 
LYS CB    CG     sing N N 317 
LYS CB    HB2    sing N N 318 
LYS CB    HB3    sing N N 319 
LYS CG    CD     sing N N 320 
LYS CG    HG2    sing N N 321 
LYS CG    HG3    sing N N 322 
LYS CD    CE     sing N N 323 
LYS CD    HD2    sing N N 324 
LYS CD    HD3    sing N N 325 
LYS CE    NZ     sing N N 326 
LYS CE    HE2    sing N N 327 
LYS CE    HE3    sing N N 328 
LYS NZ    HZ1    sing N N 329 
LYS NZ    HZ2    sing N N 330 
LYS NZ    HZ3    sing N N 331 
LYS OXT   HXT    sing N N 332 
MET N     CA     sing N N 333 
MET N     H      sing N N 334 
MET N     H2     sing N N 335 
MET CA    C      sing N N 336 
MET CA    CB     sing N N 337 
MET CA    HA     sing N N 338 
MET C     O      doub N N 339 
MET C     OXT    sing N N 340 
MET CB    CG     sing N N 341 
MET CB    HB2    sing N N 342 
MET CB    HB3    sing N N 343 
MET CG    SD     sing N N 344 
MET CG    HG2    sing N N 345 
MET CG    HG3    sing N N 346 
MET SD    CE     sing N N 347 
MET CE    HE1    sing N N 348 
MET CE    HE2    sing N N 349 
MET CE    HE3    sing N N 350 
MET OXT   HXT    sing N N 351 
PHE N     CA     sing N N 352 
PHE N     H      sing N N 353 
PHE N     H2     sing N N 354 
PHE CA    C      sing N N 355 
PHE CA    CB     sing N N 356 
PHE CA    HA     sing N N 357 
PHE C     O      doub N N 358 
PHE C     OXT    sing N N 359 
PHE CB    CG     sing N N 360 
PHE CB    HB2    sing N N 361 
PHE CB    HB3    sing N N 362 
PHE CG    CD1    doub Y N 363 
PHE CG    CD2    sing Y N 364 
PHE CD1   CE1    sing Y N 365 
PHE CD1   HD1    sing N N 366 
PHE CD2   CE2    doub Y N 367 
PHE CD2   HD2    sing N N 368 
PHE CE1   CZ     doub Y N 369 
PHE CE1   HE1    sing N N 370 
PHE CE2   CZ     sing Y N 371 
PHE CE2   HE2    sing N N 372 
PHE CZ    HZ     sing N N 373 
PHE OXT   HXT    sing N N 374 
PRO N     CA     sing N N 375 
PRO N     CD     sing N N 376 
PRO N     H      sing N N 377 
PRO CA    C      sing N N 378 
PRO CA    CB     sing N N 379 
PRO CA    HA     sing N N 380 
PRO C     O      doub N N 381 
PRO C     OXT    sing N N 382 
PRO CB    CG     sing N N 383 
PRO CB    HB2    sing N N 384 
PRO CB    HB3    sing N N 385 
PRO CG    CD     sing N N 386 
PRO CG    HG2    sing N N 387 
PRO CG    HG3    sing N N 388 
PRO CD    HD2    sing N N 389 
PRO CD    HD3    sing N N 390 
PRO OXT   HXT    sing N N 391 
SER N     CA     sing N N 392 
SER N     H      sing N N 393 
SER N     H2     sing N N 394 
SER CA    C      sing N N 395 
SER CA    CB     sing N N 396 
SER CA    HA     sing N N 397 
SER C     O      doub N N 398 
SER C     OXT    sing N N 399 
SER CB    OG     sing N N 400 
SER CB    HB2    sing N N 401 
SER CB    HB3    sing N N 402 
SER OG    HG     sing N N 403 
SER OXT   HXT    sing N N 404 
THR N     CA     sing N N 405 
THR N     H      sing N N 406 
THR N     H2     sing N N 407 
THR CA    C      sing N N 408 
THR CA    CB     sing N N 409 
THR CA    HA     sing N N 410 
THR C     O      doub N N 411 
THR C     OXT    sing N N 412 
THR CB    OG1    sing N N 413 
THR CB    CG2    sing N N 414 
THR CB    HB     sing N N 415 
THR OG1   HG1    sing N N 416 
THR CG2   HG21   sing N N 417 
THR CG2   HG22   sing N N 418 
THR CG2   HG23   sing N N 419 
THR OXT   HXT    sing N N 420 
TRP N     CA     sing N N 421 
TRP N     H      sing N N 422 
TRP N     H2     sing N N 423 
TRP CA    C      sing N N 424 
TRP CA    CB     sing N N 425 
TRP CA    HA     sing N N 426 
TRP C     O      doub N N 427 
TRP C     OXT    sing N N 428 
TRP CB    CG     sing N N 429 
TRP CB    HB2    sing N N 430 
TRP CB    HB3    sing N N 431 
TRP CG    CD1    doub Y N 432 
TRP CG    CD2    sing Y N 433 
TRP CD1   NE1    sing Y N 434 
TRP CD1   HD1    sing N N 435 
TRP CD2   CE2    doub Y N 436 
TRP CD2   CE3    sing Y N 437 
TRP NE1   CE2    sing Y N 438 
TRP NE1   HE1    sing N N 439 
TRP CE2   CZ2    sing Y N 440 
TRP CE3   CZ3    doub Y N 441 
TRP CE3   HE3    sing N N 442 
TRP CZ2   CH2    doub Y N 443 
TRP CZ2   HZ2    sing N N 444 
TRP CZ3   CH2    sing Y N 445 
TRP CZ3   HZ3    sing N N 446 
TRP CH2   HH2    sing N N 447 
TRP OXT   HXT    sing N N 448 
TYR N     CA     sing N N 449 
TYR N     H      sing N N 450 
TYR N     H2     sing N N 451 
TYR CA    C      sing N N 452 
TYR CA    CB     sing N N 453 
TYR CA    HA     sing N N 454 
TYR C     O      doub N N 455 
TYR C     OXT    sing N N 456 
TYR CB    CG     sing N N 457 
TYR CB    HB2    sing N N 458 
TYR CB    HB3    sing N N 459 
TYR CG    CD1    doub Y N 460 
TYR CG    CD2    sing Y N 461 
TYR CD1   CE1    sing Y N 462 
TYR CD1   HD1    sing N N 463 
TYR CD2   CE2    doub Y N 464 
TYR CD2   HD2    sing N N 465 
TYR CE1   CZ     doub Y N 466 
TYR CE1   HE1    sing N N 467 
TYR CE2   CZ     sing Y N 468 
TYR CE2   HE2    sing N N 469 
TYR CZ    OH     sing N N 470 
TYR OH    HH     sing N N 471 
TYR OXT   HXT    sing N N 472 
VAL N     CA     sing N N 473 
VAL N     H      sing N N 474 
VAL N     H2     sing N N 475 
VAL CA    C      sing N N 476 
VAL CA    CB     sing N N 477 
VAL CA    HA     sing N N 478 
VAL C     O      doub N N 479 
VAL C     OXT    sing N N 480 
VAL CB    CG1    sing N N 481 
VAL CB    CG2    sing N N 482 
VAL CB    HB     sing N N 483 
VAL CG1   HG11   sing N N 484 
VAL CG1   HG12   sing N N 485 
VAL CG1   HG13   sing N N 486 
VAL CG2   HG21   sing N N 487 
VAL CG2   HG22   sing N N 488 
VAL CG2   HG23   sing N N 489 
VAL OXT   HXT    sing N N 490 
# 
_atom_sites.entry_id                    1KUV 
_atom_sites.fract_transf_matrix[1][1]   -0.00700446 
_atom_sites.fract_transf_matrix[1][2]   0.01436166 
_atom_sites.fract_transf_matrix[1][3]   -0.00982372 
_atom_sites.fract_transf_matrix[2][1]   -0.00744432 
_atom_sites.fract_transf_matrix[2][2]   0.00438082 
_atom_sites.fract_transf_matrix[2][3]   0.01171240 
_atom_sites.fract_transf_matrix[3][1]   0.00862485 
_atom_sites.fract_transf_matrix[3][2]   0.00633536 
_atom_sites.fract_transf_matrix[3][3]   0.00311226 
_atom_sites.fract_transf_vector[1]      0.295027 
_atom_sites.fract_transf_vector[2]      0.288835 
_atom_sites.fract_transf_vector[3]      0.127069 
# 
loop_
_atom_type.symbol 
BR 
C  
MG 
N  
O  
P  
S  
# 
loop_
_atom_site.group_PDB 
_atom_site.id 
_atom_site.type_symbol 
_atom_site.label_atom_id 
_atom_site.label_alt_id 
_atom_site.label_comp_id 
_atom_site.label_asym_id 
_atom_site.label_entity_id 
_atom_site.label_seq_id 
_atom_site.pdbx_PDB_ins_code 
_atom_site.Cartn_x 
_atom_site.Cartn_y 
_atom_site.Cartn_z 
_atom_site.occupancy 
_atom_site.B_iso_or_equiv 
_atom_site.pdbx_formal_charge 
_atom_site.auth_seq_id 
_atom_site.auth_comp_id 
_atom_site.auth_asym_id 
_atom_site.auth_atom_id 
_atom_site.pdbx_PDB_model_num 
ATOM   1    N  N     . HIS A 1 30  ? -21.060 19.565  -8.727  1.00 45.59  ? 30   HIS A N     1 
ATOM   2    C  CA    . HIS A 1 30  ? -21.344 20.066  -10.100 1.00 45.42  ? 30   HIS A CA    1 
ATOM   3    C  C     . HIS A 1 30  ? -20.180 19.766  -11.035 1.00 44.04  ? 30   HIS A C     1 
ATOM   4    O  O     . HIS A 1 30  ? -20.281 19.947  -12.246 1.00 44.44  ? 30   HIS A O     1 
ATOM   5    C  CB    . HIS A 1 30  ? -21.589 21.578  -10.073 1.00 47.02  ? 30   HIS A CB    1 
ATOM   6    C  CG    . HIS A 1 30  ? -20.480 22.360  -9.435  1.00 49.26  ? 30   HIS A CG    1 
ATOM   7    N  ND1   . HIS A 1 30  ? -20.204 22.295  -8.085  1.00 50.46  ? 30   HIS A ND1   1 
ATOM   8    C  CD2   . HIS A 1 30  ? -19.576 23.219  -9.962  1.00 49.41  ? 30   HIS A CD2   1 
ATOM   9    C  CE1   . HIS A 1 30  ? -19.179 23.082  -7.808  1.00 50.71  ? 30   HIS A CE1   1 
ATOM   10   N  NE2   . HIS A 1 30  ? -18.779 23.653  -8.929  1.00 51.49  ? 30   HIS A NE2   1 
ATOM   11   N  N     . THR A 1 31  ? -19.071 19.302  -10.471 1.00 42.13  ? 31   THR A N     1 
ATOM   12   C  CA    . THR A 1 31  ? -17.901 19.016  -11.286 1.00 41.43  ? 31   THR A CA    1 
ATOM   13   C  C     . THR A 1 31  ? -16.955 18.003  -10.674 1.00 39.06  ? 31   THR A C     1 
ATOM   14   O  O     . THR A 1 31  ? -17.009 17.743  -9.477  1.00 39.24  ? 31   THR A O     1 
ATOM   15   C  CB    . THR A 1 31  ? -17.086 20.287  -11.537 1.00 42.28  ? 31   THR A CB    1 
ATOM   16   O  OG1   . THR A 1 31  ? -15.920 19.959  -12.306 1.00 43.39  ? 31   THR A OG1   1 
ATOM   17   C  CG2   . THR A 1 31  ? -16.661 20.902  -10.211 1.00 40.05  ? 31   THR A CG2   1 
ATOM   18   N  N     . LEU A 1 32  ? -16.082 17.446  -11.513 1.00 36.97  ? 32   LEU A N     1 
ATOM   19   C  CA    . LEU A 1 32  ? -15.083 16.476  -11.075 1.00 35.61  ? 32   LEU A CA    1 
ATOM   20   C  C     . LEU A 1 32  ? -13.790 17.256  -10.777 1.00 35.76  ? 32   LEU A C     1 
ATOM   21   O  O     . LEU A 1 32  ? -13.340 18.055  -11.593 1.00 35.59  ? 32   LEU A O     1 
ATOM   22   C  CB    . LEU A 1 32  ? -14.822 15.446  -12.183 1.00 34.33  ? 32   LEU A CB    1 
ATOM   23   C  CG    . LEU A 1 32  ? -16.010 14.701  -12.803 1.00 33.95  ? 32   LEU A CG    1 
ATOM   24   C  CD1   . LEU A 1 32  ? -15.528 13.873  -13.979 1.00 33.48  ? 32   LEU A CD1   1 
ATOM   25   C  CD2   . LEU A 1 32  ? -16.676 13.814  -11.767 1.00 33.82  ? 32   LEU A CD2   1 
ATOM   26   N  N     . PRO A 1 33  ? -13.190 17.051  -9.596  1.00 36.08  ? 33   PRO A N     1 
ATOM   27   C  CA    . PRO A 1 33  ? -11.954 17.786  -9.297  1.00 35.90  ? 33   PRO A CA    1 
ATOM   28   C  C     . PRO A 1 33  ? -10.784 17.307  -10.156 1.00 34.71  ? 33   PRO A C     1 
ATOM   29   O  O     . PRO A 1 33  ? -10.751 16.149  -10.560 1.00 34.54  ? 33   PRO A O     1 
ATOM   30   C  CB    . PRO A 1 33  ? -11.743 17.505  -7.812  1.00 36.21  ? 33   PRO A CB    1 
ATOM   31   C  CG    . PRO A 1 33  ? -12.311 16.131  -7.652  1.00 38.11  ? 33   PRO A CG    1 
ATOM   32   C  CD    . PRO A 1 33  ? -13.587 16.198  -8.463  1.00 36.42  ? 33   PRO A CD    1 
ATOM   33   N  N     . ALA A 1 34  ? -9.838  18.201  -10.439 1.00 33.64  ? 34   ALA A N     1 
ATOM   34   C  CA    . ALA A 1 34  ? -8.673  17.852  -11.250 1.00 33.08  ? 34   ALA A CA    1 
ATOM   35   C  C     . ALA A 1 34  ? -7.824  16.828  -10.502 1.00 32.54  ? 34   ALA A C     1 
ATOM   36   O  O     . ALA A 1 34  ? -7.371  15.833  -11.076 1.00 32.60  ? 34   ALA A O     1 
ATOM   37   C  CB    . ALA A 1 34  ? -7.838  19.108  -11.559 1.00 34.16  ? 34   ALA A CB    1 
ATOM   38   N  N     . ASN A 1 35  ? -7.604  17.084  -9.217  1.00 30.76  ? 35   ASN A N     1 
ATOM   39   C  CA    . ASN A 1 35  ? -6.837  16.179  -8.374  1.00 28.93  ? 35   ASN A CA    1 
ATOM   40   C  C     . ASN A 1 35  ? -7.464  16.138  -6.996  1.00 29.76  ? 35   ASN A C     1 
ATOM   41   O  O     . ASN A 1 35  ? -7.775  17.178  -6.413  1.00 30.13  ? 35   ASN A O     1 
ATOM   42   C  CB    . ASN A 1 35  ? -5.383  16.633  -8.239  1.00 25.76  ? 35   ASN A CB    1 
ATOM   43   C  CG    . ASN A 1 35  ? -4.623  16.598  -9.557  1.00 24.95  ? 35   ASN A CG    1 
ATOM   44   O  OD1   . ASN A 1 35  ? -4.564  17.590  -10.282 1.00 24.99  ? 35   ASN A OD1   1 
ATOM   45   N  ND2   . ASN A 1 35  ? -4.041  15.455  -9.867  1.00 21.16  ? 35   ASN A ND2   1 
ATOM   46   N  N     . GLU A 1 36  ? -7.660  14.930  -6.484  1.00 29.53  ? 36   GLU A N     1 
ATOM   47   C  CA    . GLU A 1 36  ? -8.234  14.743  -5.160  1.00 30.00  ? 36   GLU A CA    1 
ATOM   48   C  C     . GLU A 1 36  ? -7.567  13.591  -4.418  1.00 29.30  ? 36   GLU A C     1 
ATOM   49   O  O     . GLU A 1 36  ? -7.473  12.485  -4.947  1.00 28.85  ? 36   GLU A O     1 
ATOM   50   C  CB    . GLU A 1 36  ? -9.733  14.467  -5.252  1.00 34.46  ? 36   GLU A CB    1 
ATOM   51   C  CG    . GLU A 1 36  ? -10.260 13.666  -4.065  1.00 38.11  ? 36   GLU A CG    1 
ATOM   52   C  CD    . GLU A 1 36  ? -11.766 13.654  -3.976  1.00 41.88  ? 36   GLU A CD    1 
ATOM   53   O  OE1   . GLU A 1 36  ? -12.426 13.779  -5.036  1.00 43.46  ? 36   GLU A OE1   1 
ATOM   54   O  OE2   . GLU A 1 36  ? -12.293 13.505  -2.847  1.00 42.06  ? 36   GLU A OE2   1 
ATOM   55   N  N     . PHE A 1 37  ? -7.113  13.860  -3.198  1.00 28.31  ? 37   PHE A N     1 
ATOM   56   C  CA    . PHE A 1 37  ? -6.477  12.844  -2.370  1.00 28.91  ? 37   PHE A CA    1 
ATOM   57   C  C     . PHE A 1 37  ? -7.401  12.546  -1.200  1.00 28.25  ? 37   PHE A C     1 
ATOM   58   O  O     . PHE A 1 37  ? -7.749  13.452  -0.448  1.00 26.12  ? 37   PHE A O     1 
ATOM   59   C  CB    . PHE A 1 37  ? -5.141  13.334  -1.803  1.00 29.40  ? 37   PHE A CB    1 
ATOM   60   C  CG    . PHE A 1 37  ? -4.156  13.796  -2.838  1.00 31.31  ? 37   PHE A CG    1 
ATOM   61   C  CD1   . PHE A 1 37  ? -4.328  15.015  -3.491  1.00 32.72  ? 37   PHE A CD1   1 
ATOM   62   C  CD2   . PHE A 1 37  ? -3.032  13.031  -3.132  1.00 31.31  ? 37   PHE A CD2   1 
ATOM   63   C  CE1   . PHE A 1 37  ? -3.394  15.473  -4.420  1.00 32.13  ? 37   PHE A CE1   1 
ATOM   64   C  CE2   . PHE A 1 37  ? -2.087  13.478  -4.060  1.00 32.12  ? 37   PHE A CE2   1 
ATOM   65   C  CZ    . PHE A 1 37  ? -2.270  14.704  -4.706  1.00 32.03  ? 37   PHE A CZ    1 
ATOM   66   N  N     . ARG A 1 38  ? -7.793  11.282  -1.036  1.00 27.69  ? 38   ARG A N     1 
ATOM   67   C  CA    . ARG A 1 38  ? -8.677  10.905  0.068   1.00 28.11  ? 38   ARG A CA    1 
ATOM   68   C  C     . ARG A 1 38  ? -8.498  9.446   0.495   1.00 27.90  ? 38   ARG A C     1 
ATOM   69   O  O     . ARG A 1 38  ? -7.888  8.651   -0.223  1.00 26.78  ? 38   ARG A O     1 
ATOM   70   C  CB    . ARG A 1 38  ? -10.144 11.145  -0.317  1.00 28.28  ? 38   ARG A CB    1 
ATOM   71   C  CG    . ARG A 1 38  ? -10.683 10.250  -1.444  1.00 29.21  ? 38   ARG A CG    1 
ATOM   72   C  CD    . ARG A 1 38  ? -12.198 10.446  -1.608  1.00 27.53  ? 38   ARG A CD    1 
ATOM   73   N  NE    . ARG A 1 38  ? -12.826 9.597   -2.622  1.00 28.68  ? 38   ARG A NE    1 
ATOM   74   C  CZ    . ARG A 1 38  ? -13.031 8.285   -2.507  1.00 28.31  ? 38   ARG A CZ    1 
ATOM   75   N  NH1   . ARG A 1 38  ? -12.654 7.625   -1.418  1.00 28.47  ? 38   ARG A NH1   1 
ATOM   76   N  NH2   . ARG A 1 38  ? -13.652 7.633   -3.478  1.00 29.93  ? 38   ARG A NH2   1 
ATOM   77   N  N     . CYS A 1 39  ? -9.006  9.101   1.678   1.00 27.67  ? 39   CYS A N     1 
ATOM   78   C  CA    . CYS A 1 39  ? -8.923  7.722   2.145   1.00 28.67  ? 39   CYS A CA    1 
ATOM   79   C  C     . CYS A 1 39  ? -9.948  6.938   1.310   1.00 27.94  ? 39   CYS A C     1 
ATOM   80   O  O     . CYS A 1 39  ? -10.926 7.507   0.826   1.00 27.88  ? 39   CYS A O     1 
ATOM   81   C  CB    . CYS A 1 39  ? -9.255  7.630   3.648   1.00 30.40  ? 39   CYS A CB    1 
ATOM   82   S  SG    . CYS A 1 39  ? -7.972  8.313   4.805   1.00 32.24  ? 39   CYS A SG    1 
ATOM   83   N  N     . LEU A 1 40  ? -9.730  5.647   1.115   1.00 27.89  ? 40   LEU A N     1 
ATOM   84   C  CA    . LEU A 1 40  ? -10.666 4.850   0.324   1.00 28.37  ? 40   LEU A CA    1 
ATOM   85   C  C     . LEU A 1 40  ? -11.832 4.291   1.128   1.00 28.00  ? 40   LEU A C     1 
ATOM   86   O  O     . LEU A 1 40  ? -11.807 4.271   2.353   1.00 27.09  ? 40   LEU A O     1 
ATOM   87   C  CB    . LEU A 1 40  ? -9.931  3.683   -0.324  1.00 28.55  ? 40   LEU A CB    1 
ATOM   88   C  CG    . LEU A 1 40  ? -9.473  3.785   -1.776  1.00 29.61  ? 40   LEU A CG    1 
ATOM   89   C  CD1   . LEU A 1 40  ? -9.151  5.220   -2.152  1.00 29.41  ? 40   LEU A CD1   1 
ATOM   90   C  CD2   . LEU A 1 40  ? -8.272  2.874   -1.957  1.00 28.04  ? 40   LEU A CD2   1 
ATOM   91   N  N     . THR A 1 41  ? -12.860 3.843   0.417   1.00 30.51  ? 41   THR A N     1 
ATOM   92   C  CA    . THR A 1 41  ? -14.015 3.222   1.053   1.00 31.87  ? 41   THR A CA    1 
ATOM   93   C  C     . THR A 1 41  ? -14.270 1.976   0.227   1.00 31.36  ? 41   THR A C     1 
ATOM   94   O  O     . THR A 1 41  ? -13.814 1.877   -0.911  1.00 30.31  ? 41   THR A O     1 
ATOM   95   C  CB    . THR A 1 41  ? -15.281 4.107   1.011   1.00 31.04  ? 41   THR A CB    1 
ATOM   96   O  OG1   . THR A 1 41  ? -15.913 3.975   -0.266  1.00 33.35  ? 41   THR A OG1   1 
ATOM   97   C  CG2   . THR A 1 41  ? -14.919 5.553   1.235   1.00 31.21  ? 41   THR A CG2   1 
ATOM   98   N  N     . PRO A 1 42  ? -15.001 1.007   0.786   1.00 33.00  ? 42   PRO A N     1 
ATOM   99   C  CA    . PRO A 1 42  ? -15.307 -0.240  0.078   1.00 34.10  ? 42   PRO A CA    1 
ATOM   100  C  C     . PRO A 1 42  ? -15.789 -0.066  -1.367  1.00 33.69  ? 42   PRO A C     1 
ATOM   101  O  O     . PRO A 1 42  ? -15.544 -0.920  -2.214  1.00 33.94  ? 42   PRO A O     1 
ATOM   102  C  CB    . PRO A 1 42  ? -16.353 -0.899  0.976   1.00 34.71  ? 42   PRO A CB    1 
ATOM   103  C  CG    . PRO A 1 42  ? -16.958 0.266   1.717   1.00 35.48  ? 42   PRO A CG    1 
ATOM   104  C  CD    . PRO A 1 42  ? -15.758 1.088   2.042   1.00 34.38  ? 42   PRO A CD    1 
ATOM   105  N  N     . GLU A 1 43  ? -16.455 1.043   -1.653  1.00 34.07  ? 43   GLU A N     1 
ATOM   106  C  CA    . GLU A 1 43  ? -16.950 1.283   -3.006  1.00 35.68  ? 43   GLU A CA    1 
ATOM   107  C  C     . GLU A 1 43  ? -15.809 1.463   -4.006  1.00 33.30  ? 43   GLU A C     1 
ATOM   108  O  O     . GLU A 1 43  ? -15.995 1.287   -5.208  1.00 32.33  ? 43   GLU A O     1 
ATOM   109  C  CB    . GLU A 1 43  ? -17.873 2.503   -2.996  1.00 38.34  ? 43   GLU A CB    1 
ATOM   110  C  CG    . GLU A 1 43  ? -19.040 2.315   -2.041  1.00 42.10  ? 43   GLU A CG    1 
ATOM   111  C  CD    . GLU A 1 43  ? -19.394 3.578   -1.286  1.00 46.82  ? 43   GLU A CD    1 
ATOM   112  O  OE1   . GLU A 1 43  ? -20.139 4.426   -1.833  1.00 47.58  ? 43   GLU A OE1   1 
ATOM   113  O  OE2   . GLU A 1 43  ? -18.908 3.726   -0.138  1.00 49.40  ? 43   GLU A OE2   1 
ATOM   114  N  N     . ASP A 1 44  ? -14.627 1.802   -3.502  1.00 30.46  ? 44   ASP A N     1 
ATOM   115  C  CA    . ASP A 1 44  ? -13.460 1.983   -4.350  1.00 28.83  ? 44   ASP A CA    1 
ATOM   116  C  C     . ASP A 1 44  ? -12.782 0.633   -4.585  1.00 28.89  ? 44   ASP A C     1 
ATOM   117  O  O     . ASP A 1 44  ? -11.747 0.549   -5.245  1.00 27.47  ? 44   ASP A O     1 
ATOM   118  C  CB    . ASP A 1 44  ? -12.458 2.941   -3.687  1.00 30.59  ? 44   ASP A CB    1 
ATOM   119  C  CG    . ASP A 1 44  ? -13.031 4.337   -3.464  1.00 30.77  ? 44   ASP A CG    1 
ATOM   120  O  OD1   . ASP A 1 44  ? -13.399 4.994   -4.458  1.00 32.33  ? 44   ASP A OD1   1 
ATOM   121  O  OD2   . ASP A 1 44  ? -13.112 4.778   -2.294  1.00 32.98  ? 44   ASP A OD2   1 
ATOM   122  N  N     . ALA A 1 45  ? -13.377 -0.426  -4.045  1.00 27.64  ? 45   ALA A N     1 
ATOM   123  C  CA    . ALA A 1 45  ? -12.815 -1.763  -4.171  1.00 27.13  ? 45   ALA A CA    1 
ATOM   124  C  C     . ALA A 1 45  ? -12.600 -2.198  -5.614  1.00 26.85  ? 45   ALA A C     1 
ATOM   125  O  O     . ALA A 1 45  ? -11.538 -2.721  -5.966  1.00 25.25  ? 45   ALA A O     1 
ATOM   126  C  CB    . ALA A 1 45  ? -13.705 -2.768  -3.455  1.00 28.39  ? 45   ALA A CB    1 
ATOM   127  N  N     . ALA A 1 46  ? -13.611 -1.981  -6.446  1.00 26.76  ? 46   ALA A N     1 
ATOM   128  C  CA    . ALA A 1 46  ? -13.542 -2.368  -7.846  1.00 26.33  ? 46   ALA A CA    1 
ATOM   129  C  C     . ALA A 1 46  ? -12.404 -1.660  -8.562  1.00 23.98  ? 46   ALA A C     1 
ATOM   130  O  O     . ALA A 1 46  ? -11.622 -2.290  -9.265  1.00 25.05  ? 46   ALA A O     1 
ATOM   131  C  CB    . ALA A 1 46  ? -14.869 -2.064  -8.542  1.00 27.66  ? 46   ALA A CB    1 
ATOM   132  N  N     . GLY A 1 47  ? -12.313 -0.350  -8.372  1.00 23.65  ? 47   GLY A N     1 
ATOM   133  C  CA    . GLY A 1 47  ? -11.259 0.413   -9.011  1.00 21.57  ? 47   GLY A CA    1 
ATOM   134  C  C     . GLY A 1 47  ? -9.861  -0.064  -8.658  1.00 22.31  ? 47   GLY A C     1 
ATOM   135  O  O     . GLY A 1 47  ? -9.020  -0.262  -9.539  1.00 19.05  ? 47   GLY A O     1 
ATOM   136  N  N     . VAL A 1 48  ? -9.588  -0.262  -7.376  1.00 21.78  ? 48   VAL A N     1 
ATOM   137  C  CA    . VAL A 1 48  ? -8.251  -0.705  -7.015  1.00 23.60  ? 48   VAL A CA    1 
ATOM   138  C  C     . VAL A 1 48  ? -7.917  -2.071  -7.604  1.00 21.28  ? 48   VAL A C     1 
ATOM   139  O  O     . VAL A 1 48  ? -6.786  -2.288  -8.041  1.00 20.98  ? 48   VAL A O     1 
ATOM   140  C  CB    . VAL A 1 48  ? -8.014  -0.725  -5.476  1.00 25.73  ? 48   VAL A CB    1 
ATOM   141  C  CG1   . VAL A 1 48  ? -8.910  0.296   -4.786  1.00 27.44  ? 48   VAL A CG1   1 
ATOM   142  C  CG2   . VAL A 1 48  ? -8.194  -2.105  -4.924  1.00 29.17  ? 48   VAL A CG2   1 
ATOM   143  N  N     . PHE A 1 49  ? -8.883  -2.988  -7.633  1.00 21.96  ? 49   PHE A N     1 
ATOM   144  C  CA    . PHE A 1 49  ? -8.611  -4.306  -8.193  1.00 21.03  ? 49   PHE A CA    1 
ATOM   145  C  C     . PHE A 1 49  ? -8.274  -4.238  -9.673  1.00 21.72  ? 49   PHE A C     1 
ATOM   146  O  O     . PHE A 1 49  ? -7.448  -5.005  -10.153 1.00 21.16  ? 49   PHE A O     1 
ATOM   147  C  CB    . PHE A 1 49  ? -9.784  -5.269  -8.009  1.00 23.11  ? 49   PHE A CB    1 
ATOM   148  C  CG    . PHE A 1 49  ? -9.444  -6.685  -8.384  1.00 23.00  ? 49   PHE A CG    1 
ATOM   149  C  CD1   . PHE A 1 49  ? -8.361  -7.331  -7.782  1.00 24.91  ? 49   PHE A CD1   1 
ATOM   150  C  CD2   . PHE A 1 49  ? -10.176 -7.370  -9.345  1.00 26.37  ? 49   PHE A CD2   1 
ATOM   151  C  CE1   . PHE A 1 49  ? -8.013  -8.643  -8.136  1.00 25.82  ? 49   PHE A CE1   1 
ATOM   152  C  CE2   . PHE A 1 49  ? -9.840  -8.682  -9.707  1.00 24.97  ? 49   PHE A CE2   1 
ATOM   153  C  CZ    . PHE A 1 49  ? -8.755  -9.318  -9.099  1.00 24.71  ? 49   PHE A CZ    1 
ATOM   154  N  N     . GLU A 1 50  ? -8.925  -3.334  -10.402 1.00 23.26  ? 50   GLU A N     1 
ATOM   155  C  CA    . GLU A 1 50  ? -8.642  -3.189  -11.825 1.00 25.48  ? 50   GLU A CA    1 
ATOM   156  C  C     . GLU A 1 50  ? -7.197  -2.733  -11.989 1.00 24.79  ? 50   GLU A C     1 
ATOM   157  O  O     . GLU A 1 50  ? -6.471  -3.225  -12.850 1.00 25.84  ? 50   GLU A O     1 
ATOM   158  C  CB    . GLU A 1 50  ? -9.594  -2.182  -12.468 1.00 28.61  ? 50   GLU A CB    1 
ATOM   159  C  CG    . GLU A 1 50  ? -11.018 -2.703  -12.608 1.00 31.58  ? 50   GLU A CG    1 
ATOM   160  C  CD    . GLU A 1 50  ? -11.076 -4.065  -13.290 1.00 32.53  ? 50   GLU A CD    1 
ATOM   161  O  OE1   . GLU A 1 50  ? -10.514 -4.203  -14.395 1.00 33.52  ? 50   GLU A OE1   1 
ATOM   162  O  OE2   . GLU A 1 50  ? -11.687 -5.001  -12.722 1.00 32.88  ? 50   GLU A OE2   1 
ATOM   163  N  N     . ILE A 1 51  ? -6.768  -1.795  -11.156 1.00 25.14  ? 51   ILE A N     1 
ATOM   164  C  CA    . ILE A 1 51  ? -5.388  -1.341  -11.243 1.00 25.03  ? 51   ILE A CA    1 
ATOM   165  C  C     . ILE A 1 51  ? -4.422  -2.508  -10.958 1.00 25.59  ? 51   ILE A C     1 
ATOM   166  O  O     . ILE A 1 51  ? -3.421  -2.683  -11.660 1.00 25.84  ? 51   ILE A O     1 
ATOM   167  C  CB    . ILE A 1 51  ? -5.123  -0.169  -10.266 1.00 24.20  ? 51   ILE A CB    1 
ATOM   168  C  CG1   . ILE A 1 51  ? -5.863  1.082   -10.758 1.00 23.57  ? 51   ILE A CG1   1 
ATOM   169  C  CG2   . ILE A 1 51  ? -3.627  0.102   -10.161 1.00 24.20  ? 51   ILE A CG2   1 
ATOM   170  C  CD1   . ILE A 1 51  ? -5.655  2.312   -9.905  1.00 21.37  ? 51   ILE A CD1   1 
ATOM   171  N  N     . GLU A 1 52  ? -4.736  -3.323  -9.952  1.00 25.39  ? 52   GLU A N     1 
ATOM   172  C  CA    . GLU A 1 52  ? -3.883  -4.461  -9.594  1.00 25.04  ? 52   GLU A CA    1 
ATOM   173  C  C     . GLU A 1 52  ? -3.760  -5.513  -10.693 1.00 25.42  ? 52   GLU A C     1 
ATOM   174  O  O     . GLU A 1 52  ? -2.712  -6.152  -10.839 1.00 21.97  ? 52   GLU A O     1 
ATOM   175  C  CB    . GLU A 1 52  ? -4.401  -5.169  -8.344  1.00 23.83  ? 52   GLU A CB    1 
ATOM   176  C  CG    . GLU A 1 52  ? -4.271  -4.420  -7.040  1.00 26.64  ? 52   GLU A CG    1 
ATOM   177  C  CD    . GLU A 1 52  ? -4.572  -5.332  -5.856  1.00 29.67  ? 52   GLU A CD    1 
ATOM   178  O  OE1   . GLU A 1 52  ? -3.670  -6.090  -5.426  1.00 26.66  ? 52   GLU A OE1   1 
ATOM   179  O  OE2   . GLU A 1 52  ? -5.724  -5.298  -5.375  1.00 30.27  ? 52   GLU A OE2   1 
ATOM   180  N  N     . ARG A 1 53  ? -4.839  -5.713  -11.443 1.00 26.50  ? 53   ARG A N     1 
ATOM   181  C  CA    . ARG A 1 53  ? -4.839  -6.702  -12.517 1.00 29.50  ? 53   ARG A CA    1 
ATOM   182  C  C     . ARG A 1 53  ? -3.745  -6.434  -13.530 1.00 29.26  ? 53   ARG A C     1 
ATOM   183  O  O     . ARG A 1 53  ? -3.152  -7.364  -14.072 1.00 29.18  ? 53   ARG A O     1 
ATOM   184  C  CB    . ARG A 1 53  ? -6.196  -6.718  -13.215 1.00 30.72  ? 53   ARG A CB    1 
ATOM   185  C  CG    . ARG A 1 53  ? -7.276  -7.249  -12.302 1.00 37.01  ? 53   ARG A CG    1 
ATOM   186  C  CD    . ARG A 1 53  ? -8.656  -7.213  -12.922 1.00 39.97  ? 53   ARG A CD    1 
ATOM   187  N  NE    . ARG A 1 53  ? -8.782  -8.072  -14.098 1.00 43.39  ? 53   ARG A NE    1 
ATOM   188  C  CZ    . ARG A 1 53  ? -8.568  -7.670  -15.346 1.00 44.44  ? 53   ARG A CZ    1 
ATOM   189  N  NH1   . ARG A 1 53  ? -8.215  -6.416  -15.586 1.00 45.42  ? 53   ARG A NH1   1 
ATOM   190  N  NH2   . ARG A 1 53  ? -8.724  -8.522  -16.357 1.00 46.09  ? 53   ARG A NH2   1 
ATOM   191  N  N     . GLU A 1 54  ? -3.478  -5.156  -13.780 1.00 29.67  ? 54   GLU A N     1 
ATOM   192  C  CA    . GLU A 1 54  ? -2.447  -4.769  -14.729 1.00 30.07  ? 54   GLU A CA    1 
ATOM   193  C  C     . GLU A 1 54  ? -1.099  -4.547  -14.048 1.00 30.28  ? 54   GLU A C     1 
ATOM   194  O  O     . GLU A 1 54  ? -0.051  -4.872  -14.604 1.00 30.85  ? 54   GLU A O     1 
ATOM   195  C  CB    . GLU A 1 54  ? -2.874  -3.496  -15.462 1.00 32.30  ? 54   GLU A CB    1 
ATOM   196  C  CG    . GLU A 1 54  ? -1.879  -2.963  -16.490 1.00 33.66  ? 54   GLU A CG    1 
ATOM   197  C  CD    . GLU A 1 54  ? -0.671  -2.280  -15.858 1.00 34.47  ? 54   GLU A CD    1 
ATOM   198  O  OE1   . GLU A 1 54  ? -0.836  -1.641  -14.797 1.00 34.05  ? 54   GLU A OE1   1 
ATOM   199  O  OE2   . GLU A 1 54  ? 0.434   -2.369  -16.429 1.00 33.02  ? 54   GLU A OE2   1 
ATOM   200  N  N     . ALA A 1 55  ? -1.121  -4.002  -12.840 1.00 28.65  ? 55   ALA A N     1 
ATOM   201  C  CA    . ALA A 1 55  ? 0.125   -3.724  -12.132 1.00 28.32  ? 55   ALA A CA    1 
ATOM   202  C  C     . ALA A 1 55  ? 0.823   -4.961  -11.586 1.00 28.33  ? 55   ALA A C     1 
ATOM   203  O  O     . ALA A 1 55  ? 2.050   -5.054  -11.645 1.00 26.90  ? 55   ALA A O     1 
ATOM   204  C  CB    . ALA A 1 55  ? -0.135  -2.732  -10.997 1.00 27.61  ? 55   ALA A CB    1 
ATOM   205  N  N     . PHE A 1 56  ? 0.044   -5.909  -11.062 1.00 27.91  ? 56   PHE A N     1 
ATOM   206  C  CA    . PHE A 1 56  ? 0.614   -7.120  -10.481 1.00 28.55  ? 56   PHE A CA    1 
ATOM   207  C  C     . PHE A 1 56  ? 0.279   -8.436  -11.188 1.00 28.53  ? 56   PHE A C     1 
ATOM   208  O  O     . PHE A 1 56  ? 1.181   -9.190  -11.534 1.00 29.40  ? 56   PHE A O     1 
ATOM   209  C  CB    . PHE A 1 56  ? 0.204   -7.246  -9.009  1.00 27.66  ? 56   PHE A CB    1 
ATOM   210  C  CG    . PHE A 1 56  ? 0.530   -6.037  -8.162  1.00 27.88  ? 56   PHE A CG    1 
ATOM   211  C  CD1   . PHE A 1 56  ? -0.460  -5.116  -7.833  1.00 27.00  ? 56   PHE A CD1   1 
ATOM   212  C  CD2   . PHE A 1 56  ? 1.809   -5.854  -7.645  1.00 27.63  ? 56   PHE A CD2   1 
ATOM   213  C  CE1   . PHE A 1 56  ? -0.180  -4.031  -6.996  1.00 26.34  ? 56   PHE A CE1   1 
ATOM   214  C  CE2   . PHE A 1 56  ? 2.104   -4.775  -6.805  1.00 27.73  ? 56   PHE A CE2   1 
ATOM   215  C  CZ    . PHE A 1 56  ? 1.104   -3.859  -6.477  1.00 27.66  ? 56   PHE A CZ    1 
ATOM   216  N  N     . ILE A 1 57  ? -1.006  -8.717  -11.389 1.00 29.71  ? 57   ILE A N     1 
ATOM   217  C  CA    . ILE A 1 57  ? -1.428  -9.964  -12.029 1.00 29.96  ? 57   ILE A CA    1 
ATOM   218  C  C     . ILE A 1 57  ? -0.864  -10.174 -13.438 1.00 32.37  ? 57   ILE A C     1 
ATOM   219  O  O     . ILE A 1 57  ? -0.421  -11.271 -13.779 1.00 31.06  ? 57   ILE A O     1 
ATOM   220  C  CB    . ILE A 1 57  ? -2.968  -10.058 -12.123 1.00 29.81  ? 57   ILE A CB    1 
ATOM   221  C  CG1   . ILE A 1 57  ? -3.583  -9.971  -10.728 1.00 28.58  ? 57   ILE A CG1   1 
ATOM   222  C  CG2   . ILE A 1 57  ? -3.366  -11.381 -12.776 1.00 32.09  ? 57   ILE A CG2   1 
ATOM   223  C  CD1   . ILE A 1 57  ? -5.089  -9.940  -10.721 1.00 27.16  ? 57   ILE A CD1   1 
ATOM   224  N  N     . SER A 1 58  ? -0.876  -9.121  -14.250 1.00 32.70  ? 58   SER A N     1 
ATOM   225  C  CA    . SER A 1 58  ? -0.383  -9.218  -15.617 1.00 34.35  ? 58   SER A CA    1 
ATOM   226  C  C     . SER A 1 58  ? 1.102   -9.518  -15.644 1.00 35.49  ? 58   SER A C     1 
ATOM   227  O  O     . SER A 1 58  ? 1.634   -9.960  -16.656 1.00 35.96  ? 58   SER A O     1 
ATOM   228  C  CB    . SER A 1 58  ? -0.618  -7.911  -16.365 1.00 32.60  ? 58   SER A CB    1 
ATOM   229  O  OG    . SER A 1 58  ? 0.502   -7.054  -16.210 1.00 32.46  ? 58   SER A OG    1 
ATOM   230  N  N     . VAL A 1 59  ? 1.768   -9.277  -14.524 1.00 36.65  ? 59   VAL A N     1 
ATOM   231  C  CA    . VAL A 1 59  ? 3.200   -9.486  -14.445 1.00 38.43  ? 59   VAL A CA    1 
ATOM   232  C  C     . VAL A 1 59  ? 3.636   -10.712 -13.655 1.00 39.86  ? 59   VAL A C     1 
ATOM   233  O  O     . VAL A 1 59  ? 4.764   -11.169 -13.813 1.00 41.19  ? 59   VAL A O     1 
ATOM   234  C  CB    . VAL A 1 59  ? 3.887   -8.249  -13.828 1.00 39.35  ? 59   VAL A CB    1 
ATOM   235  C  CG1   . VAL A 1 59  ? 5.390   -8.461  -13.762 1.00 40.72  ? 59   VAL A CG1   1 
ATOM   236  C  CG2   . VAL A 1 59  ? 3.548   -7.006  -14.642 1.00 39.39  ? 59   VAL A CG2   1 
ATOM   237  N  N     . SER A 1 60  ? 2.758   -11.255 -12.816 1.00 40.36  ? 60   SER A N     1 
ATOM   238  C  CA    . SER A 1 60  ? 3.136   -12.414 -12.008 1.00 39.94  ? 60   SER A CA    1 
ATOM   239  C  C     . SER A 1 60  ? 2.029   -13.446 -11.867 1.00 39.51  ? 60   SER A C     1 
ATOM   240  O  O     . SER A 1 60  ? 2.235   -14.502 -11.267 1.00 41.44  ? 60   SER A O     1 
ATOM   241  C  CB    . SER A 1 60  ? 3.556   -11.955 -10.617 1.00 40.34  ? 60   SER A CB    1 
ATOM   242  O  OG    . SER A 1 60  ? 2.455   -11.356 -9.954  1.00 41.84  ? 60   SER A OG    1 
ATOM   243  N  N     . GLY A 1 61  ? 0.853   -13.137 -12.402 1.00 37.92  ? 61   GLY A N     1 
ATOM   244  C  CA    . GLY A 1 61  ? -0.255  -14.065 -12.318 1.00 36.87  ? 61   GLY A CA    1 
ATOM   245  C  C     . GLY A 1 61  ? -0.955  -14.044 -10.978 1.00 36.54  ? 61   GLY A C     1 
ATOM   246  O  O     . GLY A 1 61  ? -1.825  -14.872 -10.713 1.00 36.83  ? 61   GLY A O     1 
ATOM   247  N  N     . ASN A 1 62  ? -0.576  -13.098 -10.124 1.00 36.02  ? 62   ASN A N     1 
ATOM   248  C  CA    . ASN A 1 62  ? -1.192  -12.972 -8.810  1.00 33.35  ? 62   ASN A CA    1 
ATOM   249  C  C     . ASN A 1 62  ? -1.089  -11.519 -8.353  1.00 31.30  ? 62   ASN A C     1 
ATOM   250  O  O     . ASN A 1 62  ? -0.392  -10.722 -8.974  1.00 30.07  ? 62   ASN A O     1 
ATOM   251  C  CB    . ASN A 1 62  ? -0.490  -13.907 -7.823  1.00 35.37  ? 62   ASN A CB    1 
ATOM   252  C  CG    . ASN A 1 62  ? -1.198  -13.982 -6.482  1.00 37.44  ? 62   ASN A CG    1 
ATOM   253  O  OD1   . ASN A 1 62  ? -2.368  -13.596 -6.349  1.00 36.62  ? 62   ASN A OD1   1 
ATOM   254  N  ND2   . ASN A 1 62  ? -0.496  -14.496 -5.481  1.00 38.86  ? 62   ASN A ND2   1 
ATOM   255  N  N     . CYS A 1 63  ? -1.796  -11.168 -7.287  1.00 28.25  ? 63   CYS A N     1 
ATOM   256  C  CA    . CYS A 1 63  ? -1.747  -9.806  -6.787  1.00 28.52  ? 63   CYS A CA    1 
ATOM   257  C  C     . CYS A 1 63  ? -1.850  -9.781  -5.272  1.00 27.36  ? 63   CYS A C     1 
ATOM   258  O  O     . CYS A 1 63  ? -2.364  -10.714 -4.657  1.00 26.30  ? 63   CYS A O     1 
ATOM   259  C  CB    . CYS A 1 63  ? -2.867  -8.967  -7.396  1.00 30.70  ? 63   CYS A CB    1 
ATOM   260  S  SG    . CYS A 1 63  ? -4.508  -9.429  -6.863  1.00 32.80  ? 63   CYS A SG    1 
ATOM   261  N  N     . PRO A 1 64  ? -1.345  -8.704  -4.650  1.00 26.24  ? 64   PRO A N     1 
ATOM   262  C  CA    . PRO A 1 64  ? -1.373  -8.552  -3.192  1.00 26.53  ? 64   PRO A CA    1 
ATOM   263  C  C     . PRO A 1 64  ? -2.737  -8.714  -2.516  1.00 27.43  ? 64   PRO A C     1 
ATOM   264  O  O     . PRO A 1 64  ? -2.845  -9.390  -1.494  1.00 27.48  ? 64   PRO A O     1 
ATOM   265  C  CB    . PRO A 1 64  ? -0.761  -7.166  -2.972  1.00 25.14  ? 64   PRO A CB    1 
ATOM   266  C  CG    . PRO A 1 64  ? -0.952  -6.470  -4.293  1.00 26.79  ? 64   PRO A CG    1 
ATOM   267  C  CD    . PRO A 1 64  ? -0.698  -7.545  -5.287  1.00 24.50  ? 64   PRO A CD    1 
ATOM   268  N  N     . LEU A 1 65  ? -3.777  -8.111  -3.086  1.00 26.93  ? 65   LEU A N     1 
ATOM   269  C  CA    . LEU A 1 65  ? -5.111  -8.198  -2.500  1.00 25.83  ? 65   LEU A CA    1 
ATOM   270  C  C     . LEU A 1 65  ? -6.173  -8.467  -3.555  1.00 24.77  ? 65   LEU A C     1 
ATOM   271  O  O     . LEU A 1 65  ? -6.249  -7.753  -4.553  1.00 23.34  ? 65   LEU A O     1 
ATOM   272  C  CB    . LEU A 1 65  ? -5.457  -6.883  -1.782  1.00 26.98  ? 65   LEU A CB    1 
ATOM   273  C  CG    . LEU A 1 65  ? -4.524  -6.341  -0.689  1.00 26.66  ? 65   LEU A CG    1 
ATOM   274  C  CD1   . LEU A 1 65  ? -4.766  -4.864  -0.482  1.00 23.99  ? 65   LEU A CD1   1 
ATOM   275  C  CD2   . LEU A 1 65  ? -4.746  -7.097  0.613   1.00 25.00  ? 65   LEU A CD2   1 
ATOM   276  N  N     . ASN A 1 66  ? -6.985  -9.506  -3.351  1.00 24.91  ? 66   ASN A N     1 
ATOM   277  C  CA    . ASN A 1 66  ? -8.064  -9.770  -4.295  1.00 23.24  ? 66   ASN A CA    1 
ATOM   278  C  C     . ASN A 1 66  ? -9.246  -8.917  -3.824  1.00 24.64  ? 66   ASN A C     1 
ATOM   279  O  O     . ASN A 1 66  ? -9.239  -8.388  -2.707  1.00 23.15  ? 66   ASN A O     1 
ATOM   280  C  CB    . ASN A 1 66  ? -8.435  -11.260 -4.353  1.00 24.11  ? 66   ASN A CB    1 
ATOM   281  C  CG    . ASN A 1 66  ? -8.962  -11.795 -3.039  1.00 24.12  ? 66   ASN A CG    1 
ATOM   282  O  OD1   . ASN A 1 66  ? -9.475  -11.049 -2.205  1.00 25.34  ? 66   ASN A OD1   1 
ATOM   283  N  ND2   . ASN A 1 66  ? -8.857  -13.106 -2.858  1.00 23.13  ? 66   ASN A ND2   1 
ATOM   284  N  N     . LEU A 1 67  ? -10.257 -8.772  -4.670  1.00 24.43  ? 67   LEU A N     1 
ATOM   285  C  CA    . LEU A 1 67  ? -11.400 -7.938  -4.325  1.00 26.08  ? 67   LEU A CA    1 
ATOM   286  C  C     . LEU A 1 67  ? -11.908 -8.103  -2.896  1.00 28.13  ? 67   LEU A C     1 
ATOM   287  O  O     . LEU A 1 67  ? -12.243 -7.117  -2.233  1.00 29.19  ? 67   LEU A O     1 
ATOM   288  C  CB    . LEU A 1 67  ? -12.542 -8.181  -5.305  1.00 26.66  ? 67   LEU A CB    1 
ATOM   289  C  CG    . LEU A 1 67  ? -13.777 -7.290  -5.149  1.00 27.28  ? 67   LEU A CG    1 
ATOM   290  C  CD1   . LEU A 1 67  ? -13.464 -5.865  -5.566  1.00 27.19  ? 67   LEU A CD1   1 
ATOM   291  C  CD2   . LEU A 1 67  ? -14.900 -7.857  -6.014  1.00 28.96  ? 67   LEU A CD2   1 
ATOM   292  N  N     . ASP A 1 68  ? -11.971 -9.337  -2.407  1.00 29.51  ? 68   ASP A N     1 
ATOM   293  C  CA    . ASP A 1 68  ? -12.464 -9.558  -1.052  1.00 31.18  ? 68   ASP A CA    1 
ATOM   294  C  C     . ASP A 1 68  ? -11.517 -9.030  0.028   1.00 30.19  ? 68   ASP A C     1 
ATOM   295  O  O     . ASP A 1 68  ? -11.953 -8.514  1.061   1.00 30.03  ? 68   ASP A O     1 
ATOM   296  C  CB    . ASP A 1 68  ? -12.715 -11.040 -0.827  1.00 35.42  ? 68   ASP A CB    1 
ATOM   297  C  CG    . ASP A 1 68  ? -14.037 -11.297 -0.150  1.00 40.85  ? 68   ASP A CG    1 
ATOM   298  O  OD1   . ASP A 1 68  ? -15.090 -11.194 -0.830  1.00 42.37  ? 68   ASP A OD1   1 
ATOM   299  O  OD2   . ASP A 1 68  ? -14.021 -11.589 1.070   1.00 45.25  ? 68   ASP A OD2   1 
ATOM   300  N  N     . GLU A 1 69  ? -10.220 -9.160  -0.211  1.00 27.75  ? 69   GLU A N     1 
ATOM   301  C  CA    . GLU A 1 69  ? -9.238  -8.686  0.750   1.00 28.53  ? 69   GLU A CA    1 
ATOM   302  C  C     . GLU A 1 69  ? -9.172  -7.158  0.791   1.00 28.61  ? 69   GLU A C     1 
ATOM   303  O  O     . GLU A 1 69  ? -8.914  -6.576  1.842   1.00 25.64  ? 69   GLU A O     1 
ATOM   304  C  CB    . GLU A 1 69  ? -7.867  -9.301  0.446   1.00 27.31  ? 69   GLU A CB    1 
ATOM   305  C  CG    . GLU A 1 69  ? -7.878  -10.822 0.622   1.00 28.85  ? 69   GLU A CG    1 
ATOM   306  C  CD    . GLU A 1 69  ? -6.592  -11.518 0.199   1.00 31.42  ? 69   GLU A CD    1 
ATOM   307  O  OE1   . GLU A 1 69  ? -5.985  -11.094 -0.809  1.00 31.55  ? 69   GLU A OE1   1 
ATOM   308  O  OE2   . GLU A 1 69  ? -6.205  -12.510 0.863   1.00 31.49  ? 69   GLU A OE2   1 
ATOM   309  N  N     . VAL A 1 70  ? -9.418  -6.496  -0.338  1.00 29.29  ? 70   VAL A N     1 
ATOM   310  C  CA    . VAL A 1 70  ? -9.381  -5.040  -0.318  1.00 29.07  ? 70   VAL A CA    1 
ATOM   311  C  C     . VAL A 1 70  ? -10.632 -4.517  0.390   1.00 29.03  ? 70   VAL A C     1 
ATOM   312  O  O     . VAL A 1 70  ? -10.564 -3.537  1.132   1.00 28.85  ? 70   VAL A O     1 
ATOM   313  C  CB    . VAL A 1 70  ? -9.290  -4.415  -1.745  1.00 29.98  ? 70   VAL A CB    1 
ATOM   314  C  CG1   . VAL A 1 70  ? -8.239  -5.149  -2.577  1.00 30.07  ? 70   VAL A CG1   1 
ATOM   315  C  CG2   . VAL A 1 70  ? -10.642 -4.427  -2.417  1.00 33.04  ? 70   VAL A CG2   1 
ATOM   316  N  N     . GLN A 1 71  ? -11.774 -5.169  0.172   1.00 29.15  ? 71   GLN A N     1 
ATOM   317  C  CA    . GLN A 1 71  ? -13.005 -4.730  0.825   1.00 29.78  ? 71   GLN A CA    1 
ATOM   318  C  C     . GLN A 1 71  ? -12.834 -4.875  2.319   1.00 29.18  ? 71   GLN A C     1 
ATOM   319  O  O     . GLN A 1 71  ? -13.257 -4.026  3.097   1.00 29.13  ? 71   GLN A O     1 
ATOM   320  C  CB    . GLN A 1 71  ? -14.193 -5.565  0.368   1.00 31.94  ? 71   GLN A CB    1 
ATOM   321  C  CG    . GLN A 1 71  ? -14.585 -5.294  -1.060  1.00 37.32  ? 71   GLN A CG    1 
ATOM   322  C  CD    . GLN A 1 71  ? -15.844 -6.021  -1.448  1.00 40.88  ? 71   GLN A CD    1 
ATOM   323  O  OE1   . GLN A 1 71  ? -15.971 -7.225  -1.225  1.00 44.23  ? 71   GLN A OE1   1 
ATOM   324  N  NE2   . GLN A 1 71  ? -16.791 -5.294  -2.040  1.00 42.20  ? 71   GLN A NE2   1 
ATOM   325  N  N     . HIS A 1 72  ? -12.200 -5.975  2.700   1.00 29.31  ? 72   HIS A N     1 
ATOM   326  C  CA    . HIS A 1 72  ? -11.920 -6.280  4.093   1.00 29.31  ? 72   HIS A CA    1 
ATOM   327  C  C     . HIS A 1 72  ? -11.191 -5.099  4.748   1.00 27.87  ? 72   HIS A C     1 
ATOM   328  O  O     . HIS A 1 72  ? -11.728 -4.446  5.645   1.00 27.79  ? 72   HIS A O     1 
ATOM   329  C  CB    . HIS A 1 72  ? -11.062 -7.550  4.157   1.00 29.84  ? 72   HIS A CB    1 
ATOM   330  C  CG    . HIS A 1 72  ? -10.611 -7.914  5.539   1.00 33.23  ? 72   HIS A CG    1 
ATOM   331  N  ND1   . HIS A 1 72  ? -11.481 -8.320  6.529   1.00 33.90  ? 72   HIS A ND1   1 
ATOM   332  C  CD2   . HIS A 1 72  ? -9.372  -7.959  6.084   1.00 32.02  ? 72   HIS A CD2   1 
ATOM   333  C  CE1   . HIS A 1 72  ? -10.795 -8.603  7.623   1.00 33.69  ? 72   HIS A CE1   1 
ATOM   334  N  NE2   . HIS A 1 72  ? -9.514  -8.392  7.380   1.00 32.00  ? 72   HIS A NE2   1 
ATOM   335  N  N     . PHE A 1 73  ? -9.980  -4.807  4.288   1.00 26.03  ? 73   PHE A N     1 
ATOM   336  C  CA    . PHE A 1 73  ? -9.220  -3.711  4.884   1.00 26.54  ? 73   PHE A CA    1 
ATOM   337  C  C     . PHE A 1 73  ? -9.889  -2.351  4.734   1.00 26.78  ? 73   PHE A C     1 
ATOM   338  O  O     . PHE A 1 73  ? -9.758  -1.508  5.618   1.00 27.12  ? 73   PHE A O     1 
ATOM   339  C  CB    . PHE A 1 73  ? -7.787  -3.649  4.326   1.00 26.41  ? 73   PHE A CB    1 
ATOM   340  C  CG    . PHE A 1 73  ? -6.932  -4.829  4.716   1.00 25.43  ? 73   PHE A CG    1 
ATOM   341  C  CD1   . PHE A 1 73  ? -6.807  -5.207  6.049   1.00 24.28  ? 73   PHE A CD1   1 
ATOM   342  C  CD2   . PHE A 1 73  ? -6.272  -5.579  3.747   1.00 26.22  ? 73   PHE A CD2   1 
ATOM   343  C  CE1   . PHE A 1 73  ? -6.046  -6.316  6.413   1.00 26.22  ? 73   PHE A CE1   1 
ATOM   344  C  CE2   . PHE A 1 73  ? -5.507  -6.691  4.096   1.00 24.63  ? 73   PHE A CE2   1 
ATOM   345  C  CZ    . PHE A 1 73  ? -5.394  -7.060  5.435   1.00 27.21  ? 73   PHE A CZ    1 
ATOM   346  N  N     . LEU A 1 74  ? -10.609 -2.121  3.639   1.00 27.29  ? 74   LEU A N     1 
ATOM   347  C  CA    . LEU A 1 74  ? -11.266 -0.822  3.477   1.00 26.76  ? 74   LEU A CA    1 
ATOM   348  C  C     . LEU A 1 74  ? -12.496 -0.705  4.366   1.00 28.17  ? 74   LEU A C     1 
ATOM   349  O  O     . LEU A 1 74  ? -13.117 0.354   4.440   1.00 29.06  ? 74   LEU A O     1 
ATOM   350  C  CB    . LEU A 1 74  ? -11.658 -0.575  2.018   1.00 27.22  ? 74   LEU A CB    1 
ATOM   351  C  CG    . LEU A 1 74  ? -10.495 -0.335  1.057   1.00 28.44  ? 74   LEU A CG    1 
ATOM   352  C  CD1   . LEU A 1 74  ? -11.025 0.018   -0.323  1.00 27.34  ? 74   LEU A CD1   1 
ATOM   353  C  CD2   . LEU A 1 74  ? -9.618  0.786   1.595   1.00 29.90  ? 74   LEU A CD2   1 
ATOM   354  N  N     . THR A 1 75  ? -12.844 -1.803  5.032   1.00 28.31  ? 75   THR A N     1 
ATOM   355  C  CA    . THR A 1 75  ? -13.981 -1.831  5.941   1.00 28.00  ? 75   THR A CA    1 
ATOM   356  C  C     . THR A 1 75  ? -13.512 -1.627  7.370   1.00 28.01  ? 75   THR A C     1 
ATOM   357  O  O     . THR A 1 75  ? -14.002 -0.738  8.055   1.00 26.89  ? 75   THR A O     1 
ATOM   358  C  CB    . THR A 1 75  ? -14.744 -3.165  5.868   1.00 27.86  ? 75   THR A CB    1 
ATOM   359  O  OG1   . THR A 1 75  ? -15.401 -3.264  4.607   1.00 26.53  ? 75   THR A OG1   1 
ATOM   360  C  CG2   . THR A 1 75  ? -15.790 -3.248  6.976   1.00 29.11  ? 75   THR A CG2   1 
ATOM   361  N  N     . LEU A 1 76  ? -12.560 -2.440  7.826   1.00 27.11  ? 76   LEU A N     1 
ATOM   362  C  CA    . LEU A 1 76  ? -12.088 -2.286  9.193   1.00 28.49  ? 76   LEU A CA    1 
ATOM   363  C  C     . LEU A 1 76  ? -11.083 -1.153  9.418   1.00 28.45  ? 76   LEU A C     1 
ATOM   364  O  O     . LEU A 1 76  ? -11.017 -0.611  10.516  1.00 26.83  ? 76   LEU A O     1 
ATOM   365  C  CB    . LEU A 1 76  ? -11.516 -3.598  9.752   1.00 31.12  ? 76   LEU A CB    1 
ATOM   366  C  CG    . LEU A 1 76  ? -11.477 -4.879  8.930   1.00 32.70  ? 76   LEU A CG    1 
ATOM   367  C  CD1   . LEU A 1 76  ? -10.295 -4.804  7.978   1.00 35.29  ? 76   LEU A CD1   1 
ATOM   368  C  CD2   . LEU A 1 76  ? -11.326 -6.081  9.852   1.00 32.81  ? 76   LEU A CD2   1 
ATOM   369  N  N     . CYS A 1 77  ? -10.305 -0.779  8.405   1.00 27.61  ? 77   CYS A N     1 
ATOM   370  C  CA    . CYS A 1 77  ? -9.355  0.311   8.599   1.00 27.97  ? 77   CYS A CA    1 
ATOM   371  C  C     . CYS A 1 77  ? -9.123  1.198   7.380   1.00 27.88  ? 77   CYS A C     1 
ATOM   372  O  O     . CYS A 1 77  ? -8.026  1.255   6.843   1.00 27.61  ? 77   CYS A O     1 
ATOM   373  C  CB    . CYS A 1 77  ? -8.016  -0.227  9.125   1.00 27.28  ? 77   CYS A CB    1 
ATOM   374  S  SG    . CYS A 1 77  ? -7.395  -1.708  8.313   1.00 26.98  ? 77   CYS A SG    1 
ATOM   375  N  N     . PRO A 1 78  ? -10.165 1.923   6.949   1.00 28.41  ? 78   PRO A N     1 
ATOM   376  C  CA    . PRO A 1 78  ? -10.129 2.832   5.797   1.00 27.70  ? 78   PRO A CA    1 
ATOM   377  C  C     . PRO A 1 78  ? -9.142  3.975   6.016   1.00 28.76  ? 78   PRO A C     1 
ATOM   378  O  O     . PRO A 1 78  ? -8.603  4.542   5.061   1.00 28.10  ? 78   PRO A O     1 
ATOM   379  C  CB    . PRO A 1 78  ? -11.565 3.357   5.719   1.00 28.03  ? 78   PRO A CB    1 
ATOM   380  C  CG    . PRO A 1 78  ? -12.378 2.289   6.394   1.00 29.56  ? 78   PRO A CG    1 
ATOM   381  C  CD    . PRO A 1 78  ? -11.509 1.897   7.553   1.00 29.33  ? 78   PRO A CD    1 
ATOM   382  N  N     . GLU A 1 79  ? -8.911  4.312   7.281   1.00 28.07  ? 79   GLU A N     1 
ATOM   383  C  CA    . GLU A 1 79  ? -8.007  5.404   7.625   1.00 28.22  ? 79   GLU A CA    1 
ATOM   384  C  C     . GLU A 1 79  ? -6.560  5.053   7.279   1.00 25.67  ? 79   GLU A C     1 
ATOM   385  O  O     . GLU A 1 79  ? -5.689  5.934   7.206   1.00 24.90  ? 79   GLU A O     1 
ATOM   386  C  CB    . GLU A 1 79  ? -8.131  5.741   9.121   1.00 29.54  ? 79   GLU A CB    1 
ATOM   387  C  CG    . GLU A 1 79  ? -7.640  4.644   10.048  1.00 32.73  ? 79   GLU A CG    1 
ATOM   388  C  CD    . GLU A 1 79  ? -8.734  3.684   10.494  1.00 34.49  ? 79   GLU A CD    1 
ATOM   389  O  OE1   . GLU A 1 79  ? -9.674  3.403   9.717   1.00 34.84  ? 79   GLU A OE1   1 
ATOM   390  O  OE2   . GLU A 1 79  ? -8.637  3.186   11.635  1.00 36.94  ? 79   GLU A OE2   1 
ATOM   391  N  N     . LEU A 1 80  ? -6.308  3.765   7.080   1.00 24.01  ? 80   LEU A N     1 
ATOM   392  C  CA    . LEU A 1 80  ? -4.980  3.305   6.725   1.00 21.95  ? 80   LEU A CA    1 
ATOM   393  C  C     . LEU A 1 80  ? -4.847  3.133   5.212   1.00 22.08  ? 80   LEU A C     1 
ATOM   394  O  O     . LEU A 1 80  ? -3.974  2.411   4.729   1.00 21.19  ? 80   LEU A O     1 
ATOM   395  C  CB    . LEU A 1 80  ? -4.657  1.993   7.448   1.00 21.33  ? 80   LEU A CB    1 
ATOM   396  C  CG    . LEU A 1 80  ? -4.386  2.131   8.954   1.00 21.11  ? 80   LEU A CG    1 
ATOM   397  C  CD1   . LEU A 1 80  ? -3.995  0.788   9.523   1.00 24.51  ? 80   LEU A CD1   1 
ATOM   398  C  CD2   . LEU A 1 80  ? -3.278  3.162   9.204   1.00 20.48  ? 80   LEU A CD2   1 
ATOM   399  N  N     . SER A 1 81  ? -5.719  3.797   4.466   1.00 22.25  ? 81   SER A N     1 
ATOM   400  C  CA    . SER A 1 81  ? -5.660  3.743   3.012   1.00 20.56  ? 81   SER A CA    1 
ATOM   401  C  C     . SER A 1 81  ? -5.565  5.160   2.452   1.00 22.91  ? 81   SER A C     1 
ATOM   402  O  O     . SER A 1 81  ? -5.897  6.134   3.130   1.00 21.30  ? 81   SER A O     1 
ATOM   403  C  CB    . SER A 1 81  ? -6.901  3.054   2.436   1.00 23.70  ? 81   SER A CB    1 
ATOM   404  O  OG    . SER A 1 81  ? -8.004  3.938   2.362   1.00 25.86  ? 81   SER A OG    1 
ATOM   405  N  N     . LEU A 1 82  ? -5.115  5.270   1.205   1.00 21.23  ? 82   LEU A N     1 
ATOM   406  C  CA    . LEU A 1 82  ? -5.003  6.572   0.560   1.00 22.18  ? 82   LEU A CA    1 
ATOM   407  C  C     . LEU A 1 82  ? -5.109  6.387   -0.947  1.00 22.65  ? 82   LEU A C     1 
ATOM   408  O  O     . LEU A 1 82  ? -4.550  5.431   -1.490  1.00 22.49  ? 82   LEU A O     1 
ATOM   409  C  CB    . LEU A 1 82  ? -3.664  7.221   0.909   1.00 23.09  ? 82   LEU A CB    1 
ATOM   410  C  CG    . LEU A 1 82  ? -3.529  8.704   0.565   1.00 25.02  ? 82   LEU A CG    1 
ATOM   411  C  CD1   . LEU A 1 82  ? -4.677  9.468   1.214   1.00 26.92  ? 82   LEU A CD1   1 
ATOM   412  C  CD2   . LEU A 1 82  ? -2.188  9.241   1.059   1.00 25.56  ? 82   LEU A CD2   1 
ATOM   413  N  N     . GLY A 1 83  ? -5.833  7.293   -1.608  1.00 20.36  ? 83   GLY A N     1 
ATOM   414  C  CA    . GLY A 1 83  ? -6.009  7.216   -3.051  1.00 19.58  ? 83   GLY A CA    1 
ATOM   415  C  C     . GLY A 1 83  ? -5.945  8.566   -3.749  1.00 19.77  ? 83   GLY A C     1 
ATOM   416  O  O     . GLY A 1 83  ? -6.335  9.593   -3.198  1.00 19.54  ? 83   GLY A O     1 
ATOM   417  N  N     . TRP A 1 84  ? -5.437  8.562   -4.974  1.00 19.03  ? 84   TRP A N     1 
ATOM   418  C  CA    . TRP A 1 84  ? -5.324  9.782   -5.763  1.00 20.21  ? 84   TRP A CA    1 
ATOM   419  C  C     . TRP A 1 84  ? -6.362  9.649   -6.863  1.00 20.35  ? 84   TRP A C     1 
ATOM   420  O  O     . TRP A 1 84  ? -6.395  8.642   -7.562  1.00 21.24  ? 84   TRP A O     1 
ATOM   421  C  CB    . TRP A 1 84  ? -3.930  9.885   -6.389  1.00 20.06  ? 84   TRP A CB    1 
ATOM   422  C  CG    . TRP A 1 84  ? -3.604  11.211  -7.059  1.00 18.29  ? 84   TRP A CG    1 
ATOM   423  C  CD1   . TRP A 1 84  ? -4.442  11.994  -7.817  1.00 17.11  ? 84   TRP A CD1   1 
ATOM   424  C  CD2   . TRP A 1 84  ? -2.331  11.854  -7.083  1.00 18.18  ? 84   TRP A CD2   1 
ATOM   425  N  NE1   . TRP A 1 84  ? -3.761  13.086  -8.306  1.00 18.41  ? 84   TRP A NE1   1 
ATOM   426  C  CE2   . TRP A 1 84  ? -2.463  13.025  -7.872  1.00 18.17  ? 84   TRP A CE2   1 
ATOM   427  C  CE3   . TRP A 1 84  ? -1.081  11.556  -6.513  1.00 20.02  ? 84   TRP A CE3   1 
ATOM   428  C  CZ2   . TRP A 1 84  ? -1.397  13.892  -8.103  1.00 18.97  ? 84   TRP A CZ2   1 
ATOM   429  C  CZ3   . TRP A 1 84  ? -0.025  12.417  -6.741  1.00 19.67  ? 84   TRP A CZ3   1 
ATOM   430  C  CH2   . TRP A 1 84  ? -0.190  13.576  -7.531  1.00 19.71  ? 84   TRP A CH2   1 
ATOM   431  N  N     . PHE A 1 85  ? -7.226  10.646  -6.994  1.00 19.85  ? 85   PHE A N     1 
ATOM   432  C  CA    . PHE A 1 85  ? -8.242  10.610  -8.032  1.00 21.61  ? 85   PHE A CA    1 
ATOM   433  C  C     . PHE A 1 85  ? -8.036  11.791  -8.965  1.00 23.01  ? 85   PHE A C     1 
ATOM   434  O  O     . PHE A 1 85  ? -7.803  12.918  -8.523  1.00 23.85  ? 85   PHE A O     1 
ATOM   435  C  CB    . PHE A 1 85  ? -9.656  10.664  -7.430  1.00 19.80  ? 85   PHE A CB    1 
ATOM   436  C  CG    . PHE A 1 85  ? -10.038 9.430   -6.648  1.00 20.37  ? 85   PHE A CG    1 
ATOM   437  C  CD1   . PHE A 1 85  ? -9.503  9.196   -5.387  1.00 20.28  ? 85   PHE A CD1   1 
ATOM   438  C  CD2   . PHE A 1 85  ? -10.946 8.511   -7.175  1.00 20.67  ? 85   PHE A CD2   1 
ATOM   439  C  CE1   . PHE A 1 85  ? -9.864  8.065   -4.657  1.00 19.21  ? 85   PHE A CE1   1 
ATOM   440  C  CE2   . PHE A 1 85  ? -11.316 7.381   -6.456  1.00 22.54  ? 85   PHE A CE2   1 
ATOM   441  C  CZ    . PHE A 1 85  ? -10.772 7.159   -5.188  1.00 21.16  ? 85   PHE A CZ    1 
ATOM   442  N  N     . VAL A 1 86  ? -8.091  11.515  -10.261 1.00 24.24  ? 86   VAL A N     1 
ATOM   443  C  CA    . VAL A 1 86  ? -7.946  12.547  -11.275 1.00 24.21  ? 86   VAL A CA    1 
ATOM   444  C  C     . VAL A 1 86  ? -9.241  12.554  -12.069 1.00 25.00  ? 86   VAL A C     1 
ATOM   445  O  O     . VAL A 1 86  ? -9.605  11.546  -12.664 1.00 23.20  ? 86   VAL A O     1 
ATOM   446  C  CB    . VAL A 1 86  ? -6.787  12.246  -12.248 1.00 24.71  ? 86   VAL A CB    1 
ATOM   447  C  CG1   . VAL A 1 86  ? -6.757  13.307  -13.341 1.00 25.12  ? 86   VAL A CG1   1 
ATOM   448  C  CG2   . VAL A 1 86  ? -5.450  12.239  -11.500 1.00 24.94  ? 86   VAL A CG2   1 
ATOM   449  N  N     . GLU A 1 87  ? -9.944  13.682  -12.059 1.00 26.86  ? 87   GLU A N     1 
ATOM   450  C  CA    . GLU A 1 87  ? -11.202 13.807  -12.794 1.00 26.96  ? 87   GLU A CA    1 
ATOM   451  C  C     . GLU A 1 87  ? -12.171 12.668  -12.444 1.00 27.48  ? 87   GLU A C     1 
ATOM   452  O  O     . GLU A 1 87  ? -12.798 12.079  -13.334 1.00 24.33  ? 87   GLU A O     1 
ATOM   453  C  CB    . GLU A 1 87  ? -10.923 13.798  -14.303 1.00 30.71  ? 87   GLU A CB    1 
ATOM   454  C  CG    . GLU A 1 87  ? -9.734  14.665  -14.734 1.00 34.10  ? 87   GLU A CG    1 
ATOM   455  C  CD    . GLU A 1 87  ? -10.096 16.113  -14.955 1.00 36.44  ? 87   GLU A CD    1 
ATOM   456  O  OE1   . GLU A 1 87  ? -9.183  16.975  -14.886 1.00 39.03  ? 87   GLU A OE1   1 
ATOM   457  O  OE2   . GLU A 1 87  ? -11.287 16.394  -15.217 1.00 36.86  ? 87   GLU A OE2   1 
ATOM   458  N  N     . GLY A 1 88  ? -12.277 12.359  -11.152 1.00 26.72  ? 88   GLY A N     1 
ATOM   459  C  CA    . GLY A 1 88  ? -13.186 11.319  -10.702 1.00 27.51  ? 88   GLY A CA    1 
ATOM   460  C  C     . GLY A 1 88  ? -12.775 9.865   -10.895 1.00 28.23  ? 88   GLY A C     1 
ATOM   461  O  O     . GLY A 1 88  ? -13.596 8.969   -10.705 1.00 30.34  ? 88   GLY A O     1 
ATOM   462  N  N     . ARG A 1 89  ? -11.525 9.616   -11.265 1.00 26.87  ? 89   ARG A N     1 
ATOM   463  C  CA    . ARG A 1 89  ? -11.057 8.244   -11.473 1.00 25.80  ? 89   ARG A CA    1 
ATOM   464  C  C     . ARG A 1 89  ? -9.811  7.984   -10.629 1.00 24.64  ? 89   ARG A C     1 
ATOM   465  O  O     . ARG A 1 89  ? -8.925  8.825   -10.548 1.00 24.27  ? 89   ARG A O     1 
ATOM   466  C  CB    . ARG A 1 89  ? -10.728 8.021   -12.958 1.00 27.24  ? 89   ARG A CB    1 
ATOM   467  C  CG    . ARG A 1 89  ? -11.855 8.404   -13.929 1.00 27.39  ? 89   ARG A CG    1 
ATOM   468  C  CD    . ARG A 1 89  ? -12.884 7.291   -14.075 1.00 27.65  ? 89   ARG A CD    1 
ATOM   469  N  NE    . ARG A 1 89  ? -13.980 7.683   -14.964 1.00 29.30  ? 89   ARG A NE    1 
ATOM   470  C  CZ    . ARG A 1 89  ? -15.074 8.327   -14.572 1.00 30.13  ? 89   ARG A CZ    1 
ATOM   471  N  NH1   . ARG A 1 89  ? -15.232 8.652   -13.294 1.00 30.43  ? 89   ARG A NH1   1 
ATOM   472  N  NH2   . ARG A 1 89  ? -16.012 8.652   -15.456 1.00 26.33  ? 89   ARG A NH2   1 
ATOM   473  N  N     . LEU A 1 90  ? -9.763  6.820   -9.989  1.00 23.76  ? 90   LEU A N     1 
ATOM   474  C  CA    . LEU A 1 90  ? -8.627  6.431   -9.156  1.00 23.45  ? 90   LEU A CA    1 
ATOM   475  C  C     . LEU A 1 90  ? -7.388  6.217   -10.036 1.00 22.73  ? 90   LEU A C     1 
ATOM   476  O  O     . LEU A 1 90  ? -7.456  5.489   -11.016 1.00 24.29  ? 90   LEU A O     1 
ATOM   477  C  CB    . LEU A 1 90  ? -8.963  5.120   -8.432  1.00 22.88  ? 90   LEU A CB    1 
ATOM   478  C  CG    . LEU A 1 90  ? -7.923  4.510   -7.493  1.00 23.42  ? 90   LEU A CG    1 
ATOM   479  C  CD1   . LEU A 1 90  ? -7.720  5.426   -6.309  1.00 19.67  ? 90   LEU A CD1   1 
ATOM   480  C  CD2   . LEU A 1 90  ? -8.400  3.122   -7.030  1.00 22.25  ? 90   LEU A CD2   1 
ATOM   481  N  N     . VAL A 1 91  ? -6.266  6.853   -9.704  1.00 22.15  ? 91   VAL A N     1 
ATOM   482  C  CA    . VAL A 1 91  ? -5.050  6.661   -10.498 1.00 21.72  ? 91   VAL A CA    1 
ATOM   483  C  C     . VAL A 1 91  ? -3.878  6.143   -9.670  1.00 21.09  ? 91   VAL A C     1 
ATOM   484  O  O     . VAL A 1 91  ? -2.860  5.744   -10.222 1.00 20.22  ? 91   VAL A O     1 
ATOM   485  C  CB    . VAL A 1 91  ? -4.604  7.958   -11.236 1.00 21.38  ? 91   VAL A CB    1 
ATOM   486  C  CG1   . VAL A 1 91  ? -5.703  8.417   -12.171 1.00 21.78  ? 91   VAL A CG1   1 
ATOM   487  C  CG2   . VAL A 1 91  ? -4.251  9.054   -10.244 1.00 20.87  ? 91   VAL A CG2   1 
ATOM   488  N  N     . ALA A 1 92  ? -4.024  6.147   -8.350  1.00 18.17  ? 92   ALA A N     1 
ATOM   489  C  CA    . ALA A 1 92  ? -2.972  5.641   -7.470  1.00 20.36  ? 92   ALA A CA    1 
ATOM   490  C  C     . ALA A 1 92  ? -3.568  5.333   -6.099  1.00 20.49  ? 92   ALA A C     1 
ATOM   491  O  O     . ALA A 1 92  ? -4.480  6.035   -5.638  1.00 19.27  ? 92   ALA A O     1 
ATOM   492  C  CB    . ALA A 1 92  ? -1.856  6.662   -7.341  1.00 19.25  ? 92   ALA A CB    1 
ATOM   493  N  N     . PHE A 1 93  ? -3.059  4.288   -5.452  1.00 19.83  ? 93   PHE A N     1 
ATOM   494  C  CA    . PHE A 1 93  ? -3.571  3.895   -4.143  1.00 19.86  ? 93   PHE A CA    1 
ATOM   495  C  C     . PHE A 1 93  ? -2.563  3.155   -3.281  1.00 20.23  ? 93   PHE A C     1 
ATOM   496  O  O     . PHE A 1 93  ? -1.602  2.560   -3.775  1.00 17.06  ? 93   PHE A O     1 
ATOM   497  C  CB    . PHE A 1 93  ? -4.781  2.978   -4.301  1.00 21.07  ? 93   PHE A CB    1 
ATOM   498  C  CG    . PHE A 1 93  ? -4.428  1.609   -4.796  1.00 22.93  ? 93   PHE A CG    1 
ATOM   499  C  CD1   . PHE A 1 93  ? -4.071  0.600   -3.905  1.00 22.91  ? 93   PHE A CD1   1 
ATOM   500  C  CD2   . PHE A 1 93  ? -4.399  1.339   -6.158  1.00 23.78  ? 93   PHE A CD2   1 
ATOM   501  C  CE1   . PHE A 1 93  ? -3.686  -0.655  -4.369  1.00 24.52  ? 93   PHE A CE1   1 
ATOM   502  C  CE2   . PHE A 1 93  ? -4.014  0.081   -6.633  1.00 25.53  ? 93   PHE A CE2   1 
ATOM   503  C  CZ    . PHE A 1 93  ? -3.658  -0.913  -5.739  1.00 23.99  ? 93   PHE A CZ    1 
ATOM   504  N  N     . ILE A 1 94  ? -2.834  3.191   -1.982  1.00 17.81  ? 94   ILE A N     1 
ATOM   505  C  CA    . ILE A 1 94  ? -2.055  2.501   -0.978  1.00 18.91  ? 94   ILE A CA    1 
ATOM   506  C  C     . ILE A 1 94  ? -3.119  1.920   -0.053  1.00 19.06  ? 94   ILE A C     1 
ATOM   507  O  O     . ILE A 1 94  ? -4.058  2.629   0.338   1.00 17.77  ? 94   ILE A O     1 
ATOM   508  C  CB    . ILE A 1 94  ? -1.155  3.471   -0.168  1.00 18.93  ? 94   ILE A CB    1 
ATOM   509  C  CG1   . ILE A 1 94  ? 0.001   3.962   -1.040  1.00 20.13  ? 94   ILE A CG1   1 
ATOM   510  C  CG2   . ILE A 1 94  ? -0.626  2.776   1.077   1.00 21.64  ? 94   ILE A CG2   1 
ATOM   511  C  CD1   . ILE A 1 94  ? 0.991   4.849   -0.317  1.00 20.00  ? 94   ILE A CD1   1 
ATOM   512  N  N     . ILE A 1 95  ? -2.998  0.634   0.260   1.00 17.60  ? 95   ILE A N     1 
ATOM   513  C  CA    . ILE A 1 95  ? -3.937  -0.025  1.163   1.00 18.29  ? 95   ILE A CA    1 
ATOM   514  C  C     . ILE A 1 95  ? -3.092  -0.597  2.269   1.00 19.51  ? 95   ILE A C     1 
ATOM   515  O  O     . ILE A 1 95  ? -2.135  -1.322  2.004   1.00 18.58  ? 95   ILE A O     1 
ATOM   516  C  CB    . ILE A 1 95  ? -4.693  -1.210  0.517   1.00 19.75  ? 95   ILE A CB    1 
ATOM   517  C  CG1   . ILE A 1 95  ? -5.461  -0.746  -0.722  1.00 21.32  ? 95   ILE A CG1   1 
ATOM   518  C  CG2   . ILE A 1 95  ? -5.627  -1.837  1.548   1.00 19.01  ? 95   ILE A CG2   1 
ATOM   519  C  CD1   . ILE A 1 95  ? -6.538  0.279   -0.434  1.00 22.68  ? 95   ILE A CD1   1 
ATOM   520  N  N     . GLY A 1 96  ? -3.443  -0.273  3.506   1.00 19.40  ? 96   GLY A N     1 
ATOM   521  C  CA    . GLY A 1 96  ? -2.677  -0.779  4.622   1.00 22.15  ? 96   GLY A CA    1 
ATOM   522  C  C     . GLY A 1 96  ? -3.548  -1.297  5.749   1.00 22.81  ? 96   GLY A C     1 
ATOM   523  O  O     . GLY A 1 96  ? -4.772  -1.348  5.640   1.00 22.82  ? 96   GLY A O     1 
ATOM   524  N  N     . SER A 1 97  ? -2.898  -1.714  6.824   1.00 22.77  ? 97   SER A N     1 
ATOM   525  C  CA    . SER A 1 97  ? -3.578  -2.208  8.010   1.00 24.62  ? 97   SER A CA    1 
ATOM   526  C  C     . SER A 1 97  ? -2.509  -2.127  9.086   1.00 24.63  ? 97   SER A C     1 
ATOM   527  O  O     . SER A 1 97  ? -1.362  -1.803  8.795   1.00 25.90  ? 97   SER A O     1 
ATOM   528  C  CB    . SER A 1 97  ? -4.043  -3.664  7.829   1.00 24.63  ? 97   SER A CB    1 
ATOM   529  O  OG    . SER A 1 97  ? -2.985  -4.594  8.029   1.00 26.16  ? 97   SER A OG    1 
ATOM   530  N  N     . LEU A 1 98  ? -2.880  -2.399  10.329  1.00 25.59  ? 98   LEU A N     1 
ATOM   531  C  CA    . LEU A 1 98  ? -1.926  -2.349  11.419  1.00 23.97  ? 98   LEU A CA    1 
ATOM   532  C  C     . LEU A 1 98  ? -1.382  -3.745  11.720  1.00 23.05  ? 98   LEU A C     1 
ATOM   533  O  O     . LEU A 1 98  ? -2.091  -4.740  11.566  1.00 23.19  ? 98   LEU A O     1 
ATOM   534  C  CB    . LEU A 1 98  ? -2.590  -1.751  12.662  1.00 24.05  ? 98   LEU A CB    1 
ATOM   535  C  CG    . LEU A 1 98  ? -2.920  -0.254  12.603  1.00 25.84  ? 98   LEU A CG    1 
ATOM   536  C  CD1   . LEU A 1 98  ? -3.692  0.132   13.861  1.00 28.34  ? 98   LEU A CD1   1 
ATOM   537  C  CD2   . LEU A 1 98  ? -1.643  0.577   12.471  1.00 24.06  ? 98   LEU A CD2   1 
ATOM   538  N  N     . TRP A 1 99  ? -0.113  -3.811  12.120  1.00 22.67  ? 99   TRP A N     1 
ATOM   539  C  CA    . TRP A 1 99  ? 0.543   -5.080  12.463  1.00 23.33  ? 99   TRP A CA    1 
ATOM   540  C  C     . TRP A 1 99  ? 1.270   -4.863  13.798  1.00 23.28  ? 99   TRP A C     1 
ATOM   541  O  O     . TRP A 1 99  ? 1.739   -3.761  14.081  1.00 23.02  ? 99   TRP A O     1 
ATOM   542  C  CB    . TRP A 1 99  ? 1.520   -5.486  11.344  1.00 21.54  ? 99   TRP A CB    1 
ATOM   543  C  CG    . TRP A 1 99  ? 2.302   -6.761  11.581  1.00 22.09  ? 99   TRP A CG    1 
ATOM   544  C  CD1   . TRP A 1 99  ? 3.661   -6.886  11.617  1.00 20.63  ? 99   TRP A CD1   1 
ATOM   545  C  CD2   . TRP A 1 99  ? 1.775   -8.082  11.780  1.00 20.47  ? 99   TRP A CD2   1 
ATOM   546  N  NE1   . TRP A 1 99  ? 4.013   -8.196  11.824  1.00 22.22  ? 99   TRP A NE1   1 
ATOM   547  C  CE2   . TRP A 1 99  ? 2.877   -8.952  11.931  1.00 21.31  ? 99   TRP A CE2   1 
ATOM   548  C  CE3   . TRP A 1 99  ? 0.481   -8.612  11.850  1.00 19.97  ? 99   TRP A CE3   1 
ATOM   549  C  CZ2   . TRP A 1 99  ? 2.724   -10.328 12.147  1.00 21.66  ? 99   TRP A CZ2   1 
ATOM   550  C  CZ3   . TRP A 1 99  ? 0.332   -9.984  12.069  1.00 21.32  ? 99   TRP A CZ3   1 
ATOM   551  C  CH2   . TRP A 1 99  ? 1.448   -10.823 12.216  1.00 20.74  ? 99   TRP A CH2   1 
ATOM   552  N  N     . ASP A 1 100 ? 1.376   -5.913  14.604  1.00 25.24  ? 100  ASP A N     1 
ATOM   553  C  CA    . ASP A 1 100 ? 1.987   -5.791  15.921  1.00 26.79  ? 100  ASP A CA    1 
ATOM   554  C  C     . ASP A 1 100 ? 3.240   -6.605  16.167  1.00 27.42  ? 100  ASP A C     1 
ATOM   555  O  O     . ASP A 1 100 ? 3.543   -6.920  17.315  1.00 27.47  ? 100  ASP A O     1 
ATOM   556  C  CB    . ASP A 1 100 ? 0.961   -6.168  16.977  1.00 28.67  ? 100  ASP A CB    1 
ATOM   557  C  CG    . ASP A 1 100 ? 0.429   -7.576  16.784  1.00 31.40  ? 100  ASP A CG    1 
ATOM   558  O  OD1   . ASP A 1 100 ? 0.762   -8.205  15.757  1.00 30.99  ? 100  ASP A OD1   1 
ATOM   559  O  OD2   . ASP A 1 100 ? -0.327  -8.058  17.655  1.00 32.46  ? 100  ASP A OD2   1 
ATOM   560  N  N     . GLU A 1 101 ? 3.961   -6.960  15.110  1.00 27.51  ? 101  GLU A N     1 
ATOM   561  C  CA    . GLU A 1 101 ? 5.178   -7.740  15.265  1.00 28.49  ? 101  GLU A CA    1 
ATOM   562  C  C     . GLU A 1 101 ? 6.351   -7.104  14.525  1.00 28.12  ? 101  GLU A C     1 
ATOM   563  O  O     . GLU A 1 101 ? 6.165   -6.392  13.537  1.00 28.06  ? 101  GLU A O     1 
ATOM   564  C  CB    . GLU A 1 101 ? 4.945   -9.174  14.788  1.00 30.44  ? 101  GLU A CB    1 
ATOM   565  C  CG    . GLU A 1 101 ? 4.084   -10.001 15.736  1.00 32.86  ? 101  GLU A CG    1 
ATOM   566  C  CD    . GLU A 1 101 ? 3.727   -11.372 15.177  1.00 35.71  ? 101  GLU A CD    1 
ATOM   567  O  OE1   . GLU A 1 101 ? 4.612   -12.065 14.620  1.00 37.44  ? 101  GLU A OE1   1 
ATOM   568  O  OE2   . GLU A 1 101 ? 2.548   -11.771 15.307  1.00 40.88  ? 101  GLU A OE2   1 
ATOM   569  N  N     . GLU A 1 102 ? 7.558   -7.356  15.020  1.00 27.06  ? 102  GLU A N     1 
ATOM   570  C  CA    . GLU A 1 102 ? 8.755   -6.796  14.418  1.00 27.90  ? 102  GLU A CA    1 
ATOM   571  C  C     . GLU A 1 102 ? 8.849   -7.065  12.926  1.00 26.90  ? 102  GLU A C     1 
ATOM   572  O  O     . GLU A 1 102 ? 9.101   -6.156  12.140  1.00 27.13  ? 102  GLU A O     1 
ATOM   573  C  CB    . GLU A 1 102 ? 10.019  -7.334  15.087  1.00 28.36  ? 102  GLU A CB    1 
ATOM   574  C  CG    . GLU A 1 102 ? 11.279  -6.764  14.445  1.00 31.26  ? 102  GLU A CG    1 
ATOM   575  C  CD    . GLU A 1 102 ? 12.570  -7.286  15.056  1.00 31.72  ? 102  GLU A CD    1 
ATOM   576  O  OE1   . GLU A 1 102 ? 12.717  -7.196  16.289  1.00 30.76  ? 102  GLU A OE1   1 
ATOM   577  O  OE2   . GLU A 1 102 ? 13.439  -7.771  14.295  1.00 31.68  ? 102  GLU A OE2   1 
ATOM   578  N  N     . ARG A 1 103 ? 8.657   -8.315  12.533  1.00 25.84  ? 103  ARG A N     1 
ATOM   579  C  CA    . ARG A 1 103 ? 8.745   -8.647  11.128  1.00 27.16  ? 103  ARG A CA    1 
ATOM   580  C  C     . ARG A 1 103 ? 7.431   -9.163  10.547  1.00 26.92  ? 103  ARG A C     1 
ATOM   581  O  O     . ARG A 1 103 ? 6.548   -9.639  11.268  1.00 24.62  ? 103  ARG A O     1 
ATOM   582  C  CB    . ARG A 1 103 ? 9.884   -9.653  10.912  1.00 28.90  ? 103  ARG A CB    1 
ATOM   583  C  CG    . ARG A 1 103 ? 11.258  -9.115  11.364  1.00 33.51  ? 103  ARG A CG    1 
ATOM   584  C  CD    . ARG A 1 103 ? 12.399  -10.121 11.169  1.00 35.05  ? 103  ARG A CD    1 
ATOM   585  N  NE    . ARG A 1 103 ? 12.617  -10.504 9.770   1.00 36.93  ? 103  ARG A NE    1 
ATOM   586  C  CZ    . ARG A 1 103 ? 13.063  -9.695  8.810   1.00 36.72  ? 103  ARG A CZ    1 
ATOM   587  N  NH1   . ARG A 1 103 ? 13.358  -8.429  9.073   1.00 35.63  ? 103  ARG A NH1   1 
ATOM   588  N  NH2   . ARG A 1 103 ? 13.208  -10.161 7.573   1.00 36.98  ? 103  ARG A NH2   1 
ATOM   589  N  N     . LEU A 1 104 ? 7.304   -9.035  9.233   1.00 26.57  ? 104  LEU A N     1 
ATOM   590  C  CA    . LEU A 1 104 ? 6.115   -9.480  8.517   1.00 27.23  ? 104  LEU A CA    1 
ATOM   591  C  C     . LEU A 1 104 ? 6.130   -11.004 8.442   1.00 28.08  ? 104  LEU A C     1 
ATOM   592  O  O     . LEU A 1 104 ? 7.201   -11.610 8.371   1.00 27.71  ? 104  LEU A O     1 
ATOM   593  C  CB    . LEU A 1 104 ? 6.118   -8.896  7.101   1.00 26.76  ? 104  LEU A CB    1 
ATOM   594  C  CG    . LEU A 1 104 ? 5.175   -7.747  6.727   1.00 29.75  ? 104  LEU A CG    1 
ATOM   595  C  CD1   . LEU A 1 104 ? 4.823   -6.908  7.931   1.00 28.89  ? 104  LEU A CD1   1 
ATOM   596  C  CD2   . LEU A 1 104 ? 5.831   -6.906  5.638   1.00 26.42  ? 104  LEU A CD2   1 
ATOM   597  N  N     . THR A 1 105 ? 4.942   -11.606 8.458   1.00 27.41  ? 105  THR A N     1 
ATOM   598  C  CA    . THR A 1 105 ? 4.778   -13.062 8.386   1.00 26.35  ? 105  THR A CA    1 
ATOM   599  C  C     . THR A 1 105 ? 3.631   -13.399 7.428   1.00 26.94  ? 105  THR A C     1 
ATOM   600  O  O     . THR A 1 105 ? 2.917   -12.507 6.985   1.00 26.43  ? 105  THR A O     1 
ATOM   601  C  CB    . THR A 1 105 ? 4.425   -13.654 9.762   1.00 28.06  ? 105  THR A CB    1 
ATOM   602  O  OG1   . THR A 1 105 ? 3.235   -13.022 10.256  1.00 26.65  ? 105  THR A OG1   1 
ATOM   603  C  CG2   . THR A 1 105 ? 5.563   -13.436 10.745  1.00 27.72  ? 105  THR A CG2   1 
ATOM   604  N  N     . GLN A 1 106 ? 3.441   -14.684 7.126   1.00 27.23  ? 106  GLN A N     1 
ATOM   605  C  CA    . GLN A 1 106 ? 2.375   -15.090 6.211   1.00 27.77  ? 106  GLN A CA    1 
ATOM   606  C  C     . GLN A 1 106 ? 0.991   -14.667 6.683   1.00 28.53  ? 106  GLN A C     1 
ATOM   607  O  O     . GLN A 1 106 ? 0.159   -14.252 5.885   1.00 29.27  ? 106  GLN A O     1 
ATOM   608  C  CB    . GLN A 1 106 ? 2.368   -16.608 6.007   1.00 27.52  ? 106  GLN A CB    1 
ATOM   609  C  CG    . GLN A 1 106 ? 1.548   -17.051 4.803   1.00 28.55  ? 106  GLN A CG    1 
ATOM   610  C  CD    . GLN A 1 106 ? 2.272   -16.804 3.489   1.00 30.52  ? 106  GLN A CD    1 
ATOM   611  O  OE1   . GLN A 1 106 ? 1.671   -16.816 2.420   1.00 31.28  ? 106  GLN A OE1   1 
ATOM   612  N  NE2   . GLN A 1 106 ? 3.578   -16.593 3.570   1.00 30.94  ? 106  GLN A NE2   1 
ATOM   613  N  N     . GLU A 1 107 ? 0.734   -14.770 7.979   1.00 28.17  ? 107  GLU A N     1 
ATOM   614  C  CA    . GLU A 1 107 ? -0.584  -14.399 8.475   1.00 30.52  ? 107  GLU A CA    1 
ATOM   615  C  C     . GLU A 1 107 ? -0.860  -12.898 8.475   1.00 28.22  ? 107  GLU A C     1 
ATOM   616  O  O     . GLU A 1 107 ? -2.018  -12.490 8.469   1.00 27.78  ? 107  GLU A O     1 
ATOM   617  C  CB    . GLU A 1 107 ? -0.808  -14.969 9.880   1.00 34.25  ? 107  GLU A CB    1 
ATOM   618  C  CG    . GLU A 1 107 ? 0.171   -14.477 10.928  1.00 39.94  ? 107  GLU A CG    1 
ATOM   619  C  CD    . GLU A 1 107 ? -0.211  -14.925 12.334  1.00 45.01  ? 107  GLU A CD    1 
ATOM   620  O  OE1   . GLU A 1 107 ? 0.555   -14.648 13.283  1.00 48.21  ? 107  GLU A OE1   1 
ATOM   621  O  OE2   . GLU A 1 107 ? -1.282  -15.553 12.496  1.00 47.47  ? 107  GLU A OE2   1 
ATOM   622  N  N     . SER A 1 108 ? 0.189   -12.077 8.482   1.00 28.27  ? 108  SER A N     1 
ATOM   623  C  CA    . SER A 1 108 ? 0.001   -10.623 8.483   1.00 29.01  ? 108  SER A CA    1 
ATOM   624  C  C     . SER A 1 108 ? -0.661  -10.182 7.183   1.00 28.53  ? 108  SER A C     1 
ATOM   625  O  O     . SER A 1 108 ? -1.216  -9.090  7.091   1.00 30.54  ? 108  SER A O     1 
ATOM   626  C  CB    . SER A 1 108 ? 1.342   -9.893  8.644   1.00 28.64  ? 108  SER A CB    1 
ATOM   627  O  OG    . SER A 1 108 ? 2.183   -10.090 7.515   1.00 29.32  ? 108  SER A OG    1 
ATOM   628  N  N     . LEU A 1 109 ? -0.591  -11.050 6.184   1.00 28.65  ? 109  LEU A N     1 
ATOM   629  C  CA    . LEU A 1 109 ? -1.161  -10.798 4.871   1.00 30.44  ? 109  LEU A CA    1 
ATOM   630  C  C     . LEU A 1 109 ? -2.656  -10.515 4.906   1.00 31.08  ? 109  LEU A C     1 
ATOM   631  O  O     . LEU A 1 109 ? -3.160  -9.691  4.140   1.00 31.23  ? 109  LEU A O     1 
ATOM   632  C  CB    . LEU A 1 109 ? -0.899  -12.004 3.976   1.00 30.55  ? 109  LEU A CB    1 
ATOM   633  C  CG    . LEU A 1 109 ? -0.104  -11.805 2.696   1.00 30.10  ? 109  LEU A CG    1 
ATOM   634  C  CD1   . LEU A 1 109 ? 0.982   -10.744 2.879   1.00 29.68  ? 109  LEU A CD1   1 
ATOM   635  C  CD2   . LEU A 1 109 ? 0.481   -13.148 2.300   1.00 30.43  ? 109  LEU A CD2   1 
ATOM   636  N  N     . ALA A 1 110 ? -3.364  -11.193 5.801   1.00 32.74  ? 110  ALA A N     1 
ATOM   637  C  CA    . ALA A 1 110 ? -4.809  -11.025 5.897   1.00 33.85  ? 110  ALA A CA    1 
ATOM   638  C  C     . ALA A 1 110 ? -5.286  -10.579 7.283   1.00 34.22  ? 110  ALA A C     1 
ATOM   639  O  O     . ALA A 1 110 ? -6.427  -10.820 7.662   1.00 35.22  ? 110  ALA A O     1 
ATOM   640  C  CB    . ALA A 1 110 ? -5.492  -12.333 5.497   1.00 34.73  ? 110  ALA A CB    1 
ATOM   641  N  N     . LEU A 1 111 ? -4.426  -9.908  8.035   1.00 33.17  ? 111  LEU A N     1 
ATOM   642  C  CA    . LEU A 1 111 ? -4.815  -9.477  9.367   1.00 33.48  ? 111  LEU A CA    1 
ATOM   643  C  C     . LEU A 1 111 ? -4.690  -7.986  9.623   1.00 33.92  ? 111  LEU A C     1 
ATOM   644  O  O     . LEU A 1 111 ? -3.904  -7.281  8.981   1.00 34.48  ? 111  LEU A O     1 
ATOM   645  C  CB    . LEU A 1 111 ? -3.984  -10.207 10.423  1.00 34.37  ? 111  LEU A CB    1 
ATOM   646  C  CG    . LEU A 1 111 ? -4.137  -11.712 10.670  1.00 35.42  ? 111  LEU A CG    1 
ATOM   647  C  CD1   . LEU A 1 111 ? -2.974  -12.188 11.546  1.00 35.41  ? 111  LEU A CD1   1 
ATOM   648  C  CD2   . LEU A 1 111 ? -5.476  -12.008 11.328  1.00 34.08  ? 111  LEU A CD2   1 
ATOM   649  N  N     . HIS A 1 112 ? -5.471  -7.526  10.591  1.00 31.84  ? 112  HIS A N     1 
ATOM   650  C  CA    . HIS A 1 112 ? -5.463  -6.145  11.033  1.00 31.23  ? 112  HIS A CA    1 
ATOM   651  C  C     . HIS A 1 112 ? -5.430  -6.208  12.555  1.00 31.86  ? 112  HIS A C     1 
ATOM   652  O  O     . HIS A 1 112 ? -6.422  -6.570  13.179  1.00 29.86  ? 112  HIS A O     1 
ATOM   653  C  CB    . HIS A 1 112 ? -6.723  -5.399  10.581  1.00 30.25  ? 112  HIS A CB    1 
ATOM   654  C  CG    . HIS A 1 112 ? -6.873  -4.046  11.207  1.00 28.61  ? 112  HIS A CG    1 
ATOM   655  N  ND1   . HIS A 1 112 ? -5.915  -3.062  11.092  1.00 28.42  ? 112  HIS A ND1   1 
ATOM   656  C  CD2   . HIS A 1 112 ? -7.860  -3.521  11.971  1.00 29.50  ? 112  HIS A CD2   1 
ATOM   657  C  CE1   . HIS A 1 112 ? -6.304  -1.988  11.756  1.00 28.53  ? 112  HIS A CE1   1 
ATOM   658  N  NE2   . HIS A 1 112 ? -7.482  -2.239  12.299  1.00 28.30  ? 112  HIS A NE2   1 
ATOM   659  N  N     . ARG A 1 113 ? -4.280  -5.883  13.139  1.00 33.04  ? 113  ARG A N     1 
ATOM   660  C  CA    . ARG A 1 113 ? -4.101  -5.892  14.592  1.00 33.36  ? 113  ARG A CA    1 
ATOM   661  C  C     . ARG A 1 113 ? -4.359  -4.469  15.082  1.00 33.36  ? 113  ARG A C     1 
ATOM   662  O  O     . ARG A 1 113 ? -3.465  -3.624  15.050  1.00 33.14  ? 113  ARG A O     1 
ATOM   663  C  CB    . ARG A 1 113 ? -2.670  -6.319  14.946  1.00 34.43  ? 113  ARG A CB    1 
ATOM   664  C  CG    . ARG A 1 113 ? -2.292  -7.739  14.509  1.00 36.24  ? 113  ARG A CG    1 
ATOM   665  C  CD    . ARG A 1 113 ? -2.846  -8.791  15.474  1.00 38.11  ? 113  ARG A CD    1 
ATOM   666  N  NE    . ARG A 1 113 ? -2.722  -10.163 14.975  1.00 40.54  ? 113  ARG A NE    1 
ATOM   667  C  CZ    . ARG A 1 113 ? -1.621  -10.911 15.040  1.00 41.40  ? 113  ARG A CZ    1 
ATOM   668  N  NH1   . ARG A 1 113 ? -0.508  -10.439 15.588  1.00 42.02  ? 113  ARG A NH1   1 
ATOM   669  N  NH2   . ARG A 1 113 ? -1.635  -12.148 14.555  1.00 41.85  ? 113  ARG A NH2   1 
ATOM   670  N  N     . PRO A 1 114 ? -5.592  -4.186  15.541  1.00 34.11  ? 114  PRO A N     1 
ATOM   671  C  CA    . PRO A 1 114 ? -6.023  -2.875  16.043  1.00 33.55  ? 114  PRO A CA    1 
ATOM   672  C  C     . PRO A 1 114 ? -5.073  -2.201  17.028  1.00 32.71  ? 114  PRO A C     1 
ATOM   673  O  O     . PRO A 1 114 ? -4.975  -0.974  17.069  1.00 32.08  ? 114  PRO A O     1 
ATOM   674  C  CB    . PRO A 1 114 ? -7.374  -3.183  16.685  1.00 35.21  ? 114  PRO A CB    1 
ATOM   675  C  CG    . PRO A 1 114 ? -7.898  -4.286  15.839  1.00 35.88  ? 114  PRO A CG    1 
ATOM   676  C  CD    . PRO A 1 114 ? -6.681  -5.173  15.678  1.00 33.17  ? 114  PRO A CD    1 
ATOM   677  N  N     . ARG A 1 115 ? -4.376  -3.011  17.815  1.00 32.75  ? 115  ARG A N     1 
ATOM   678  C  CA    . ARG A 1 115 ? -3.456  -2.493  18.819  1.00 33.02  ? 115  ARG A CA    1 
ATOM   679  C  C     . ARG A 1 115 ? -2.018  -2.394  18.313  1.00 32.55  ? 115  ARG A C     1 
ATOM   680  O  O     . ARG A 1 115 ? -1.107  -2.069  19.077  1.00 32.64  ? 115  ARG A O     1 
ATOM   681  C  CB    . ARG A 1 115 ? -3.507  -3.388  20.054  1.00 35.58  ? 115  ARG A CB    1 
ATOM   682  C  CG    . ARG A 1 115 ? -4.920  -3.769  20.494  1.00 39.85  ? 115  ARG A CG    1 
ATOM   683  C  CD    . ARG A 1 115 ? -5.383  -2.966  21.707  1.00 44.50  ? 115  ARG A CD    1 
ATOM   684  N  NE    . ARG A 1 115 ? -5.656  -1.571  21.395  1.00 46.97  ? 115  ARG A NE    1 
ATOM   685  C  CZ    . ARG A 1 115 ? -5.920  -0.637  22.306  1.00 49.44  ? 115  ARG A CZ    1 
ATOM   686  N  NH1   . ARG A 1 115 ? -5.947  -0.946  23.602  1.00 49.34  ? 115  ARG A NH1   1 
ATOM   687  N  NH2   . ARG A 1 115 ? -6.162  0.610   21.920  1.00 50.56  ? 115  ARG A NH2   1 
ATOM   688  N  N     . GLY A 1 116 ? -1.811  -2.676  17.029  1.00 29.64  ? 116  GLY A N     1 
ATOM   689  C  CA    . GLY A 1 116 ? -0.473  -2.600  16.475  1.00 27.78  ? 116  GLY A CA    1 
ATOM   690  C  C     . GLY A 1 116 ? 0.029   -1.173  16.348  1.00 27.90  ? 116  GLY A C     1 
ATOM   691  O  O     . GLY A 1 116 ? -0.756  -0.223  16.315  1.00 27.27  ? 116  GLY A O     1 
ATOM   692  N  N     . HIS A 1 117 ? 1.346   -1.015  16.291  1.00 26.65  ? 117  HIS A N     1 
ATOM   693  C  CA    . HIS A 1 117 ? 1.944   0.304   16.149  1.00 26.84  ? 117  HIS A CA    1 
ATOM   694  C  C     . HIS A 1 117 ? 2.624   0.404   14.795  1.00 26.06  ? 117  HIS A C     1 
ATOM   695  O  O     . HIS A 1 117 ? 3.282   1.403   14.496  1.00 27.87  ? 117  HIS A O     1 
ATOM   696  C  CB    . HIS A 1 117 ? 2.969   0.560   17.255  1.00 28.97  ? 117  HIS A CB    1 
ATOM   697  C  CG    . HIS A 1 117 ? 2.374   0.617   18.625  1.00 30.53  ? 117  HIS A CG    1 
ATOM   698  N  ND1   . HIS A 1 117 ? 2.489   -0.417  19.528  1.00 31.73  ? 117  HIS A ND1   1 
ATOM   699  C  CD2   . HIS A 1 117 ? 1.629   1.570   19.234  1.00 32.63  ? 117  HIS A CD2   1 
ATOM   700  C  CE1   . HIS A 1 117 ? 1.840   -0.102  20.637  1.00 33.28  ? 117  HIS A CE1   1 
ATOM   701  N  NE2   . HIS A 1 117 ? 1.310   1.097   20.484  1.00 33.68  ? 117  HIS A NE2   1 
ATOM   702  N  N     . SER A 1 118 ? 2.478   -0.638  13.984  1.00 24.54  ? 118  SER A N     1 
ATOM   703  C  CA    . SER A 1 118 ? 3.085   -0.651  12.661  1.00 22.89  ? 118  SER A CA    1 
ATOM   704  C  C     . SER A 1 118 ? 2.060   -0.557  11.533  1.00 21.27  ? 118  SER A C     1 
ATOM   705  O  O     . SER A 1 118 ? 1.100   -1.323  11.483  1.00 19.93  ? 118  SER A O     1 
ATOM   706  C  CB    . SER A 1 118 ? 3.919   -1.921  12.476  1.00 25.19  ? 118  SER A CB    1 
ATOM   707  O  OG    . SER A 1 118 ? 5.089   -1.890  13.294  1.00 29.56  ? 118  SER A OG    1 
ATOM   708  N  N     . ALA A 1 119 ? 2.266   0.400   10.637  1.00 20.39  ? 119  ALA A N     1 
ATOM   709  C  CA    . ALA A 1 119 ? 1.390   0.565   9.479   1.00 19.29  ? 119  ALA A CA    1 
ATOM   710  C  C     . ALA A 1 119 ? 1.912   -0.354  8.367   1.00 18.82  ? 119  ALA A C     1 
ATOM   711  O  O     . ALA A 1 119 ? 2.945   -0.079  7.757   1.00 18.62  ? 119  ALA A O     1 
ATOM   712  C  CB    . ALA A 1 119 ? 1.410   2.013   9.004   1.00 20.41  ? 119  ALA A CB    1 
ATOM   713  N  N     . HIS A 1 120 ? 1.194   -1.444  8.116   1.00 17.92  ? 120  HIS A N     1 
ATOM   714  C  CA    . HIS A 1 120 ? 1.561   -2.418  7.091   1.00 19.44  ? 120  HIS A CA    1 
ATOM   715  C  C     . HIS A 1 120 ? 0.998   -2.075  5.698   1.00 20.35  ? 120  HIS A C     1 
ATOM   716  O  O     . HIS A 1 120 ? -0.183  -2.274  5.450   1.00 19.17  ? 120  HIS A O     1 
ATOM   717  C  CB    . HIS A 1 120 ? 1.059   -3.809  7.510   1.00 18.53  ? 120  HIS A CB    1 
ATOM   718  C  CG    . HIS A 1 120 ? 1.405   -4.897  6.538   1.00 17.33  ? 120  HIS A CG    1 
ATOM   719  N  ND1   . HIS A 1 120 ? 0.910   -6.181  6.647   1.00 18.30  ? 120  HIS A ND1   1 
ATOM   720  C  CD2   . HIS A 1 120 ? 2.193   -4.892  5.437   1.00 17.87  ? 120  HIS A CD2   1 
ATOM   721  C  CE1   . HIS A 1 120 ? 1.375   -6.915  5.649   1.00 16.83  ? 120  HIS A CE1   1 
ATOM   722  N  NE2   . HIS A 1 120 ? 2.155   -6.158  4.900   1.00 17.22  ? 120  HIS A NE2   1 
ATOM   723  N  N     . LEU A 1 121 ? 1.842   -1.576  4.795   1.00 21.44  ? 121  LEU A N     1 
ATOM   724  C  CA    . LEU A 1 121 ? 1.403   -1.241  3.432   1.00 21.58  ? 121  LEU A CA    1 
ATOM   725  C  C     . LEU A 1 121 ? 1.310   -2.543  2.620   1.00 21.95  ? 121  LEU A C     1 
ATOM   726  O  O     . LEU A 1 121 ? 2.339   -3.075  2.173   1.00 19.28  ? 121  LEU A O     1 
ATOM   727  C  CB    . LEU A 1 121 ? 2.420   -0.322  2.741   1.00 23.02  ? 121  LEU A CB    1 
ATOM   728  C  CG    . LEU A 1 121 ? 2.930   1.045   3.222   1.00 25.89  ? 121  LEU A CG    1 
ATOM   729  C  CD1   . LEU A 1 121 ? 2.089   2.144   2.628   1.00 27.46  ? 121  LEU A CD1   1 
ATOM   730  C  CD2   . LEU A 1 121 ? 2.966   1.129   4.734   1.00 27.40  ? 121  LEU A CD2   1 
ATOM   731  N  N     . HIS A 1 122 ? 0.096   -3.048  2.407   1.00 21.54  ? 122  HIS A N     1 
ATOM   732  C  CA    . HIS A 1 122 ? -0.090  -4.287  1.648   1.00 19.94  ? 122  HIS A CA    1 
ATOM   733  C  C     . HIS A 1 122 ? 0.131   -4.103  0.159   1.00 22.00  ? 122  HIS A C     1 
ATOM   734  O  O     . HIS A 1 122 ? 0.685   -4.981  -0.511  1.00 19.22  ? 122  HIS A O     1 
ATOM   735  C  CB    . HIS A 1 122 ? -1.494  -4.840  1.851   1.00 21.54  ? 122  HIS A CB    1 
ATOM   736  C  CG    . HIS A 1 122 ? -1.759  -5.309  3.243   1.00 24.38  ? 122  HIS A CG    1 
ATOM   737  N  ND1   . HIS A 1 122 ? -1.861  -4.445  4.313   1.00 25.23  ? 122  HIS A ND1   1 
ATOM   738  C  CD2   . HIS A 1 122 ? -1.909  -6.556  3.752   1.00 23.63  ? 122  HIS A CD2   1 
ATOM   739  C  CE1   . HIS A 1 122 ? -2.060  -5.142  5.419   1.00 26.35  ? 122  HIS A CE1   1 
ATOM   740  N  NE2   . HIS A 1 122 ? -2.093  -6.426  5.106   1.00 25.86  ? 122  HIS A NE2   1 
ATOM   741  N  N     . ALA A 1 123 ? -0.313  -2.959  -0.355  1.00 20.28  ? 123  ALA A N     1 
ATOM   742  C  CA    . ALA A 1 123 ? -0.185  -2.662  -1.769  1.00 19.90  ? 123  ALA A CA    1 
ATOM   743  C  C     . ALA A 1 123 ? -0.054  -1.176  -2.077  1.00 19.39  ? 123  ALA A C     1 
ATOM   744  O  O     . ALA A 1 123 ? -0.711  -0.332  -1.464  1.00 18.67  ? 123  ALA A O     1 
ATOM   745  C  CB    . ALA A 1 123 ? -1.377  -3.245  -2.519  1.00 19.03  ? 123  ALA A CB    1 
ATOM   746  N  N     . LEU A 1 124 ? 0.829   -0.878  -3.024  1.00 17.93  ? 124  LEU A N     1 
ATOM   747  C  CA    . LEU A 1 124 ? 1.075   0.476   -3.509  1.00 16.38  ? 124  LEU A CA    1 
ATOM   748  C  C     . LEU A 1 124 ? 1.128   0.312   -5.019  1.00 17.69  ? 124  LEU A C     1 
ATOM   749  O  O     . LEU A 1 124 ? 1.896   -0.498  -5.522  1.00 16.23  ? 124  LEU A O     1 
ATOM   750  C  CB    . LEU A 1 124 ? 2.429   1.027   -3.028  1.00 16.94  ? 124  LEU A CB    1 
ATOM   751  C  CG    . LEU A 1 124 ? 2.937   2.264   -3.810  1.00 17.57  ? 124  LEU A CG    1 
ATOM   752  C  CD1   . LEU A 1 124 ? 1.880   3.359   -3.814  1.00 22.10  ? 124  LEU A CD1   1 
ATOM   753  C  CD2   . LEU A 1 124 ? 4.207   2.795   -3.199  1.00 21.58  ? 124  LEU A CD2   1 
ATOM   754  N  N     . ALA A 1 125 ? 0.298   1.053   -5.740  1.00 18.03  ? 125  ALA A N     1 
ATOM   755  C  CA    . ALA A 1 125 ? 0.312   0.960   -7.192  1.00 19.80  ? 125  ALA A CA    1 
ATOM   756  C  C     . ALA A 1 125 ? -0.220  2.237   -7.818  1.00 19.56  ? 125  ALA A C     1 
ATOM   757  O  O     . ALA A 1 125 ? -1.028  2.942   -7.213  1.00 20.12  ? 125  ALA A O     1 
ATOM   758  C  CB    . ALA A 1 125 ? -0.520  -0.238  -7.653  1.00 18.28  ? 125  ALA A CB    1 
ATOM   759  N  N     . VAL A 1 126 ? 0.271   2.533   -9.021  1.00 19.76  ? 126  VAL A N     1 
ATOM   760  C  CA    . VAL A 1 126 ? -0.131  3.700   -9.806  1.00 20.43  ? 126  VAL A CA    1 
ATOM   761  C  C     . VAL A 1 126 ? -0.630  3.170   -11.156 1.00 19.84  ? 126  VAL A C     1 
ATOM   762  O  O     . VAL A 1 126 ? 0.000   2.286   -11.738 1.00 20.86  ? 126  VAL A O     1 
ATOM   763  C  CB    . VAL A 1 126 ? 1.065   4.643   -10.059 1.00 20.96  ? 126  VAL A CB    1 
ATOM   764  C  CG1   . VAL A 1 126 ? 0.660   5.771   -11.003 1.00 18.28  ? 126  VAL A CG1   1 
ATOM   765  C  CG2   . VAL A 1 126 ? 1.577   5.206   -8.746  1.00 17.59  ? 126  VAL A CG2   1 
ATOM   766  N  N     . HIS A 1 127 ? -1.749  3.703   -11.644 1.00 20.41  ? 127  HIS A N     1 
ATOM   767  C  CA    . HIS A 1 127 ? -2.336  3.283   -12.924 1.00 21.37  ? 127  HIS A CA    1 
ATOM   768  C  C     . HIS A 1 127 ? -1.322  3.363   -14.069 1.00 21.50  ? 127  HIS A C     1 
ATOM   769  O  O     . HIS A 1 127 ? -0.517  4.293   -14.136 1.00 18.68  ? 127  HIS A O     1 
ATOM   770  C  CB    . HIS A 1 127 ? -3.554  4.153   -13.247 1.00 22.68  ? 127  HIS A CB    1 
ATOM   771  C  CG    . HIS A 1 127 ? -4.248  3.787   -14.523 1.00 24.96  ? 127  HIS A CG    1 
ATOM   772  N  ND1   . HIS A 1 127 ? -5.443  3.096   -14.549 1.00 28.43  ? 127  HIS A ND1   1 
ATOM   773  C  CD2   . HIS A 1 127 ? -3.947  4.064   -15.813 1.00 24.79  ? 127  HIS A CD2   1 
ATOM   774  C  CE1   . HIS A 1 127 ? -5.853  2.973   -15.799 1.00 28.17  ? 127  HIS A CE1   1 
ATOM   775  N  NE2   . HIS A 1 127 ? -4.963  3.552   -16.587 1.00 29.06  ? 127  HIS A NE2   1 
ATOM   776  N  N     . ARG A 1 128 ? -1.385  2.382   -14.969 1.00 23.68  ? 128  ARG A N     1 
ATOM   777  C  CA    . ARG A 1 128 ? -0.470  2.287   -16.108 1.00 26.15  ? 128  ARG A CA    1 
ATOM   778  C  C     . ARG A 1 128 ? -0.273  3.588   -16.887 1.00 26.39  ? 128  ARG A C     1 
ATOM   779  O  O     . ARG A 1 128 ? 0.852   3.952   -17.225 1.00 25.39  ? 128  ARG A O     1 
ATOM   780  C  CB    . ARG A 1 128 ? -0.940  1.180   -17.066 1.00 28.94  ? 128  ARG A CB    1 
ATOM   781  C  CG    . ARG A 1 128 ? 0.055   0.861   -18.176 1.00 34.98  ? 128  ARG A CG    1 
ATOM   782  C  CD    . ARG A 1 128 ? -0.307  -0.427  -18.936 1.00 40.75  ? 128  ARG A CD    1 
ATOM   783  N  NE    . ARG A 1 128 ? -0.976  -0.168  -20.213 1.00 45.64  ? 128  ARG A NE    1 
ATOM   784  C  CZ    . ARG A 1 128 ? -2.144  0.458   -20.346 1.00 47.59  ? 128  ARG A CZ    1 
ATOM   785  N  NH1   . ARG A 1 128 ? -2.787  0.896   -19.273 1.00 48.63  ? 128  ARG A NH1   1 
ATOM   786  N  NH2   . ARG A 1 128 ? -2.671  0.653   -21.553 1.00 48.60  ? 128  ARG A NH2   1 
ATOM   787  N  N     . SER A 1 129 ? -1.364  4.292   -17.168 1.00 25.06  ? 129  SER A N     1 
ATOM   788  C  CA    . SER A 1 129 ? -1.272  5.537   -17.927 1.00 26.78  ? 129  SER A CA    1 
ATOM   789  C  C     . SER A 1 129 ? -0.749  6.727   -17.138 1.00 25.89  ? 129  SER A C     1 
ATOM   790  O  O     . SER A 1 129 ? -0.625  7.813   -17.697 1.00 26.27  ? 129  SER A O     1 
ATOM   791  C  CB    . SER A 1 129 ? -2.637  5.897   -18.506 1.00 25.41  ? 129  SER A CB    1 
ATOM   792  O  OG    . SER A 1 129 ? -3.221  4.768   -19.129 1.00 27.75  ? 129  SER A OG    1 
ATOM   793  N  N     . PHE A 1 130 ? -0.428  6.536   -15.862 1.00 24.83  ? 130  PHE A N     1 
ATOM   794  C  CA    . PHE A 1 130 ? 0.044   7.656   -15.054 1.00 25.12  ? 130  PHE A CA    1 
ATOM   795  C  C     . PHE A 1 130 ? 1.373   7.501   -14.341 1.00 21.73  ? 130  PHE A C     1 
ATOM   796  O  O     . PHE A 1 130 ? 1.709   8.315   -13.491 1.00 22.54  ? 130  PHE A O     1 
ATOM   797  C  CB    . PHE A 1 130 ? -1.012  8.026   -14.015 1.00 25.20  ? 130  PHE A CB    1 
ATOM   798  C  CG    . PHE A 1 130 ? -2.293  8.490   -14.606 1.00 25.64  ? 130  PHE A CG    1 
ATOM   799  C  CD1   . PHE A 1 130 ? -3.195  7.580   -15.142 1.00 27.54  ? 130  PHE A CD1   1 
ATOM   800  C  CD2   . PHE A 1 130 ? -2.593  9.841   -14.654 1.00 26.25  ? 130  PHE A CD2   1 
ATOM   801  C  CE1   . PHE A 1 130 ? -4.384  8.013   -15.717 1.00 27.11  ? 130  PHE A CE1   1 
ATOM   802  C  CE2   . PHE A 1 130 ? -3.775  10.283  -15.228 1.00 27.95  ? 130  PHE A CE2   1 
ATOM   803  C  CZ    . PHE A 1 130 ? -4.672  9.368   -15.760 1.00 26.74  ? 130  PHE A CZ    1 
ATOM   804  N  N     . ARG A 1 131 ? 2.136   6.479   -14.684 1.00 22.81  ? 131  ARG A N     1 
ATOM   805  C  CA    . ARG A 1 131 ? 3.410   6.272   -14.018 1.00 23.02  ? 131  ARG A CA    1 
ATOM   806  C  C     . ARG A 1 131 ? 4.536   7.167   -14.500 1.00 25.97  ? 131  ARG A C     1 
ATOM   807  O  O     . ARG A 1 131 ? 4.411   7.886   -15.489 1.00 26.18  ? 131  ARG A O     1 
ATOM   808  C  CB    . ARG A 1 131 ? 3.829   4.813   -14.139 1.00 24.16  ? 131  ARG A CB    1 
ATOM   809  C  CG    . ARG A 1 131 ? 2.884   3.874   -13.427 1.00 24.20  ? 131  ARG A CG    1 
ATOM   810  C  CD    . ARG A 1 131 ? 3.186   2.424   -13.750 1.00 24.42  ? 131  ARG A CD    1 
ATOM   811  N  NE    . ARG A 1 131 ? 2.150   1.569   -13.194 1.00 26.88  ? 131  ARG A NE    1 
ATOM   812  C  CZ    . ARG A 1 131 ? 1.694   0.468   -13.779 1.00 26.42  ? 131  ARG A CZ    1 
ATOM   813  N  NH1   . ARG A 1 131 ? 2.189   0.079   -14.945 1.00 26.73  ? 131  ARG A NH1   1 
ATOM   814  N  NH2   . ARG A 1 131 ? 0.723   -0.226  -13.202 1.00 22.70  ? 131  ARG A NH2   1 
ATOM   815  N  N     . GLN A 1 132 ? 5.630   7.122   -13.749 1.00 26.80  ? 132  GLN A N     1 
ATOM   816  C  CA    . GLN A 1 132 ? 6.830   7.878   -14.022 1.00 28.42  ? 132  GLN A CA    1 
ATOM   817  C  C     . GLN A 1 132 ? 6.703   9.390   -14.010 1.00 29.14  ? 132  GLN A C     1 
ATOM   818  O  O     . GLN A 1 132 ? 7.381   10.076  -14.773 1.00 30.55  ? 132  GLN A O     1 
ATOM   819  C  CB    . GLN A 1 132 ? 7.434   7.421   -15.343 1.00 32.33  ? 132  GLN A CB    1 
ATOM   820  C  CG    . GLN A 1 132 ? 7.746   5.940   -15.353 1.00 38.10  ? 132  GLN A CG    1 
ATOM   821  C  CD    . GLN A 1 132 ? 8.691   5.553   -16.473 1.00 42.78  ? 132  GLN A CD    1 
ATOM   822  O  OE1   . GLN A 1 132 ? 9.856   5.968   -16.489 1.00 46.34  ? 132  GLN A OE1   1 
ATOM   823  N  NE2   . GLN A 1 132 ? 8.200   4.756   -17.417 1.00 45.76  ? 132  GLN A NE2   1 
ATOM   824  N  N     . GLN A 1 133 ? 5.832   9.923   -13.165 1.00 28.00  ? 133  GLN A N     1 
ATOM   825  C  CA    . GLN A 1 133 ? 5.725   11.371  -13.073 1.00 29.10  ? 133  GLN A CA    1 
ATOM   826  C  C     . GLN A 1 133 ? 5.414   11.868  -11.665 1.00 28.24  ? 133  GLN A C     1 
ATOM   827  O  O     . GLN A 1 133 ? 4.554   12.727  -11.462 1.00 27.74  ? 133  GLN A O     1 
ATOM   828  C  CB    . GLN A 1 133 ? 4.725   11.921  -14.096 1.00 31.91  ? 133  GLN A CB    1 
ATOM   829  C  CG    . GLN A 1 133 ? 3.480   11.110  -14.305 1.00 33.52  ? 133  GLN A CG    1 
ATOM   830  C  CD    . GLN A 1 133 ? 2.616   11.696  -15.398 1.00 37.36  ? 133  GLN A CD    1 
ATOM   831  O  OE1   . GLN A 1 133 ? 3.107   12.038  -16.472 1.00 38.61  ? 133  GLN A OE1   1 
ATOM   832  N  NE2   . GLN A 1 133 ? 1.320   11.810  -15.134 1.00 39.53  ? 133  GLN A NE2   1 
ATOM   833  N  N     . GLY A 1 134 ? 6.137   11.302  -10.698 1.00 26.72  ? 134  GLY A N     1 
ATOM   834  C  CA    . GLY A 1 134 ? 6.013   11.687  -9.301  1.00 26.55  ? 134  GLY A CA    1 
ATOM   835  C  C     . GLY A 1 134 ? 4.828   11.224  -8.467  1.00 26.85  ? 134  GLY A C     1 
ATOM   836  O  O     . GLY A 1 134 ? 4.880   11.325  -7.239  1.00 25.43  ? 134  GLY A O     1 
ATOM   837  N  N     . LYS A 1 135 ? 3.772   10.723  -9.110  1.00 25.32  ? 135  LYS A N     1 
ATOM   838  C  CA    . LYS A 1 135 ? 2.565   10.277  -8.408  1.00 25.34  ? 135  LYS A CA    1 
ATOM   839  C  C     . LYS A 1 135 ? 2.822   9.325   -7.241  1.00 23.09  ? 135  LYS A C     1 
ATOM   840  O  O     . LYS A 1 135 ? 2.350   9.546   -6.120  1.00 21.43  ? 135  LYS A O     1 
ATOM   841  C  CB    . LYS A 1 135 ? 1.611   9.601   -9.396  1.00 27.49  ? 135  LYS A CB    1 
ATOM   842  C  CG    . LYS A 1 135 ? 1.167   10.482  -10.561 1.00 32.12  ? 135  LYS A CG    1 
ATOM   843  C  CD    . LYS A 1 135 ? -0.222  11.051  -10.336 1.00 35.29  ? 135  LYS A CD    1 
ATOM   844  C  CE    . LYS A 1 135 ? -0.878  11.448  -11.649 1.00 36.78  ? 135  LYS A CE    1 
ATOM   845  N  NZ    . LYS A 1 135 ? -0.095  12.473  -12.401 1.00 38.32  ? 135  LYS A NZ    1 
ATOM   846  N  N     . GLY A 1 136 ? 3.547   8.249   -7.517  1.00 23.96  ? 136  GLY A N     1 
ATOM   847  C  CA    . GLY A 1 136 ? 3.853   7.282   -6.477  1.00 23.40  ? 136  GLY A CA    1 
ATOM   848  C  C     . GLY A 1 136 ? 4.630   7.912   -5.332  1.00 24.61  ? 136  GLY A C     1 
ATOM   849  O  O     . GLY A 1 136 ? 4.335   7.680   -4.153  1.00 24.45  ? 136  GLY A O     1 
ATOM   850  N  N     . SER A 1 137 ? 5.623   8.725   -5.671  1.00 23.73  ? 137  SER A N     1 
ATOM   851  C  CA    . SER A 1 137 ? 6.437   9.373   -4.646  1.00 23.41  ? 137  SER A CA    1 
ATOM   852  C  C     . SER A 1 137 ? 5.590   10.315  -3.804  1.00 23.38  ? 137  SER A C     1 
ATOM   853  O  O     . SER A 1 137 ? 5.704   10.325  -2.574  1.00 21.87  ? 137  SER A O     1 
ATOM   854  C  CB    . SER A 1 137 ? 7.593   10.139  -5.290  1.00 23.04  ? 137  SER A CB    1 
ATOM   855  O  OG    . SER A 1 137 ? 8.516   9.248   -5.883  1.00 21.88  ? 137  SER A OG    1 
ATOM   856  N  N     . VAL A 1 138 ? 4.735   11.093  -4.472  1.00 23.00  ? 138  VAL A N     1 
ATOM   857  C  CA    . VAL A 1 138 ? 3.870   12.040  -3.778  1.00 22.61  ? 138  VAL A CA    1 
ATOM   858  C  C     . VAL A 1 138 ? 2.869   11.323  -2.884  1.00 20.88  ? 138  VAL A C     1 
ATOM   859  O  O     . VAL A 1 138 ? 2.638   11.732  -1.754  1.00 21.15  ? 138  VAL A O     1 
ATOM   860  C  CB    . VAL A 1 138 ? 3.063   12.937  -4.751  1.00 22.21  ? 138  VAL A CB    1 
ATOM   861  C  CG1   . VAL A 1 138 ? 2.072   13.788  -3.953  1.00 22.56  ? 138  VAL A CG1   1 
ATOM   862  C  CG2   . VAL A 1 138 ? 3.988   13.841  -5.544  1.00 22.65  ? 138  VAL A CG2   1 
ATOM   863  N  N     . LEU A 1 139 ? 2.264   10.258  -3.391  1.00 22.73  ? 139  LEU A N     1 
ATOM   864  C  CA    . LEU A 1 139 ? 1.287   9.531   -2.594  1.00 20.54  ? 139  LEU A CA    1 
ATOM   865  C  C     . LEU A 1 139 ? 1.980   8.921   -1.380  1.00 20.19  ? 139  LEU A C     1 
ATOM   866  O  O     . LEU A 1 139 ? 1.478   8.994   -0.257  1.00 18.07  ? 139  LEU A O     1 
ATOM   867  C  CB    . LEU A 1 139 ? 0.630   8.422   -3.423  1.00 21.90  ? 139  LEU A CB    1 
ATOM   868  C  CG    . LEU A 1 139 ? -0.786  7.994   -3.017  1.00 25.42  ? 139  LEU A CG    1 
ATOM   869  C  CD1   . LEU A 1 139 ? -1.129  6.637   -3.648  1.00 23.85  ? 139  LEU A CD1   1 
ATOM   870  C  CD2   . LEU A 1 139 ? -0.868  7.883   -1.500  1.00 28.54  ? 139  LEU A CD2   1 
ATOM   871  N  N     . LEU A 1 140 ? 3.144   8.330   -1.601  1.00 17.51  ? 140  LEU A N     1 
ATOM   872  C  CA    . LEU A 1 140 ? 3.839   7.701   -0.493  1.00 19.45  ? 140  LEU A CA    1 
ATOM   873  C  C     . LEU A 1 140 ? 4.199   8.666   0.636   1.00 20.42  ? 140  LEU A C     1 
ATOM   874  O  O     . LEU A 1 140 ? 4.027   8.336   1.811   1.00 20.63  ? 140  LEU A O     1 
ATOM   875  C  CB    . LEU A 1 140 ? 5.078   6.979   -0.991  1.00 18.72  ? 140  LEU A CB    1 
ATOM   876  C  CG    . LEU A 1 140 ? 5.830   6.214   0.091   1.00 18.20  ? 140  LEU A CG    1 
ATOM   877  C  CD1   . LEU A 1 140 ? 4.860   5.450   0.979   1.00 17.77  ? 140  LEU A CD1   1 
ATOM   878  C  CD2   . LEU A 1 140 ? 6.823   5.280   -0.592  1.00 18.29  ? 140  LEU A CD2   1 
ATOM   879  N  N     . TRP A 1 141 ? 4.696   9.854   0.290   1.00 19.98  ? 141  TRP A N     1 
ATOM   880  C  CA    . TRP A 1 141 ? 5.050   10.837  1.311   1.00 20.97  ? 141  TRP A CA    1 
ATOM   881  C  C     . TRP A 1 141 ? 3.790   11.304  2.048   1.00 21.23  ? 141  TRP A C     1 
ATOM   882  O  O     . TRP A 1 141 ? 3.785   11.426  3.278   1.00 22.68  ? 141  TRP A O     1 
ATOM   883  C  CB    . TRP A 1 141 ? 5.770   12.036  0.686   1.00 19.13  ? 141  TRP A CB    1 
ATOM   884  C  CG    . TRP A 1 141 ? 7.268   11.880  0.654   1.00 22.30  ? 141  TRP A CG    1 
ATOM   885  C  CD1   . TRP A 1 141 ? 8.070   11.852  -0.452  1.00 20.23  ? 141  TRP A CD1   1 
ATOM   886  C  CD2   . TRP A 1 141 ? 8.144   11.750  1.788   1.00 21.35  ? 141  TRP A CD2   1 
ATOM   887  N  NE1   . TRP A 1 141 ? 9.389   11.713  -0.078  1.00 21.94  ? 141  TRP A NE1   1 
ATOM   888  C  CE2   . TRP A 1 141 ? 9.462   11.643  1.288   1.00 21.67  ? 141  TRP A CE2   1 
ATOM   889  C  CE3   . TRP A 1 141 ? 7.940   11.705  3.173   1.00 23.32  ? 141  TRP A CE3   1 
ATOM   890  C  CZ2   . TRP A 1 141 ? 10.574  11.499  2.126   1.00 21.61  ? 141  TRP A CZ2   1 
ATOM   891  C  CZ3   . TRP A 1 141 ? 9.056   11.560  4.012   1.00 22.71  ? 141  TRP A CZ3   1 
ATOM   892  C  CH2   . TRP A 1 141 ? 10.350  11.455  3.480   1.00 23.03  ? 141  TRP A CH2   1 
ATOM   893  N  N     . ARG A 1 142 ? 2.723   11.560  1.300   1.00 21.46  ? 142  ARG A N     1 
ATOM   894  C  CA    . ARG A 1 142 ? 1.476   11.987  1.918   1.00 22.07  ? 142  ARG A CA    1 
ATOM   895  C  C     . ARG A 1 142 ? 0.972   10.899  2.854   1.00 22.48  ? 142  ARG A C     1 
ATOM   896  O  O     . ARG A 1 142 ? 0.486   11.181  3.949   1.00 22.18  ? 142  ARG A O     1 
ATOM   897  C  CB    . ARG A 1 142 ? 0.411   12.270  0.859   1.00 22.99  ? 142  ARG A CB    1 
ATOM   898  C  CG    . ARG A 1 142 ? -0.913  12.716  1.460   1.00 25.55  ? 142  ARG A CG    1 
ATOM   899  C  CD    . ARG A 1 142 ? -1.740  13.500  0.456   1.00 31.98  ? 142  ARG A CD    1 
ATOM   900  N  NE    . ARG A 1 142 ? -3.012  13.950  1.013   1.00 33.34  ? 142  ARG A NE    1 
ATOM   901  C  CZ    . ARG A 1 142 ? -3.647  15.052  0.622   1.00 36.50  ? 142  ARG A CZ    1 
ATOM   902  N  NH1   . ARG A 1 142 ? -3.127  15.820  -0.325  1.00 37.99  ? 142  ARG A NH1   1 
ATOM   903  N  NH2   . ARG A 1 142 ? -4.805  15.389  1.176   1.00 38.01  ? 142  ARG A NH2   1 
ATOM   904  N  N     . TYR A 1 143 ? 1.093   9.651   2.409   1.00 20.89  ? 143  TYR A N     1 
ATOM   905  C  CA    . TYR A 1 143 ? 0.649   8.511   3.202   1.00 23.11  ? 143  TYR A CA    1 
ATOM   906  C  C     . TYR A 1 143 ? 1.446   8.413   4.494   1.00 24.99  ? 143  TYR A C     1 
ATOM   907  O  O     . TYR A 1 143 ? 0.894   8.190   5.571   1.00 25.56  ? 143  TYR A O     1 
ATOM   908  C  CB    . TYR A 1 143 ? 0.845   7.211   2.436   1.00 20.08  ? 143  TYR A CB    1 
ATOM   909  C  CG    . TYR A 1 143 ? 0.268   6.026   3.167   1.00 17.72  ? 143  TYR A CG    1 
ATOM   910  C  CD1   . TYR A 1 143 ? -1.080  5.714   3.051   1.00 15.63  ? 143  TYR A CD1   1 
ATOM   911  C  CD2   . TYR A 1 143 ? 1.069   5.222   3.983   1.00 16.94  ? 143  TYR A CD2   1 
ATOM   912  C  CE1   . TYR A 1 143 ? -1.629  4.625   3.717   1.00 18.49  ? 143  TYR A CE1   1 
ATOM   913  C  CE2   . TYR A 1 143 ? 0.526   4.127   4.665   1.00 16.80  ? 143  TYR A CE2   1 
ATOM   914  C  CZ    . TYR A 1 143 ? -0.829  3.836   4.517   1.00 17.59  ? 143  TYR A CZ    1 
ATOM   915  O  OH    . TYR A 1 143 ? -1.387  2.741   5.139   1.00 21.36  ? 143  TYR A OH    1 
ATOM   916  N  N     . LEU A 1 144 ? 2.756   8.562   4.363   1.00 25.50  ? 144  LEU A N     1 
ATOM   917  C  CA    . LEU A 1 144 ? 3.646   8.492   5.506   1.00 26.55  ? 144  LEU A CA    1 
ATOM   918  C  C     . LEU A 1 144 ? 3.281   9.532   6.565   1.00 29.02  ? 144  LEU A C     1 
ATOM   919  O  O     . LEU A 1 144 ? 3.140   9.198   7.741   1.00 28.03  ? 144  LEU A O     1 
ATOM   920  C  CB    . LEU A 1 144 ? 5.087   8.671   5.036   1.00 26.27  ? 144  LEU A CB    1 
ATOM   921  C  CG    . LEU A 1 144 ? 5.962   7.414   4.996   1.00 25.04  ? 144  LEU A CG    1 
ATOM   922  C  CD1   . LEU A 1 144 ? 5.132   6.173   4.819   1.00 25.67  ? 144  LEU A CD1   1 
ATOM   923  C  CD2   . LEU A 1 144 ? 6.982   7.554   3.881   1.00 25.36  ? 144  LEU A CD2   1 
ATOM   924  N  N     . HIS A 1 145 ? 3.114   10.784  6.145   1.00 29.86  ? 145  HIS A N     1 
ATOM   925  C  CA    . HIS A 1 145 ? 2.757   11.849  7.073   1.00 32.52  ? 145  HIS A CA    1 
ATOM   926  C  C     . HIS A 1 145 ? 1.348   11.637  7.636   1.00 32.43  ? 145  HIS A C     1 
ATOM   927  O  O     . HIS A 1 145 ? 1.118   11.788  8.839   1.00 31.98  ? 145  HIS A O     1 
ATOM   928  C  CB    . HIS A 1 145 ? 2.856   13.210  6.378   1.00 33.69  ? 145  HIS A CB    1 
ATOM   929  C  CG    . HIS A 1 145 ? 4.222   13.516  5.837   1.00 36.73  ? 145  HIS A CG    1 
ATOM   930  N  ND1   . HIS A 1 145 ? 5.381   13.087  6.451   1.00 36.48  ? 145  HIS A ND1   1 
ATOM   931  C  CD2   . HIS A 1 145 ? 4.614   14.250  4.767   1.00 37.01  ? 145  HIS A CD2   1 
ATOM   932  C  CE1   . HIS A 1 145 ? 6.425   13.545  5.783   1.00 35.84  ? 145  HIS A CE1   1 
ATOM   933  N  NE2   . HIS A 1 145 ? 5.987   14.256  4.758   1.00 37.06  ? 145  HIS A NE2   1 
ATOM   934  N  N     . HIS A 1 146 ? 0.414   11.276  6.761   1.00 32.82  ? 146  HIS A N     1 
ATOM   935  C  CA    . HIS A 1 146 ? -0.968  11.025  7.156   1.00 33.94  ? 146  HIS A CA    1 
ATOM   936  C  C     . HIS A 1 146 ? -1.065  9.966   8.253   1.00 35.47  ? 146  HIS A C     1 
ATOM   937  O  O     . HIS A 1 146 ? -1.700  10.182  9.289   1.00 36.16  ? 146  HIS A O     1 
ATOM   938  C  CB    . HIS A 1 146 ? -1.773  10.568  5.943   1.00 35.70  ? 146  HIS A CB    1 
ATOM   939  C  CG    . HIS A 1 146 ? -3.027  9.834   6.292   1.00 38.90  ? 146  HIS A CG    1 
ATOM   940  N  ND1   . HIS A 1 146 ? -4.080  10.431  6.953   1.00 41.60  ? 146  HIS A ND1   1 
ATOM   941  C  CD2   . HIS A 1 146 ? -3.385  8.542   6.107   1.00 39.16  ? 146  HIS A CD2   1 
ATOM   942  C  CE1   . HIS A 1 146 ? -5.031  9.538   7.161   1.00 40.88  ? 146  HIS A CE1   1 
ATOM   943  N  NE2   . HIS A 1 146 ? -4.633  8.384   6.658   1.00 39.91  ? 146  HIS A NE2   1 
ATOM   944  N  N     . VAL A 1 147 ? -0.448  8.815   8.011   1.00 35.05  ? 147  VAL A N     1 
ATOM   945  C  CA    . VAL A 1 147 ? -0.463  7.722   8.973   1.00 37.10  ? 147  VAL A CA    1 
ATOM   946  C  C     . VAL A 1 147 ? 0.438   8.048   10.165  1.00 38.20  ? 147  VAL A C     1 
ATOM   947  O  O     . VAL A 1 147 ? 0.184   7.618   11.297  1.00 36.88  ? 147  VAL A O     1 
ATOM   948  C  CB    . VAL A 1 147 ? -0.013  6.407   8.289   1.00 37.28  ? 147  VAL A CB    1 
ATOM   949  C  CG1   . VAL A 1 147 ? 0.558   5.454   9.294   1.00 38.36  ? 147  VAL A CG1   1 
ATOM   950  C  CG2   . VAL A 1 147 ? -1.195  5.760   7.598   1.00 36.13  ? 147  VAL A CG2   1 
ATOM   951  N  N     . GLY A 1 148 ? 1.482   8.828   9.901   1.00 39.44  ? 148  GLY A N     1 
ATOM   952  C  CA    . GLY A 1 148 ? 2.405   9.212   10.950  1.00 42.64  ? 148  GLY A CA    1 
ATOM   953  C  C     . GLY A 1 148 ? 1.804   10.302  11.817  1.00 44.97  ? 148  GLY A C     1 
ATOM   954  O  O     . GLY A 1 148 ? 2.386   10.688  12.833  1.00 45.35  ? 148  GLY A O     1 
ATOM   955  N  N     . ALA A 1 149 ? 0.640   10.807  11.408  1.00 45.67  ? 149  ALA A N     1 
ATOM   956  C  CA    . ALA A 1 149 ? -0.035  11.845  12.171  1.00 46.52  ? 149  ALA A CA    1 
ATOM   957  C  C     . ALA A 1 149 ? -0.640  11.145  13.371  1.00 47.71  ? 149  ALA A C     1 
ATOM   958  O  O     . ALA A 1 149 ? -0.654  11.680  14.477  1.00 47.99  ? 149  ALA A O     1 
ATOM   959  C  CB    . ALA A 1 149 ? -1.122  12.506  11.330  1.00 45.69  ? 149  ALA A CB    1 
ATOM   960  N  N     . GLN A 1 150 ? -1.139  9.936   13.142  1.00 48.32  ? 150  GLN A N     1 
ATOM   961  C  CA    . GLN A 1 150 ? -1.728  9.136   14.200  1.00 49.39  ? 150  GLN A CA    1 
ATOM   962  C  C     . GLN A 1 150 ? -0.588  8.639   15.093  1.00 49.68  ? 150  GLN A C     1 
ATOM   963  O  O     . GLN A 1 150 ? 0.169   7.750   14.713  1.00 50.67  ? 150  GLN A O     1 
ATOM   964  C  CB    . GLN A 1 150 ? -2.502  7.968   13.583  1.00 50.48  ? 150  GLN A CB    1 
ATOM   965  C  CG    . GLN A 1 150 ? -3.771  8.403   12.878  1.00 52.49  ? 150  GLN A CG    1 
ATOM   966  C  CD    . GLN A 1 150 ? -4.259  7.408   11.841  1.00 55.08  ? 150  GLN A CD    1 
ATOM   967  O  OE1   . GLN A 1 150 ? -4.385  6.209   12.110  1.00 56.60  ? 150  GLN A OE1   1 
ATOM   968  N  NE2   . GLN A 1 150 ? -4.553  7.904   10.645  1.00 55.72  ? 150  GLN A NE2   1 
ATOM   969  N  N     . PRO A 1 151 ? -0.456  9.213   16.302  1.00 48.94  ? 151  PRO A N     1 
ATOM   970  C  CA    . PRO A 1 151 ? 0.592   8.855   17.271  1.00 48.11  ? 151  PRO A CA    1 
ATOM   971  C  C     . PRO A 1 151 ? 0.789   7.363   17.572  1.00 46.52  ? 151  PRO A C     1 
ATOM   972  O  O     . PRO A 1 151 ? 1.915   6.926   17.837  1.00 46.03  ? 151  PRO A O     1 
ATOM   973  C  CB    . PRO A 1 151 ? 0.199   9.655   18.514  1.00 48.65  ? 151  PRO A CB    1 
ATOM   974  C  CG    . PRO A 1 151 ? -1.289  9.735   18.396  1.00 49.21  ? 151  PRO A CG    1 
ATOM   975  C  CD    . PRO A 1 151 ? -1.468  10.075  16.937  1.00 49.01  ? 151  PRO A CD    1 
ATOM   976  N  N     . ALA A 1 152 ? -0.292  6.590   17.533  1.00 44.34  ? 152  ALA A N     1 
ATOM   977  C  CA    . ALA A 1 152 ? -0.215  5.154   17.802  1.00 42.64  ? 152  ALA A CA    1 
ATOM   978  C  C     . ALA A 1 152 ? 0.748   4.482   16.825  1.00 41.04  ? 152  ALA A C     1 
ATOM   979  O  O     . ALA A 1 152 ? 1.534   3.608   17.206  1.00 40.98  ? 152  ALA A O     1 
ATOM   980  C  CB    . ALA A 1 152 ? -1.599  4.531   17.687  1.00 42.13  ? 152  ALA A CB    1 
ATOM   981  N  N     . VAL A 1 153 ? 0.671   4.896   15.564  1.00 38.50  ? 153  VAL A N     1 
ATOM   982  C  CA    . VAL A 1 153 ? 1.526   4.357   14.515  1.00 36.54  ? 153  VAL A CA    1 
ATOM   983  C  C     . VAL A 1 153 ? 2.937   4.920   14.649  1.00 36.02  ? 153  VAL A C     1 
ATOM   984  O  O     . VAL A 1 153 ? 3.170   6.124   14.479  1.00 34.85  ? 153  VAL A O     1 
ATOM   985  C  CB    . VAL A 1 153 ? 0.973   4.697   13.133  1.00 35.27  ? 153  VAL A CB    1 
ATOM   986  C  CG1   . VAL A 1 153 ? 1.928   4.218   12.064  1.00 35.64  ? 153  VAL A CG1   1 
ATOM   987  C  CG2   . VAL A 1 153 ? -0.387  4.054   12.959  1.00 36.66  ? 153  VAL A CG2   1 
ATOM   988  N  N     . ARG A 1 154 ? 3.879   4.027   14.927  1.00 34.40  ? 154  ARG A N     1 
ATOM   989  C  CA    . ARG A 1 154 ? 5.266   4.411   15.137  1.00 34.49  ? 154  ARG A CA    1 
ATOM   990  C  C     . ARG A 1 154 ? 6.210   3.966   14.034  1.00 32.41  ? 154  ARG A C     1 
ATOM   991  O  O     . ARG A 1 154 ? 7.377   4.366   14.021  1.00 31.19  ? 154  ARG A O     1 
ATOM   992  C  CB    . ARG A 1 154 ? 5.748   3.808   16.456  1.00 36.64  ? 154  ARG A CB    1 
ATOM   993  C  CG    . ARG A 1 154 ? 4.789   4.005   17.615  1.00 41.32  ? 154  ARG A CG    1 
ATOM   994  C  CD    . ARG A 1 154 ? 5.118   3.033   18.731  1.00 44.88  ? 154  ARG A CD    1 
ATOM   995  N  NE    . ARG A 1 154 ? 4.431   3.355   19.978  1.00 48.89  ? 154  ARG A NE    1 
ATOM   996  C  CZ    . ARG A 1 154 ? 4.563   2.651   21.097  1.00 50.75  ? 154  ARG A CZ    1 
ATOM   997  N  NH1   . ARG A 1 154 ? 5.356   1.582   21.118  1.00 51.75  ? 154  ARG A NH1   1 
ATOM   998  N  NH2   . ARG A 1 154 ? 3.908   3.012   22.195  1.00 51.14  ? 154  ARG A NH2   1 
ATOM   999  N  N     . ARG A 1 155 ? 5.712   3.148   13.112  1.00 29.69  ? 155  ARG A N     1 
ATOM   1000 C  CA    . ARG A 1 155 ? 6.549   2.622   12.042  1.00 27.05  ? 155  ARG A CA    1 
ATOM   1001 C  C     . ARG A 1 155 ? 5.727   2.199   10.828  1.00 26.98  ? 155  ARG A C     1 
ATOM   1002 O  O     . ARG A 1 155 ? 4.523   1.954   10.936  1.00 26.55  ? 155  ARG A O     1 
ATOM   1003 C  CB    . ARG A 1 155 ? 7.328   1.420   12.582  1.00 25.34  ? 155  ARG A CB    1 
ATOM   1004 C  CG    . ARG A 1 155 ? 8.205   0.692   11.584  1.00 27.14  ? 155  ARG A CG    1 
ATOM   1005 C  CD    . ARG A 1 155 ? 8.794   -0.595  12.187  1.00 25.12  ? 155  ARG A CD    1 
ATOM   1006 N  NE    . ARG A 1 155 ? 7.772   -1.612  12.429  1.00 24.54  ? 155  ARG A NE    1 
ATOM   1007 C  CZ    . ARG A 1 155 ? 8.011   -2.916  12.538  1.00 24.28  ? 155  ARG A CZ    1 
ATOM   1008 N  NH1   . ARG A 1 155 ? 9.247   -3.388  12.433  1.00 24.38  ? 155  ARG A NH1   1 
ATOM   1009 N  NH2   . ARG A 1 155 ? 7.007   -3.757  12.726  1.00 23.27  ? 155  ARG A NH2   1 
ATOM   1010 N  N     . ALA A 1 156 ? 6.385   2.122   9.673   1.00 24.33  ? 156  ALA A N     1 
ATOM   1011 C  CA    . ALA A 1 156 ? 5.731   1.693   8.438   1.00 22.61  ? 156  ALA A CA    1 
ATOM   1012 C  C     . ALA A 1 156 ? 6.538   0.532   7.883   1.00 22.03  ? 156  ALA A C     1 
ATOM   1013 O  O     . ALA A 1 156 ? 7.767   0.592   7.839   1.00 22.47  ? 156  ALA A O     1 
ATOM   1014 C  CB    . ALA A 1 156 ? 5.686   2.829   7.423   1.00 21.67  ? 156  ALA A CB    1 
ATOM   1015 N  N     . VAL A 1 157 ? 5.846   -0.526  7.476   1.00 20.30  ? 157  VAL A N     1 
ATOM   1016 C  CA    . VAL A 1 157 ? 6.506   -1.699  6.929   1.00 20.68  ? 157  VAL A CA    1 
ATOM   1017 C  C     . VAL A 1 157 ? 5.855   -2.186  5.634   1.00 21.53  ? 157  VAL A C     1 
ATOM   1018 O  O     . VAL A 1 157 ? 4.657   -2.007  5.412   1.00 19.70  ? 157  VAL A O     1 
ATOM   1019 C  CB    . VAL A 1 157 ? 6.506   -2.853  7.957   1.00 20.72  ? 157  VAL A CB    1 
ATOM   1020 C  CG1   . VAL A 1 157 ? 7.239   -2.418  9.219   1.00 21.58  ? 157  VAL A CG1   1 
ATOM   1021 C  CG2   . VAL A 1 157 ? 5.075   -3.263  8.290   1.00 20.20  ? 157  VAL A CG2   1 
ATOM   1022 N  N     . LEU A 1 158 ? 6.664   -2.800  4.777   1.00 20.83  ? 158  LEU A N     1 
ATOM   1023 C  CA    . LEU A 1 158 ? 6.175   -3.339  3.514   1.00 22.53  ? 158  LEU A CA    1 
ATOM   1024 C  C     . LEU A 1 158 ? 7.171   -4.330  2.899   1.00 21.89  ? 158  LEU A C     1 
ATOM   1025 O  O     . LEU A 1 158 ? 8.321   -4.437  3.345   1.00 21.48  ? 158  LEU A O     1 
ATOM   1026 C  CB    . LEU A 1 158 ? 5.895   -2.205  2.520   1.00 19.83  ? 158  LEU A CB    1 
ATOM   1027 C  CG    . LEU A 1 158 ? 7.073   -1.436  1.904   1.00 25.70  ? 158  LEU A CG    1 
ATOM   1028 C  CD1   . LEU A 1 158 ? 8.011   -0.998  2.998   1.00 28.64  ? 158  LEU A CD1   1 
ATOM   1029 C  CD2   . LEU A 1 158 ? 7.824   -2.302  0.883   1.00 27.77  ? 158  LEU A CD2   1 
ATOM   1030 N  N     . MET A 1 159 ? 6.706   -5.051  1.881   1.00 22.57  ? 159  MET A N     1 
ATOM   1031 C  CA    . MET A 1 159 ? 7.508   -6.028  1.147   1.00 25.12  ? 159  MET A CA    1 
ATOM   1032 C  C     . MET A 1 159 ? 7.708   -5.447  -0.230  1.00 24.51  ? 159  MET A C     1 
ATOM   1033 O  O     . MET A 1 159 ? 6.803   -4.823  -0.779  1.00 24.88  ? 159  MET A O     1 
ATOM   1034 C  CB    . MET A 1 159 ? 6.764   -7.330  0.871   1.00 27.32  ? 159  MET A CB    1 
ATOM   1035 C  CG    . MET A 1 159 ? 6.217   -8.109  1.997   1.00 30.79  ? 159  MET A CG    1 
ATOM   1036 S  SD    . MET A 1 159 ? 5.869   -9.688  1.243   1.00 26.87  ? 159  MET A SD    1 
ATOM   1037 C  CE    . MET A 1 159 ? 4.321   -9.460  0.525   1.00 29.15  ? 159  MET A CE    1 
ATOM   1038 N  N     . CYS A 1 160 ? 8.863   -5.689  -0.825  1.00 24.98  ? 160  CYS A N     1 
ATOM   1039 C  CA    . CYS A 1 160 ? 9.073   -5.177  -2.159  1.00 26.40  ? 160  CYS A CA    1 
ATOM   1040 C  C     . CYS A 1 160 ? 10.137  -5.961  -2.902  1.00 26.86  ? 160  CYS A C     1 
ATOM   1041 O  O     . CYS A 1 160 ? 10.986  -6.630  -2.304  1.00 24.68  ? 160  CYS A O     1 
ATOM   1042 C  CB    . CYS A 1 160 ? 9.440   -3.694  -2.111  1.00 26.50  ? 160  CYS A CB    1 
ATOM   1043 S  SG    . CYS A 1 160 ? 11.182  -3.373  -1.812  1.00 23.75  ? 160  CYS A SG    1 
ATOM   1044 N  N     . GLU A 1 161 ? 10.072  -5.872  -4.220  1.00 27.95  ? 161  GLU A N     1 
ATOM   1045 C  CA    . GLU A 1 161 ? 11.014  -6.552  -5.086  1.00 31.11  ? 161  GLU A CA    1 
ATOM   1046 C  C     . GLU A 1 161 ? 12.374  -5.881  -4.953  1.00 30.15  ? 161  GLU A C     1 
ATOM   1047 O  O     . GLU A 1 161 ? 12.462  -4.680  -4.721  1.00 28.89  ? 161  GLU A O     1 
ATOM   1048 C  CB    . GLU A 1 161 ? 10.496  -6.495  -6.520  1.00 35.01  ? 161  GLU A CB    1 
ATOM   1049 C  CG    . GLU A 1 161 ? 9.044   -6.994  -6.623  1.00 43.02  ? 161  GLU A CG    1 
ATOM   1050 C  CD    . GLU A 1 161 ? 7.996   -5.876  -6.622  1.00 46.05  ? 161  GLU A CD    1 
ATOM   1051 O  OE1   . GLU A 1 161 ? 8.270   -4.784  -6.072  1.00 48.55  ? 161  GLU A OE1   1 
ATOM   1052 O  OE2   . GLU A 1 161 ? 6.891   -6.099  -7.171  1.00 47.23  ? 161  GLU A OE2   1 
ATOM   1053 N  N     . ASP A 1 162 ? 13.435  -6.661  -5.088  1.00 31.64  ? 162  ASP A N     1 
ATOM   1054 C  CA    . ASP A 1 162 ? 14.779  -6.122  -4.942  1.00 34.18  ? 162  ASP A CA    1 
ATOM   1055 C  C     . ASP A 1 162 ? 15.058  -4.833  -5.698  1.00 31.65  ? 162  ASP A C     1 
ATOM   1056 O  O     . ASP A 1 162 ? 15.764  -3.957  -5.200  1.00 29.96  ? 162  ASP A O     1 
ATOM   1057 C  CB    . ASP A 1 162 ? 15.818  -7.173  -5.341  1.00 38.73  ? 162  ASP A CB    1 
ATOM   1058 C  CG    . ASP A 1 162 ? 15.866  -8.336  -4.373  1.00 43.60  ? 162  ASP A CG    1 
ATOM   1059 O  OD1   . ASP A 1 162 ? 16.813  -9.150  -4.470  1.00 46.03  ? 162  ASP A OD1   1 
ATOM   1060 O  OD2   . ASP A 1 162 ? 14.952  -8.436  -3.515  1.00 45.56  ? 162  ASP A OD2   1 
ATOM   1061 N  N     . ALA A 1 163 ? 14.494  -4.707  -6.894  1.00 31.60  ? 163  ALA A N     1 
ATOM   1062 C  CA    . ALA A 1 163 ? 14.729  -3.525  -7.714  1.00 31.40  ? 163  ALA A CA    1 
ATOM   1063 C  C     . ALA A 1 163 ? 14.087  -2.230  -7.227  1.00 31.25  ? 163  ALA A C     1 
ATOM   1064 O  O     . ALA A 1 163 ? 14.380  -1.162  -7.763  1.00 29.65  ? 163  ALA A O     1 
ATOM   1065 C  CB    . ALA A 1 163 ? 14.301  -3.796  -9.145  1.00 33.97  ? 163  ALA A CB    1 
ATOM   1066 N  N     . LEU A 1 164 ? 13.211  -2.314  -6.227  1.00 31.48  ? 164  LEU A N     1 
ATOM   1067 C  CA    . LEU A 1 164 ? 12.541  -1.113  -5.701  1.00 30.41  ? 164  LEU A CA    1 
ATOM   1068 C  C     . LEU A 1 164 ? 13.077  -0.693  -4.344  1.00 28.88  ? 164  LEU A C     1 
ATOM   1069 O  O     . LEU A 1 164 ? 12.620  0.296   -3.783  1.00 29.58  ? 164  LEU A O     1 
ATOM   1070 C  CB    . LEU A 1 164 ? 11.028  -1.333  -5.580  1.00 31.52  ? 164  LEU A CB    1 
ATOM   1071 C  CG    . LEU A 1 164 ? 10.166  -1.293  -6.842  1.00 32.45  ? 164  LEU A CG    1 
ATOM   1072 C  CD1   . LEU A 1 164 ? 8.755   -1.721  -6.501  1.00 31.17  ? 164  LEU A CD1   1 
ATOM   1073 C  CD2   . LEU A 1 164 ? 10.172  0.106   -7.432  1.00 31.65  ? 164  LEU A CD2   1 
ATOM   1074 N  N     . VAL A 1 165 ? 14.037  -1.448  -3.814  1.00 28.67  ? 165  VAL A N     1 
ATOM   1075 C  CA    . VAL A 1 165 ? 14.633  -1.131  -2.518  1.00 27.47  ? 165  VAL A CA    1 
ATOM   1076 C  C     . VAL A 1 165 ? 15.207  0.291   -2.485  1.00 27.49  ? 165  VAL A C     1 
ATOM   1077 O  O     . VAL A 1 165 ? 14.949  1.053   -1.555  1.00 25.12  ? 165  VAL A O     1 
ATOM   1078 C  CB    . VAL A 1 165 ? 15.770  -2.118  -2.161  1.00 27.10  ? 165  VAL A CB    1 
ATOM   1079 C  CG1   . VAL A 1 165 ? 16.484  -1.655  -0.906  1.00 27.78  ? 165  VAL A CG1   1 
ATOM   1080 C  CG2   . VAL A 1 165 ? 15.211  -3.518  -1.973  1.00 25.94  ? 165  VAL A CG2   1 
ATOM   1081 N  N     . PRO A 1 166 ? 16.007  0.665   -3.497  1.00 26.76  ? 166  PRO A N     1 
ATOM   1082 C  CA    . PRO A 1 166 ? 16.568  2.021   -3.481  1.00 27.12  ? 166  PRO A CA    1 
ATOM   1083 C  C     . PRO A 1 166 ? 15.477  3.087   -3.525  1.00 26.93  ? 166  PRO A C     1 
ATOM   1084 O  O     . PRO A 1 166 ? 15.613  4.149   -2.913  1.00 27.49  ? 166  PRO A O     1 
ATOM   1085 C  CB    . PRO A 1 166 ? 17.491  2.032   -4.705  1.00 27.76  ? 166  PRO A CB    1 
ATOM   1086 C  CG    . PRO A 1 166 ? 16.865  1.025   -5.612  1.00 29.21  ? 166  PRO A CG    1 
ATOM   1087 C  CD    . PRO A 1 166 ? 16.463  -0.088  -4.676  1.00 27.35  ? 166  PRO A CD    1 
ATOM   1088 N  N     . PHE A 1 167 ? 14.393  2.795   -4.243  1.00 25.96  ? 167  PHE A N     1 
ATOM   1089 C  CA    . PHE A 1 167 ? 13.261  3.712   -4.343  1.00 26.13  ? 167  PHE A CA    1 
ATOM   1090 C  C     . PHE A 1 167 ? 12.706  4.004   -2.945  1.00 23.66  ? 167  PHE A C     1 
ATOM   1091 O  O     . PHE A 1 167 ? 12.559  5.158   -2.550  1.00 22.10  ? 167  PHE A O     1 
ATOM   1092 C  CB    . PHE A 1 167 ? 12.155  3.088   -5.197  1.00 24.99  ? 167  PHE A CB    1 
ATOM   1093 C  CG    . PHE A 1 167 ? 10.879  3.886   -5.225  1.00 27.97  ? 167  PHE A CG    1 
ATOM   1094 C  CD1   . PHE A 1 167 ? 10.832  5.130   -5.854  1.00 29.72  ? 167  PHE A CD1   1 
ATOM   1095 C  CD2   . PHE A 1 167 ? 9.722   3.395   -4.630  1.00 27.09  ? 167  PHE A CD2   1 
ATOM   1096 C  CE1   . PHE A 1 167 ? 9.652   5.874   -5.890  1.00 27.10  ? 167  PHE A CE1   1 
ATOM   1097 C  CE2   . PHE A 1 167 ? 8.532   4.134   -4.663  1.00 28.42  ? 167  PHE A CE2   1 
ATOM   1098 C  CZ    . PHE A 1 167 ? 8.503   5.379   -5.297  1.00 28.76  ? 167  PHE A CZ    1 
ATOM   1099 N  N     . TYR A 1 168 ? 12.407  2.947   -2.196  1.00 23.18  ? 168  TYR A N     1 
ATOM   1100 C  CA    . TYR A 1 168 ? 11.851  3.125   -0.863  1.00 21.28  ? 168  TYR A CA    1 
ATOM   1101 C  C     . TYR A 1 168 ? 12.836  3.758   0.109   1.00 21.68  ? 168  TYR A C     1 
ATOM   1102 O  O     . TYR A 1 168 ? 12.427  4.372   1.089   1.00 20.16  ? 168  TYR A O     1 
ATOM   1103 C  CB    . TYR A 1 168 ? 11.318  1.788   -0.317  1.00 20.21  ? 168  TYR A CB    1 
ATOM   1104 C  CG    . TYR A 1 168 ? 10.011  1.349   -0.976  1.00 20.99  ? 168  TYR A CG    1 
ATOM   1105 C  CD1   . TYR A 1 168 ? 9.976   0.262   -1.850  1.00 19.83  ? 168  TYR A CD1   1 
ATOM   1106 C  CD2   . TYR A 1 168 ? 8.828   2.067   -0.774  1.00 20.80  ? 168  TYR A CD2   1 
ATOM   1107 C  CE1   . TYR A 1 168 ? 8.807   -0.098  -2.512  1.00 21.26  ? 168  TYR A CE1   1 
ATOM   1108 C  CE2   . TYR A 1 168 ? 7.641   1.712   -1.440  1.00 22.31  ? 168  TYR A CE2   1 
ATOM   1109 C  CZ    . TYR A 1 168 ? 7.643   0.632   -2.307  1.00 22.40  ? 168  TYR A CZ    1 
ATOM   1110 O  OH    . TYR A 1 168 ? 6.492   0.295   -2.990  1.00 22.77  ? 168  TYR A OH    1 
ATOM   1111 N  N     . GLN A 1 169 ? 14.131  3.624   -0.157  1.00 22.10  ? 169  GLN A N     1 
ATOM   1112 C  CA    . GLN A 1 169 ? 15.123  4.238   0.722   1.00 23.79  ? 169  GLN A CA    1 
ATOM   1113 C  C     . GLN A 1 169 ? 15.032  5.773   0.639   1.00 23.88  ? 169  GLN A C     1 
ATOM   1114 O  O     . GLN A 1 169 ? 15.395  6.477   1.579   1.00 22.42  ? 169  GLN A O     1 
ATOM   1115 C  CB    . GLN A 1 169 ? 16.528  3.772   0.346   1.00 26.33  ? 169  GLN A CB    1 
ATOM   1116 C  CG    . GLN A 1 169 ? 16.762  2.279   0.570   1.00 27.47  ? 169  GLN A CG    1 
ATOM   1117 C  CD    . GLN A 1 169 ? 18.150  1.850   0.154   1.00 30.09  ? 169  GLN A CD    1 
ATOM   1118 O  OE1   . GLN A 1 169 ? 19.099  1.926   0.937   1.00 31.46  ? 169  GLN A OE1   1 
ATOM   1119 N  NE2   . GLN A 1 169 ? 18.285  1.415   -1.097  1.00 33.13  ? 169  GLN A NE2   1 
ATOM   1120 N  N     . ARG A 1 170 ? 14.539  6.289   -0.483  1.00 23.76  ? 170  ARG A N     1 
ATOM   1121 C  CA    . ARG A 1 170 ? 14.402  7.742   -0.646  1.00 24.78  ? 170  ARG A CA    1 
ATOM   1122 C  C     . ARG A 1 170 ? 13.378  8.275   0.355   1.00 24.60  ? 170  ARG A C     1 
ATOM   1123 O  O     . ARG A 1 170 ? 13.256  9.488   0.537   1.00 23.78  ? 170  ARG A O     1 
ATOM   1124 C  CB    . ARG A 1 170 ? 13.883  8.100   -2.048  1.00 26.53  ? 170  ARG A CB    1 
ATOM   1125 C  CG    . ARG A 1 170 ? 14.697  7.598   -3.245  1.00 27.07  ? 170  ARG A CG    1 
ATOM   1126 C  CD    . ARG A 1 170 ? 13.952  7.920   -4.548  1.00 28.49  ? 170  ARG A CD    1 
ATOM   1127 N  NE    . ARG A 1 170 ? 14.646  7.459   -5.751  1.00 29.57  ? 170  ARG A NE    1 
ATOM   1128 C  CZ    . ARG A 1 170 ? 14.147  7.545   -6.985  1.00 30.52  ? 170  ARG A CZ    1 
ATOM   1129 N  NH1   . ARG A 1 170 ? 12.942  8.072   -7.200  1.00 28.34  ? 170  ARG A NH1   1 
ATOM   1130 N  NH2   . ARG A 1 170 ? 14.857  7.107   -8.014  1.00 31.93  ? 170  ARG A NH2   1 
ATOM   1131 N  N     . PHE A 1 171 ? 12.639  7.362   0.987   1.00 23.80  ? 171  PHE A N     1 
ATOM   1132 C  CA    . PHE A 1 171 ? 11.583  7.739   1.925   1.00 23.45  ? 171  PHE A CA    1 
ATOM   1133 C  C     . PHE A 1 171 ? 11.903  7.476   3.395   1.00 21.80  ? 171  PHE A C     1 
ATOM   1134 O  O     . PHE A 1 171 ? 11.083  7.748   4.274   1.00 22.22  ? 171  PHE A O     1 
ATOM   1135 C  CB    . PHE A 1 171 ? 10.276  7.020   1.535   1.00 25.35  ? 171  PHE A CB    1 
ATOM   1136 C  CG    . PHE A 1 171 ? 9.784   7.353   0.148   1.00 25.72  ? 171  PHE A CG    1 
ATOM   1137 C  CD1   . PHE A 1 171 ? 8.817   8.341   -0.050  1.00 25.50  ? 171  PHE A CD1   1 
ATOM   1138 C  CD2   . PHE A 1 171 ? 10.287  6.676   -0.964  1.00 25.34  ? 171  PHE A CD2   1 
ATOM   1139 C  CE1   . PHE A 1 171 ? 8.353   8.650   -1.333  1.00 24.19  ? 171  PHE A CE1   1 
ATOM   1140 C  CE2   . PHE A 1 171 ? 9.830   6.982   -2.253  1.00 26.75  ? 171  PHE A CE2   1 
ATOM   1141 C  CZ    . PHE A 1 171 ? 8.859   7.970   -2.438  1.00 24.69  ? 171  PHE A CZ    1 
ATOM   1142 N  N     . GLY A 1 172 ? 13.093  6.954   3.667   1.00 21.87  ? 172  GLY A N     1 
ATOM   1143 C  CA    . GLY A 1 172 ? 13.464  6.684   5.044   1.00 22.92  ? 172  GLY A CA    1 
ATOM   1144 C  C     . GLY A 1 172 ? 13.394  5.211   5.394   1.00 24.69  ? 172  GLY A C     1 
ATOM   1145 O  O     . GLY A 1 172 ? 13.760  4.823   6.502   1.00 26.02  ? 172  GLY A O     1 
ATOM   1146 N  N     . PHE A 1 173 ? 12.921  4.392   4.461   1.00 23.04  ? 173  PHE A N     1 
ATOM   1147 C  CA    . PHE A 1 173 ? 12.822  2.953   4.687   1.00 23.23  ? 173  PHE A CA    1 
ATOM   1148 C  C     . PHE A 1 173 ? 14.220  2.335   4.630   1.00 24.04  ? 173  PHE A C     1 
ATOM   1149 O  O     . PHE A 1 173 ? 15.072  2.776   3.852   1.00 23.59  ? 173  PHE A O     1 
ATOM   1150 C  CB    . PHE A 1 173 ? 11.941  2.304   3.613   1.00 21.06  ? 173  PHE A CB    1 
ATOM   1151 C  CG    . PHE A 1 173 ? 10.460  2.493   3.823   1.00 20.18  ? 173  PHE A CG    1 
ATOM   1152 C  CD1   . PHE A 1 173 ? 9.712   1.536   4.511   1.00 20.02  ? 173  PHE A CD1   1 
ATOM   1153 C  CD2   . PHE A 1 173 ? 9.802   3.604   3.296   1.00 20.27  ? 173  PHE A CD2   1 
ATOM   1154 C  CE1   . PHE A 1 173 ? 8.329   1.683   4.665   1.00 20.86  ? 173  PHE A CE1   1 
ATOM   1155 C  CE2   . PHE A 1 173 ? 8.422   3.761   3.445   1.00 18.02  ? 173  PHE A CE2   1 
ATOM   1156 C  CZ    . PHE A 1 173 ? 7.682   2.792   4.134   1.00 20.43  ? 173  PHE A CZ    1 
ATOM   1157 N  N     . HIS A 1 174 ? 14.448  1.325   5.463   1.00 24.21  ? 174  HIS A N     1 
ATOM   1158 C  CA    . HIS A 1 174 ? 15.728  0.626   5.506   1.00 25.30  ? 174  HIS A CA    1 
ATOM   1159 C  C     . HIS A 1 174 ? 15.526  -0.839  5.177   1.00 25.65  ? 174  HIS A C     1 
ATOM   1160 O  O     . HIS A 1 174 ? 14.620  -1.485  5.710   1.00 24.25  ? 174  HIS A O     1 
ATOM   1161 C  CB    . HIS A 1 174 ? 16.344  0.710   6.897   1.00 26.57  ? 174  HIS A CB    1 
ATOM   1162 C  CG    . HIS A 1 174 ? 16.634  2.101   7.341   1.00 30.10  ? 174  HIS A CG    1 
ATOM   1163 N  ND1   . HIS A 1 174 ? 15.669  3.085   7.379   1.00 32.43  ? 174  HIS A ND1   1 
ATOM   1164 C  CD2   . HIS A 1 174 ? 17.775  2.675   7.782   1.00 29.61  ? 174  HIS A CD2   1 
ATOM   1165 C  CE1   . HIS A 1 174 ? 16.204  4.204   7.826   1.00 32.65  ? 174  HIS A CE1   1 
ATOM   1166 N  NE2   . HIS A 1 174 ? 17.481  3.983   8.078   1.00 31.94  ? 174  HIS A NE2   1 
ATOM   1167 N  N     . PRO A 1 175 ? 16.364  -1.389  4.288   1.00 25.65  ? 175  PRO A N     1 
ATOM   1168 C  CA    . PRO A 1 175 ? 16.211  -2.804  3.947   1.00 25.94  ? 175  PRO A CA    1 
ATOM   1169 C  C     . PRO A 1 175 ? 16.385  -3.638  5.211   1.00 25.12  ? 175  PRO A C     1 
ATOM   1170 O  O     . PRO A 1 175 ? 17.320  -3.416  5.989   1.00 26.10  ? 175  PRO A O     1 
ATOM   1171 C  CB    . PRO A 1 175 ? 17.316  -3.029  2.912   1.00 26.17  ? 175  PRO A CB    1 
ATOM   1172 C  CG    . PRO A 1 175 ? 18.317  -1.940  3.219   1.00 27.26  ? 175  PRO A CG    1 
ATOM   1173 C  CD    . PRO A 1 175 ? 17.454  -0.766  3.520   1.00 25.96  ? 175  PRO A CD    1 
ATOM   1174 N  N     . ALA A 1 176 ? 15.479  -4.580  5.428   1.00 23.34  ? 176  ALA A N     1 
ATOM   1175 C  CA    . ALA A 1 176 ? 15.531  -5.403  6.622   1.00 23.98  ? 176  ALA A CA    1 
ATOM   1176 C  C     . ALA A 1 176 ? 15.600  -6.896  6.323   1.00 23.49  ? 176  ALA A C     1 
ATOM   1177 O  O     . ALA A 1 176 ? 14.943  -7.698  6.988   1.00 25.48  ? 176  ALA A O     1 
ATOM   1178 C  CB    . ALA A 1 176 ? 14.327  -5.092  7.520   1.00 23.06  ? 176  ALA A CB    1 
ATOM   1179 N  N     . GLY A 1 177 ? 16.390  -7.260  5.317   1.00 23.81  ? 177  GLY A N     1 
ATOM   1180 C  CA    . GLY A 1 177 ? 16.565  -8.656  4.967   1.00 22.56  ? 177  GLY A CA    1 
ATOM   1181 C  C     . GLY A 1 177 ? 15.441  -9.299  4.187   1.00 24.90  ? 177  GLY A C     1 
ATOM   1182 O  O     . GLY A 1 177 ? 14.412  -8.667  3.928   1.00 23.14  ? 177  GLY A O     1 
ATOM   1183 N  N     . PRO A 1 178 ? 15.612  -10.576 3.799   1.00 26.09  ? 178  PRO A N     1 
ATOM   1184 C  CA    . PRO A 1 178 ? 14.592  -11.304 3.037   1.00 25.33  ? 178  PRO A CA    1 
ATOM   1185 C  C     . PRO A 1 178 ? 13.286  -11.280 3.802   1.00 25.28  ? 178  PRO A C     1 
ATOM   1186 O  O     . PRO A 1 178 ? 13.284  -11.439 5.020   1.00 27.12  ? 178  PRO A O     1 
ATOM   1187 C  CB    . PRO A 1 178 ? 15.157  -12.719 2.960   1.00 24.91  ? 178  PRO A CB    1 
ATOM   1188 C  CG    . PRO A 1 178 ? 16.636  -12.509 3.033   1.00 25.88  ? 178  PRO A CG    1 
ATOM   1189 C  CD    . PRO A 1 178 ? 16.756  -11.453 4.104   1.00 26.03  ? 178  PRO A CD    1 
ATOM   1190 N  N     . CYS A 1 179 ? 12.178  -11.066 3.112   1.00 25.11  ? 179  CYS A N     1 
ATOM   1191 C  CA    . CYS A 1 179 ? 10.912  -11.078 3.811   1.00 24.58  ? 179  CYS A CA    1 
ATOM   1192 C  C     . CYS A 1 179 ? 10.570  -12.547 3.914   1.00 24.73  ? 179  CYS A C     1 
ATOM   1193 O  O     . CYS A 1 179 ? 10.945  -13.331 3.042   1.00 24.01  ? 179  CYS A O     1 
ATOM   1194 C  CB    . CYS A 1 179 ? 9.822   -10.347 3.024   1.00 26.02  ? 179  CYS A CB    1 
ATOM   1195 S  SG    . CYS A 1 179 ? 8.243   -10.314 3.888   1.00 26.79  ? 179  CYS A SG    1 
ATOM   1196 N  N     . ALA A 1 180 ? 9.871   -12.917 4.979   1.00 24.48  ? 180  ALA A N     1 
ATOM   1197 C  CA    . ALA A 1 180 ? 9.485   -14.305 5.197   1.00 28.14  ? 180  ALA A CA    1 
ATOM   1198 C  C     . ALA A 1 180 ? 8.291   -14.729 4.354   1.00 28.07  ? 180  ALA A C     1 
ATOM   1199 O  O     . ALA A 1 180 ? 8.124   -15.907 4.070   1.00 28.86  ? 180  ALA A O     1 
ATOM   1200 C  CB    . ALA A 1 180 ? 9.167   -14.531 6.671   1.00 28.26  ? 180  ALA A CB    1 
ATOM   1201 N  N     . ILE A 1 181 ? 7.473   -13.765 3.944   1.00 28.93  ? 181  ILE A N     1 
ATOM   1202 C  CA    . ILE A 1 181 ? 6.274   -14.062 3.165   1.00 30.11  ? 181  ILE A CA    1 
ATOM   1203 C  C     . ILE A 1 181 ? 6.496   -14.745 1.810   1.00 32.58  ? 181  ILE A C     1 
ATOM   1204 O  O     . ILE A 1 181 ? 7.329   -14.327 1.001   1.00 32.28  ? 181  ILE A O     1 
ATOM   1205 C  CB    . ILE A 1 181 ? 5.432   -12.788 2.979   1.00 28.44  ? 181  ILE A CB    1 
ATOM   1206 C  CG1   . ILE A 1 181 ? 5.094   -12.206 4.355   1.00 27.57  ? 181  ILE A CG1   1 
ATOM   1207 C  CG2   . ILE A 1 181 ? 4.148   -13.110 2.222   1.00 28.49  ? 181  ILE A CG2   1 
ATOM   1208 C  CD1   . ILE A 1 181 ? 4.371   -10.879 4.320   1.00 25.98  ? 181  ILE A CD1   1 
ATOM   1209 N  N     . VAL A 1 182 ? 5.733   -15.812 1.585   1.00 34.60  ? 182  VAL A N     1 
ATOM   1210 C  CA    . VAL A 1 182 ? 5.803   -16.592 0.353   1.00 37.28  ? 182  VAL A CA    1 
ATOM   1211 C  C     . VAL A 1 182 ? 4.682   -16.234 -0.621  1.00 37.40  ? 182  VAL A C     1 
ATOM   1212 O  O     . VAL A 1 182 ? 3.530   -16.057 -0.220  1.00 38.95  ? 182  VAL A O     1 
ATOM   1213 C  CB    . VAL A 1 182 ? 5.699   -18.104 0.651   1.00 37.82  ? 182  VAL A CB    1 
ATOM   1214 C  CG1   . VAL A 1 182 ? 5.642   -18.892 -0.660  1.00 39.14  ? 182  VAL A CG1   1 
ATOM   1215 C  CG2   . VAL A 1 182 ? 6.875   -18.549 1.512   1.00 38.10  ? 182  VAL A CG2   1 
ATOM   1216 N  N     . VAL A 1 183 ? 5.033   -16.139 -1.899  1.00 38.48  ? 183  VAL A N     1 
ATOM   1217 C  CA    . VAL A 1 183 ? 4.078   -15.821 -2.959  1.00 38.73  ? 183  VAL A CA    1 
ATOM   1218 C  C     . VAL A 1 183 ? 4.575   -16.369 -4.291  1.00 39.50  ? 183  VAL A C     1 
ATOM   1219 O  O     . VAL A 1 183 ? 5.414   -15.745 -4.948  1.00 39.19  ? 183  VAL A O     1 
ATOM   1220 C  CB    . VAL A 1 183 ? 3.909   -14.314 -3.140  1.00 39.34  ? 183  VAL A CB    1 
ATOM   1221 C  CG1   . VAL A 1 183 ? 3.013   -14.061 -4.330  1.00 38.91  ? 183  VAL A CG1   1 
ATOM   1222 C  CG2   . VAL A 1 183 ? 3.333   -13.684 -1.873  1.00 39.41  ? 183  VAL A CG2   1 
ATOM   1223 N  N     . GLY A 1 184 ? 4.053   -17.518 -4.700  1.00 39.03  ? 184  GLY A N     1 
ATOM   1224 C  CA    . GLY A 1 184 ? 4.492   -18.095 -5.956  1.00 39.85  ? 184  GLY A CA    1 
ATOM   1225 C  C     . GLY A 1 184 ? 5.974   -18.383 -5.867  1.00 39.97  ? 184  GLY A C     1 
ATOM   1226 O  O     . GLY A 1 184 ? 6.405   -19.150 -5.007  1.00 40.96  ? 184  GLY A O     1 
ATOM   1227 N  N     . SER A 1 185 ? 6.760   -17.751 -6.729  1.00 41.37  ? 185  SER A N     1 
ATOM   1228 C  CA    . SER A 1 185 ? 8.206   -17.958 -6.742  1.00 41.18  ? 185  SER A CA    1 
ATOM   1229 C  C     . SER A 1 185 ? 9.005   -16.675 -6.516  1.00 41.63  ? 185  SER A C     1 
ATOM   1230 O  O     . SER A 1 185 ? 10.228  -16.712 -6.365  1.00 41.12  ? 185  SER A O     1 
ATOM   1231 C  CB    . SER A 1 185 ? 8.614   -18.582 -8.072  1.00 42.34  ? 185  SER A CB    1 
ATOM   1232 O  OG    . SER A 1 185 ? 8.001   -17.901 -9.154  1.00 43.68  ? 185  SER A OG    1 
ATOM   1233 N  N     . LEU A 1 186 ? 8.314   -15.543 -6.489  1.00 41.37  ? 186  LEU A N     1 
ATOM   1234 C  CA    . LEU A 1 186 ? 8.971   -14.255 -6.293  1.00 40.11  ? 186  LEU A CA    1 
ATOM   1235 C  C     . LEU A 1 186 ? 9.561   -14.060 -4.898  1.00 38.83  ? 186  LEU A C     1 
ATOM   1236 O  O     . LEU A 1 186 ? 9.036   -14.568 -3.908  1.00 37.30  ? 186  LEU A O     1 
ATOM   1237 C  CB    . LEU A 1 186 ? 7.997   -13.114 -6.621  1.00 42.19  ? 186  LEU A CB    1 
ATOM   1238 C  CG    . LEU A 1 186 ? 6.490   -13.387 -6.552  1.00 43.17  ? 186  LEU A CG    1 
ATOM   1239 C  CD1   . LEU A 1 186 ? 5.734   -12.107 -6.888  1.00 44.24  ? 186  LEU A CD1   1 
ATOM   1240 C  CD2   . LEU A 1 186 ? 6.102   -14.485 -7.533  1.00 45.26  ? 186  LEU A CD2   1 
ATOM   1241 N  N     . THR A 1 187 ? 10.664  -13.320 -4.848  1.00 38.29  ? 187  THR A N     1 
ATOM   1242 C  CA    . THR A 1 187 ? 11.386  -13.019 -3.610  1.00 38.59  ? 187  THR A CA    1 
ATOM   1243 C  C     . THR A 1 187 ? 11.180  -11.549 -3.236  1.00 35.93  ? 187  THR A C     1 
ATOM   1244 O  O     . THR A 1 187 ? 11.120  -10.683 -4.117  1.00 36.18  ? 187  THR A O     1 
ATOM   1245 C  CB    . THR A 1 187 ? 12.900  -13.233 -3.787  1.00 39.50  ? 187  THR A CB    1 
ATOM   1246 O  OG1   . THR A 1 187 ? 13.132  -14.438 -4.522  1.00 44.15  ? 187  THR A OG1   1 
ATOM   1247 C  CG2   . THR A 1 187 ? 13.578  -13.343 -2.448  1.00 40.88  ? 187  THR A CG2   1 
ATOM   1248 N  N     . PHE A 1 188 ? 11.084  -11.270 -1.938  1.00 31.31  ? 188  PHE A N     1 
ATOM   1249 C  CA    . PHE A 1 188 ? 10.889  -9.902  -1.466  1.00 28.64  ? 188  PHE A CA    1 
ATOM   1250 C  C     . PHE A 1 188 ? 11.847  -9.513  -0.365  1.00 26.11  ? 188  PHE A C     1 
ATOM   1251 O  O     . PHE A 1 188 ? 12.289  -10.352 0.418   1.00 27.12  ? 188  PHE A O     1 
ATOM   1252 C  CB    . PHE A 1 188 ? 9.474   -9.700  -0.914  1.00 26.73  ? 188  PHE A CB    1 
ATOM   1253 C  CG    . PHE A 1 188 ? 8.392   -9.942  -1.910  1.00 25.43  ? 188  PHE A CG    1 
ATOM   1254 C  CD1   . PHE A 1 188 ? 7.654   -11.120 -1.879  1.00 25.36  ? 188  PHE A CD1   1 
ATOM   1255 C  CD2   . PHE A 1 188 ? 8.128   -9.003  -2.900  1.00 25.90  ? 188  PHE A CD2   1 
ATOM   1256 C  CE1   . PHE A 1 188 ? 6.665   -11.360 -2.823  1.00 25.37  ? 188  PHE A CE1   1 
ATOM   1257 C  CE2   . PHE A 1 188 ? 7.148   -9.230  -3.847  1.00 26.54  ? 188  PHE A CE2   1 
ATOM   1258 C  CZ    . PHE A 1 188 ? 6.413   -10.409 -3.811  1.00 28.29  ? 188  PHE A CZ    1 
ATOM   1259 N  N     . THR A 1 189 ? 12.161  -8.225  -0.319  1.00 24.90  ? 189  THR A N     1 
ATOM   1260 C  CA    . THR A 1 189 ? 13.001  -7.681  0.726   1.00 23.71  ? 189  THR A CA    1 
ATOM   1261 C  C     . THR A 1 189 ? 12.009  -6.925  1.600   1.00 24.45  ? 189  THR A C     1 
ATOM   1262 O  O     . THR A 1 189 ? 11.078  -6.287  1.091   1.00 23.28  ? 189  THR A O     1 
ATOM   1263 C  CB    . THR A 1 189 ? 14.052  -6.690  0.185   1.00 24.99  ? 189  THR A CB    1 
ATOM   1264 O  OG1   . THR A 1 189 ? 15.047  -7.408  -0.555  1.00 24.36  ? 189  THR A OG1   1 
ATOM   1265 C  CG2   . THR A 1 189 ? 14.724  -5.934  1.333   1.00 23.06  ? 189  THR A CG2   1 
ATOM   1266 N  N     . GLU A 1 190 ? 12.181  -7.027  2.909   1.00 22.95  ? 190  GLU A N     1 
ATOM   1267 C  CA    . GLU A 1 190 ? 11.301  -6.335  3.834   1.00 22.50  ? 190  GLU A CA    1 
ATOM   1268 C  C     . GLU A 1 190 ? 11.923  -4.962  4.094   1.00 21.29  ? 190  GLU A C     1 
ATOM   1269 O  O     . GLU A 1 190 ? 13.141  -4.855  4.247   1.00 21.18  ? 190  GLU A O     1 
ATOM   1270 C  CB    . GLU A 1 190 ? 11.197  -7.137  5.126   1.00 24.84  ? 190  GLU A CB    1 
ATOM   1271 C  CG    . GLU A 1 190 ? 10.019  -6.785  5.988   1.00 27.83  ? 190  GLU A CG    1 
ATOM   1272 C  CD    . GLU A 1 190 ? 9.796   -7.810  7.071   1.00 28.97  ? 190  GLU A CD    1 
ATOM   1273 O  OE1   . GLU A 1 190 ? 10.022  -9.006  6.790   1.00 33.17  ? 190  GLU A OE1   1 
ATOM   1274 O  OE2   . GLU A 1 190 ? 9.384   -7.437  8.186   1.00 24.90  ? 190  GLU A OE2   1 
ATOM   1275 N  N     . MET A 1 191 ? 11.094  -3.921  4.120   1.00 19.89  ? 191  MET A N     1 
ATOM   1276 C  CA    . MET A 1 191 ? 11.568  -2.558  4.360   1.00 21.81  ? 191  MET A CA    1 
ATOM   1277 C  C     . MET A 1 191 ? 10.879  -1.992  5.601   1.00 22.39  ? 191  MET A C     1 
ATOM   1278 O  O     . MET A 1 191 ? 9.658   -2.110  5.743   1.00 21.31  ? 191  MET A O     1 
ATOM   1279 C  CB    . MET A 1 191 ? 11.239  -1.648  3.171   1.00 21.76  ? 191  MET A CB    1 
ATOM   1280 C  CG    . MET A 1 191 ? 11.624  -2.176  1.806   1.00 24.87  ? 191  MET A CG    1 
ATOM   1281 S  SD    . MET A 1 191 ? 13.393  -2.282  1.543   1.00 30.73  ? 191  MET A SD    1 
ATOM   1282 C  CE    . MET A 1 191 ? 13.812  -0.552  1.484   1.00 26.95  ? 191  MET A CE    1 
ATOM   1283 N  N     . HIS A 1 192 ? 11.664  -1.371  6.479   1.00 19.51  ? 192  HIS A N     1 
ATOM   1284 C  CA    . HIS A 1 192 ? 11.145  -0.782  7.703   1.00 21.51  ? 192  HIS A CA    1 
ATOM   1285 C  C     . HIS A 1 192 ? 11.462  0.707   7.766   1.00 21.47  ? 192  HIS A C     1 
ATOM   1286 O  O     . HIS A 1 192 ? 12.609  1.114   7.562   1.00 19.99  ? 192  HIS A O     1 
ATOM   1287 C  CB    . HIS A 1 192 ? 11.752  -1.465  8.927   1.00 21.35  ? 192  HIS A CB    1 
ATOM   1288 C  CG    . HIS A 1 192 ? 11.353  -2.900  9.078   1.00 22.62  ? 192  HIS A CG    1 
ATOM   1289 N  ND1   . HIS A 1 192 ? 10.309  -3.462  8.374   1.00 24.37  ? 192  HIS A ND1   1 
ATOM   1290 C  CD2   . HIS A 1 192 ? 11.817  -3.871  9.903   1.00 22.13  ? 192  HIS A CD2   1 
ATOM   1291 C  CE1   . HIS A 1 192 ? 10.143  -4.714  8.764   1.00 22.91  ? 192  HIS A CE1   1 
ATOM   1292 N  NE2   . HIS A 1 192 ? 11.046  -4.986  9.691   1.00 23.33  ? 192  HIS A NE2   1 
ATOM   1293 N  N     . CYS A 1 193 ? 10.442  1.508   8.071   1.00 22.14  ? 193  CYS A N     1 
ATOM   1294 C  CA    . CYS A 1 193 ? 10.595  2.959   8.170   1.00 24.48  ? 193  CYS A CA    1 
ATOM   1295 C  C     . CYS A 1 193 ? 10.069  3.507   9.503   1.00 25.08  ? 193  CYS A C     1 
ATOM   1296 O  O     . CYS A 1 193 ? 8.897   3.353   9.829   1.00 25.92  ? 193  CYS A O     1 
ATOM   1297 C  CB    . CYS A 1 193 ? 9.849   3.642   7.022   1.00 23.27  ? 193  CYS A CB    1 
ATOM   1298 S  SG    . CYS A 1 193 ? 9.938   5.446   7.077   1.00 29.28  ? 193  CYS A SG    1 
ATOM   1299 N  N     . SER A 1 194 ? 10.936  4.160   10.267  1.00 27.49  ? 194  SER A N     1 
ATOM   1300 C  CA    . SER A 1 194 ? 10.522  4.715   11.547  1.00 29.40  ? 194  SER A CA    1 
ATOM   1301 C  C     . SER A 1 194 ? 9.772   6.026   11.365  1.00 31.05  ? 194  SER A C     1 
ATOM   1302 O  O     . SER A 1 194 ? 10.250  6.917   10.676  1.00 31.56  ? 194  SER A O     1 
ATOM   1303 C  CB    . SER A 1 194 ? 11.726  4.973   12.433  1.00 30.36  ? 194  SER A CB    1 
ATOM   1304 O  OG    . SER A 1 194 ? 11.344  5.826   13.497  1.00 32.53  ? 194  SER A OG    1 
ATOM   1305 N  N     . LEU A 1 195 ? 8.612   6.158   11.998  1.00 32.35  ? 195  LEU A N     1 
ATOM   1306 C  CA    . LEU A 1 195 ? 7.835   7.390   11.864  1.00 35.29  ? 195  LEU A CA    1 
ATOM   1307 C  C     . LEU A 1 195 ? 7.989   8.336   13.061  1.00 36.25  ? 195  LEU A C     1 
ATOM   1308 O  O     . LEU A 1 195 ? 6.970   8.924   13.487  1.00 38.10  ? 195  LEU A O     1 
ATOM   1309 C  CB    . LEU A 1 195 ? 6.357   7.051   11.652  1.00 34.60  ? 195  LEU A CB    1 
ATOM   1310 C  CG    . LEU A 1 195 ? 5.866   6.538   10.289  1.00 35.11  ? 195  LEU A CG    1 
ATOM   1311 C  CD1   . LEU A 1 195 ? 7.019   6.114   9.415   1.00 36.01  ? 195  LEU A CD1   1 
ATOM   1312 C  CD2   . LEU A 1 195 ? 4.894   5.395   10.507  1.00 33.72  ? 195  LEU A CD2   1 
HETATM 1313 MG MG    . MG  B 2 .   ? 8.040   -23.900 -10.396 1.00 106.48 ? 208  MG  A MG    1 
HETATM 1314 N  N1    A CA5 C 3 .   ? 11.516  -1.640  -11.590 0.71 62.84  ? 901  CA5 A N1    1 
HETATM 1315 N  N1    B CA5 C 3 .   ? 11.644  -1.871  -11.682 0.29 63.18  ? 901  CA5 A N1    1 
HETATM 1316 C  C2    A CA5 C 3 .   ? 12.491  -0.807  -11.110 0.71 62.74  ? 901  CA5 A C2    1 
HETATM 1317 C  C2    B CA5 C 3 .   ? 12.585  -1.025  -11.152 0.29 63.15  ? 901  CA5 A C2    1 
HETATM 1318 N  N3    A CA5 C 3 .   ? 12.327  0.518   -10.778 0.71 61.94  ? 901  CA5 A N3    1 
HETATM 1319 N  N3    B CA5 C 3 .   ? 12.377  0.286   -10.791 0.29 62.88  ? 901  CA5 A N3    1 
HETATM 1320 C  C4    A CA5 C 3 .   ? 10.981  1.010   -10.973 0.71 61.59  ? 901  CA5 A C4    1 
HETATM 1321 C  C4    B CA5 C 3 .   ? 11.027  0.750   -11.019 0.29 62.78  ? 901  CA5 A C4    1 
HETATM 1322 C  C5    A CA5 C 3 .   ? 9.892   0.259   -11.460 0.71 62.42  ? 901  CA5 A C5    1 
HETATM 1323 C  C5    B CA5 C 3 .   ? 9.970   -0.020  -11.555 0.29 63.04  ? 901  CA5 A C5    1 
HETATM 1324 C  C6    A CA5 C 3 .   ? 10.206  -1.165  -11.783 0.71 63.00  ? 901  CA5 A C6    1 
HETATM 1325 C  C6    B CA5 C 3 .   ? 10.329  -1.420  -11.905 0.29 63.17  ? 901  CA5 A C6    1 
HETATM 1326 N  N6    A CA5 C 3 .   ? 9.299   -2.033  -12.257 0.71 63.48  ? 901  CA5 A N6    1 
HETATM 1327 N  N6    B CA5 C 3 .   ? 9.455   -2.296  -12.424 0.29 63.24  ? 901  CA5 A N6    1 
HETATM 1328 N  N7    A CA5 C 3 .   ? 8.745   1.031   -11.527 0.71 62.53  ? 901  CA5 A N7    1 
HETATM 1329 N  N7    B CA5 C 3 .   ? 8.810   0.721   -11.642 0.29 63.20  ? 901  CA5 A N7    1 
HETATM 1330 C  C8    A CA5 C 3 .   ? 9.136   2.226   -11.092 0.71 60.24  ? 901  CA5 A C8    1 
HETATM 1331 C  C8    B CA5 C 3 .   ? 9.153   1.914   -11.167 0.29 62.47  ? 901  CA5 A C8    1 
HETATM 1332 N  N9    A CA5 C 3 .   ? 10.491  2.294   -10.734 0.71 59.81  ? 901  CA5 A N9    1 
HETATM 1333 N  N9    B CA5 C 3 .   ? 10.492  2.014   -10.763 0.29 62.27  ? 901  CA5 A N9    1 
HETATM 1334 C  "C1'" A CA5 C 3 .   ? 11.308  3.458   -10.204 0.71 58.41  ? 901  CA5 A "C1'" 1 
HETATM 1335 C  "C1'" B CA5 C 3 .   ? 11.249  3.194   -10.178 0.29 61.77  ? 901  CA5 A "C1'" 1 
HETATM 1336 C  "C2'" A CA5 C 3 .   ? 11.621  4.393   -11.399 0.71 58.28  ? 901  CA5 A "C2'" 1 
HETATM 1337 C  "C2'" B CA5 C 3 .   ? 11.731  4.089   -11.344 0.29 61.68  ? 901  CA5 A "C2'" 1 
HETATM 1338 O  "O2'" A CA5 C 3 .   ? 12.776  4.166   -12.022 0.71 59.72  ? 901  CA5 A "O2'" 1 
HETATM 1339 O  "O2'" B CA5 C 3 .   ? 12.930  3.788   -11.834 0.29 61.91  ? 901  CA5 A "O2'" 1 
HETATM 1340 C  "C3'" A CA5 C 3 .   ? 11.572  5.828   -10.834 0.71 57.19  ? 901  CA5 A "C3'" 1 
HETATM 1341 C  "C3'" B CA5 C 3 .   ? 11.703  5.536   -10.803 0.29 61.35  ? 901  CA5 A "C3'" 1 
HETATM 1342 O  "O3'" A CA5 C 3 .   ? 12.889  6.344   -10.514 0.71 60.42  ? 901  CA5 A "O3'" 1 
HETATM 1343 O  "O3'" B CA5 C 3 .   ? 13.018  5.997   -10.384 0.29 61.99  ? 901  CA5 A "O3'" 1 
HETATM 1344 P  P3    A CA5 C 3 .   ? 13.560  7.364   -11.479 0.71 62.54  ? 901  CA5 A P3    1 
HETATM 1345 P  P3    B CA5 C 3 .   ? 13.785  7.033   -11.263 0.29 62.40  ? 901  CA5 A P3    1 
HETATM 1346 O  O31   A CA5 C 3 .   ? 13.200  7.069   -12.962 0.71 62.83  ? 901  CA5 A O31   1 
HETATM 1347 O  O31   B CA5 C 3 .   ? 13.469  6.841   -12.769 0.29 62.23  ? 901  CA5 A O31   1 
HETATM 1348 O  O32   A CA5 C 3 .   ? 13.103  8.804   -11.091 0.71 63.74  ? 901  CA5 A O32   1 
HETATM 1349 O  O32   B CA5 C 3 .   ? 13.390  8.470   -10.820 0.29 62.89  ? 901  CA5 A O32   1 
HETATM 1350 O  O33   A CA5 C 3 .   ? 15.092  7.268   -11.270 0.71 64.04  ? 901  CA5 A O33   1 
HETATM 1351 O  O33   B CA5 C 3 .   ? 15.298  6.846   -11.004 0.29 62.72  ? 901  CA5 A O33   1 
HETATM 1352 C  "C4'" A CA5 C 3 .   ? 10.663  5.691   -9.632  0.71 53.35  ? 901  CA5 A "C4'" 1 
HETATM 1353 C  "C4'" B CA5 C 3 .   ? 10.692  5.464   -9.670  0.29 60.50  ? 901  CA5 A "C4'" 1 
HETATM 1354 O  "O4'" A CA5 C 3 .   ? 10.586  4.294   -9.238  0.71 55.37  ? 901  CA5 A "O4'" 1 
HETATM 1355 O  "O4'" B CA5 C 3 .   ? 10.418  4.071   -9.349  0.29 60.99  ? 901  CA5 A "O4'" 1 
HETATM 1356 C  "C5'" A CA5 C 3 .   ? 9.305   6.198   -10.025 0.71 46.56  ? 901  CA5 A "C5'" 1 
HETATM 1357 C  "C5'" B CA5 C 3 .   ? 9.431   6.155   -10.122 0.29 58.99  ? 901  CA5 A "C5'" 1 
HETATM 1358 O  "O5'" A CA5 C 3 .   ? 8.985   7.503   -9.632  0.71 37.67  ? 901  CA5 A "O5'" 1 
HETATM 1359 O  "O5'" B CA5 C 3 .   ? 8.890   7.115   -9.249  0.29 57.14  ? 901  CA5 A "O5'" 1 
HETATM 1360 P  P1    A CA5 C 3 .   ? 7.508   7.883   -9.600  0.71 32.39  ? 901  CA5 A P1    1 
HETATM 1361 P  P1    B CA5 C 3 .   ? 7.506   7.692   -9.575  0.29 56.30  ? 901  CA5 A P1    1 
HETATM 1362 O  O11   A CA5 C 3 .   ? 7.238   8.849   -8.443  0.71 30.40  ? 901  CA5 A O11   1 
HETATM 1363 O  O11   B CA5 C 3 .   ? 6.780   8.076   -8.272  0.29 55.91  ? 901  CA5 A O11   1 
HETATM 1364 O  O12   A CA5 C 3 .   ? 7.128   8.519   -10.931 0.71 30.12  ? 901  CA5 A O12   1 
HETATM 1365 O  O12   B CA5 C 3 .   ? 7.681   8.916   -10.457 0.29 56.13  ? 901  CA5 A O12   1 
HETATM 1366 O  O6    A CA5 C 3 .   ? 6.694   6.606   -9.451  0.71 28.91  ? 901  CA5 A O6    1 
HETATM 1367 O  O6    B CA5 C 3 .   ? 6.713   6.668   -10.395 0.29 55.86  ? 901  CA5 A O6    1 
HETATM 1368 P  P2    A CA5 C 3 .   ? 5.414   6.055   -10.085 0.71 25.88  ? 901  CA5 A P2    1 
HETATM 1369 P  P2    B CA5 C 3 .   ? 5.376   5.955   -10.180 0.29 55.35  ? 901  CA5 A P2    1 
HETATM 1370 O  O21   A CA5 C 3 .   ? 4.355   7.153   -10.113 0.71 23.54  ? 901  CA5 A O21   1 
HETATM 1371 O  O21   B CA5 C 3 .   ? 4.288   7.013   -9.963  0.29 55.00  ? 901  CA5 A O21   1 
HETATM 1372 O  O22   A CA5 C 3 .   ? 5.742   5.576   -11.487 0.71 22.74  ? 901  CA5 A O22   1 
HETATM 1373 O  O22   B CA5 C 3 .   ? 5.086   5.138   -11.424 0.29 55.17  ? 901  CA5 A O22   1 
HETATM 1374 O  O7    A CA5 C 3 .   ? 4.907   4.896   -9.217  0.71 27.07  ? 901  CA5 A O7    1 
HETATM 1375 O  O7    B CA5 C 3 .   ? 5.439   5.039   -8.927  0.29 55.19  ? 901  CA5 A O7    1 
HETATM 1376 C  CP8   A CA5 C 3 .   ? 5.295   2.467   -8.554  0.71 26.26  ? 901  CA5 A CP8   1 
HETATM 1377 C  CP8   B CA5 C 3 .   ? 5.471   2.462   -8.698  0.29 54.94  ? 901  CA5 A CP8   1 
HETATM 1378 C  CP9   A CA5 C 3 .   ? 5.816   3.930   -8.607  0.71 26.89  ? 901  CA5 A CP9   1 
HETATM 1379 C  CP9   B CA5 C 3 .   ? 6.248   3.822   -8.855  0.29 54.94  ? 901  CA5 A CP9   1 
HETATM 1380 C  CPA   A CA5 C 3 .   ? 4.227   2.363   -7.423  0.71 26.02  ? 901  CA5 A CPA   1 
HETATM 1381 C  CPA   B CA5 C 3 .   ? 4.459   2.578   -7.515  0.29 54.77  ? 901  CA5 A CPA   1 
HETATM 1382 C  CPB   A CA5 C 3 .   ? 6.449   1.509   -8.215  0.71 25.59  ? 901  CA5 A CPB   1 
HETATM 1383 C  CPB   B CA5 C 3 .   ? 6.469   1.337   -8.368  0.29 54.85  ? 901  CA5 A CPB   1 
HETATM 1384 C  CP7   A CA5 C 3 .   ? 4.707   2.185   -10.001 0.71 26.20  ? 901  CA5 A CP7   1 
HETATM 1385 C  CP7   B CA5 C 3 .   ? 4.745   2.198   -10.089 0.29 54.97  ? 901  CA5 A CP7   1 
HETATM 1386 O  OP3   A CA5 C 3 .   ? 5.754   1.899   -10.981 0.71 29.29  ? 901  CA5 A OP3   1 
HETATM 1387 O  OP3   B CA5 C 3 .   ? 5.703   1.902   -11.150 0.29 55.28  ? 901  CA5 A OP3   1 
HETATM 1388 C  CP6   A CA5 C 3 .   ? 3.705   0.985   -10.112 0.71 24.31  ? 901  CA5 A CP6   1 
HETATM 1389 C  CP6   B CA5 C 3 .   ? 3.722   0.996   -10.141 0.29 54.78  ? 901  CA5 A CP6   1 
HETATM 1390 O  OP2   A CA5 C 3 .   ? 2.534   1.152   -9.762  0.71 23.91  ? 901  CA5 A OP2   1 
HETATM 1391 O  OP2   B CA5 C 3 .   ? 2.528   1.208   -9.893  0.29 54.94  ? 901  CA5 A OP2   1 
HETATM 1392 N  NP2   A CA5 C 3 .   ? 4.175   -0.286  -10.561 0.71 24.33  ? 901  CA5 A NP2   1 
HETATM 1393 N  NP2   B CA5 C 3 .   ? 4.199   -0.318  -10.455 0.29 54.74  ? 901  CA5 A NP2   1 
HETATM 1394 C  CP5   A CA5 C 3 .   ? 3.328   -1.446  -10.617 0.71 26.92  ? 901  CA5 A CP5   1 
HETATM 1395 C  CP5   B CA5 C 3 .   ? 3.347   -1.481  -10.499 0.29 55.13  ? 901  CA5 A CP5   1 
HETATM 1396 C  CP4   A CA5 C 3 .   ? 3.031   -2.008  -9.210  0.71 24.92  ? 901  CA5 A CP4   1 
HETATM 1397 C  CP4   B CA5 C 3 .   ? 3.090   -2.080  -9.094  0.29 55.20  ? 901  CA5 A CP4   1 
HETATM 1398 C  CP3   A CA5 C 3 .   ? 4.241   -2.104  -8.287  0.71 27.48  ? 901  CA5 A CP3   1 
HETATM 1399 C  CP3   B CA5 C 3 .   ? 4.311   -2.159  -8.176  0.29 55.70  ? 901  CA5 A CP3   1 
HETATM 1400 O  OP1   A CA5 C 3 .   ? 5.352   -2.488  -8.694  0.71 27.63  ? 901  CA5 A OP1   1 
HETATM 1401 O  OP1   B CA5 C 3 .   ? 5.424   -2.518  -8.597  0.29 55.99  ? 901  CA5 A OP1   1 
HETATM 1402 N  NP1   A CA5 C 3 .   ? 3.956   -1.742  -6.928  0.71 26.24  ? 901  CA5 A NP1   1 
HETATM 1403 N  NP1   B CA5 C 3 .   ? 4.031   -1.791  -6.808  0.29 55.65  ? 901  CA5 A NP1   1 
HETATM 1404 C  CP2   A CA5 C 3 .   ? 4.946   -1.806  -5.871  0.71 27.96  ? 901  CA5 A CP2   1 
HETATM 1405 C  CP2   B CA5 C 3 .   ? 5.022   -1.798  -5.738  0.29 55.80  ? 901  CA5 A CP2   1 
HETATM 1406 C  CP1   A CA5 C 3 .   ? 5.503   -2.855  -5.423  0.71 28.40  ? 901  CA5 A CP1   1 
HETATM 1407 C  CP1   B CA5 C 3 .   ? 5.595   -2.809  -5.228  0.29 55.77  ? 901  CA5 A CP1   1 
HETATM 1408 S  S     A CA5 C 3 .   ? 6.212   -2.679  -3.773  0.71 27.79  ? 901  CA5 A S     1 
HETATM 1409 S  S     B CA5 C 3 .   ? 6.264   -2.554  -3.565  0.29 56.06  ? 901  CA5 A S     1 
HETATM 1410 C  CT2   A CA5 C 3 .   ? 4.152   -7.121  -2.852  0.71 34.79  ? 901  CA5 A CT2   1 
HETATM 1411 C  CT2   B CA5 C 3 .   ? 4.124   -7.133  -2.164  0.29 52.83  ? 901  CA5 A CT2   1 
HETATM 1412 C  CT3   A CA5 C 3 .   ? 3.230   -8.214  -3.376  0.71 39.97  ? 901  CA5 A CT3   1 
HETATM 1413 C  CT3   B CA5 C 3 .   ? 4.291   -7.254  -3.676  0.29 52.43  ? 901  CA5 A CT3   1 
HETATM 1414 C  CT4   A CA5 C 3 .   ? 3.152   -8.699  -4.725  0.71 41.23  ? 901  CA5 A CT4   1 
HETATM 1415 C  CT4   B CA5 C 3 .   ? 3.647   -8.201  -4.556  0.29 52.37  ? 901  CA5 A CT4   1 
HETATM 1416 C  CT5   A CA5 C 3 .   ? 2.138   -9.734  -4.742  0.71 42.59  ? 901  CA5 A CT5   1 
HETATM 1417 C  CT5   B CA5 C 3 .   ? 4.121   -7.922  -5.891  0.29 52.06  ? 901  CA5 A CT5   1 
HETATM 1418 C  C11   A CA5 C 3 .   ? 3.831   -8.374  -5.949  0.71 43.18  ? 901  CA5 A C11   1 
HETATM 1419 C  C11   B CA5 C 3 .   ? 2.703   -9.277  -4.372  0.29 52.42  ? 901  CA5 A C11   1 
HETATM 1420 C  CT6   A CA5 C 3 .   ? 2.309   -8.933  -2.656  0.71 40.62  ? 901  CA5 A CT6   1 
HETATM 1421 C  CT6   B CA5 C 3 .   ? 5.090   -6.475  -4.476  0.29 52.21  ? 901  CA5 A CT6   1 
HETATM 1422 N  NT6   A CA5 C 3 .   ? 1.656   -9.841  -3.469  0.71 42.31  ? 901  CA5 A NT6   1 
HETATM 1423 N  NT6   B CA5 C 3 .   ? 4.988   -6.871  -5.796  0.29 52.31  ? 901  CA5 A NT6   1 
HETATM 1424 C  CT7   A CA5 C 3 .   ? 1.786   -10.447 -5.924  0.71 43.34  ? 901  CA5 A CT7   1 
HETATM 1425 C  CT7   B CA5 C 3 .   ? 3.696   -8.665  -7.034  0.29 51.98  ? 901  CA5 A CT7   1 
HETATM 1426 C  CT9   A CA5 C 3 .   ? 3.485   -9.086  -7.138  0.71 44.35  ? 901  CA5 A CT9   1 
HETATM 1427 C  CT9   B CA5 C 3 .   ? 2.273   -10.028 -5.515  0.29 52.53  ? 901  CA5 A CT9   1 
HETATM 1428 C  CT8   A CA5 C 3 .   ? 2.469   -10.109 -7.109  0.71 45.17  ? 901  CA5 A CT8   1 
HETATM 1429 C  CT8   B CA5 C 3 .   ? 2.775   -9.713  -6.828  0.29 52.25  ? 901  CA5 A CT8   1 
HETATM 1430 C  CA1   A CA5 C 3 .   ? 4.925   -2.417  -2.526  0.71 27.22  ? 901  CA5 A CA1   1 
HETATM 1431 C  CA1   B CA5 C 3 .   ? 4.945   -2.494  -2.316  0.29 54.97  ? 901  CA5 A CA1   1 
HETATM 1432 C  CA2   A CA5 C 3 .   ? 3.858   -3.482  -2.612  0.71 30.18  ? 901  CA5 A CA2   1 
HETATM 1433 C  CA2   B CA5 C 3 .   ? 3.941   -3.614  -2.473  0.29 54.87  ? 901  CA5 A CA2   1 
HETATM 1434 O  OA2   A CA5 C 3 .   ? 2.695   -3.179  -2.961  0.71 29.00  ? 901  CA5 A OA2   1 
HETATM 1435 O  OA2   B CA5 C 3 .   ? 2.975   -3.485  -3.268  0.29 54.98  ? 901  CA5 A OA2   1 
HETATM 1436 N  NT1   A CA5 C 3 .   ? 4.257   -4.731  -2.312  0.71 28.15  ? 901  CA5 A NT1   1 
HETATM 1437 N  NT1   B CA5 C 3 .   ? 4.168   -4.715  -1.731  0.29 54.11  ? 901  CA5 A NT1   1 
HETATM 1438 C  CT1   A CA5 C 3 .   ? 3.356   -5.891  -2.366  0.71 33.41  ? 901  CA5 A CT1   1 
HETATM 1439 C  CT1   B CA5 C 3 .   ? 3.287   -5.895  -1.784  0.29 53.64  ? 901  CA5 A CT1   1 
HETATM 1440 BR BR    A CA5 C 3 .   ? 4.376   -8.676  -8.796  0.71 52.19  ? 901  CA5 A BR    1 
HETATM 1441 BR BR    B CA5 C 3 .   ? 1.021   -11.471 -5.303  0.29 52.65  ? 901  CA5 A BR    1 
HETATM 1442 O  O     . HOH D 4 .   ? 4.103   -5.005  1.337   1.00 14.36  ? 902  HOH A O     1 
HETATM 1443 O  O     . HOH D 4 .   ? 3.133   -7.371  2.857   1.00 18.65  ? 903  HOH A O     1 
HETATM 1444 O  O     . HOH D 4 .   ? 4.687   -2.766  15.731  1.00 40.47  ? 904  HOH A O     1 
HETATM 1445 O  O     . HOH D 4 .   ? -11.471 4.040   -12.298 1.00 38.72  ? 905  HOH A O     1 
HETATM 1446 O  O     . HOH D 4 .   ? -18.368 6.136   -2.881  1.00 46.13  ? 906  HOH A O     1 
HETATM 1447 O  O     . HOH D 4 .   ? 3.466   9.081   -11.752 1.00 25.27  ? 907  HOH A O     1 
HETATM 1448 O  O     . HOH D 4 .   ? -12.847 2.992   -15.351 1.00 30.41  ? 908  HOH A O     1 
HETATM 1449 O  O     . HOH D 4 .   ? 1.012   -7.630  0.657   1.00 24.24  ? 909  HOH A O     1 
HETATM 1450 O  O     . HOH D 4 .   ? -9.802  0.738   22.613  1.00 41.89  ? 910  HOH A O     1 
HETATM 1451 O  O     . HOH D 4 .   ? -7.814  -8.872  -19.153 1.00 35.19  ? 911  HOH A O     1 
HETATM 1452 O  O     . HOH D 4 .   ? -4.065  13.027  17.892  1.00 35.54  ? 912  HOH A O     1 
HETATM 1453 O  O     . HOH D 4 .   ? -2.803  7.272   17.063  1.00 59.41  ? 913  HOH A O     1 
HETATM 1454 O  O     . HOH D 4 .   ? 17.956  5.267   -2.871  1.00 27.27  ? 914  HOH A O     1 
HETATM 1455 O  O     . HOH D 4 .   ? -12.809 -4.779  -10.534 1.00 27.40  ? 915  HOH A O     1 
HETATM 1456 O  O     . HOH D 4 .   ? -1.366  -8.122  1.582   1.00 29.60  ? 916  HOH A O     1 
HETATM 1457 O  O     . HOH D 4 .   ? 11.734  -13.209 9.085   1.00 32.21  ? 917  HOH A O     1 
HETATM 1458 O  O     . HOH D 4 .   ? 17.555  -6.217  -1.047  1.00 44.97  ? 918  HOH A O     1 
HETATM 1459 O  O     . HOH D 4 .   ? -4.391  -5.783  18.159  1.00 38.29  ? 919  HOH A O     1 
HETATM 1460 O  O     . HOH D 4 .   ? -15.370 1.841   5.295   1.00 50.69  ? 920  HOH A O     1 
HETATM 1461 O  O     . HOH D 4 .   ? -6.439  11.967  15.537  1.00 52.67  ? 921  HOH A O     1 
HETATM 1462 O  O     . HOH D 4 .   ? 17.175  4.828   3.693   1.00 41.36  ? 922  HOH A O     1 
HETATM 1463 O  O     . HOH D 4 .   ? -8.337  -8.700  10.195  1.00 33.70  ? 923  HOH A O     1 
HETATM 1464 O  O     . HOH D 4 .   ? -8.350  15.914  -19.691 1.00 53.79  ? 924  HOH A O     1 
HETATM 1465 O  O     . HOH D 4 .   ? -7.532  16.453  -1.967  1.00 30.44  ? 925  HOH A O     1 
HETATM 1466 O  O     . HOH D 4 .   ? -15.039 -9.313  2.028   1.00 53.96  ? 926  HOH A O     1 
HETATM 1467 O  O     . HOH D 4 .   ? -15.554 9.419   -7.538  1.00 47.66  ? 927  HOH A O     1 
HETATM 1468 O  O     . HOH D 4 .   ? 14.374  -5.115  -12.503 1.00 55.09  ? 928  HOH A O     1 
HETATM 1469 O  O     . HOH D 4 .   ? 5.661   -16.464 7.482   1.00 32.59  ? 929  HOH A O     1 
HETATM 1470 O  O     . HOH D 4 .   ? -12.712 -11.292 7.448   1.00 42.72  ? 930  HOH A O     1 
HETATM 1471 O  O     . HOH D 4 .   ? -12.268 -11.564 -3.964  1.00 29.42  ? 931  HOH A O     1 
HETATM 1472 O  O     . HOH D 4 .   ? 15.152  11.748  0.288   1.00 31.41  ? 932  HOH A O     1 
HETATM 1473 O  O     . HOH D 4 .   ? 12.702  -2.860  18.519  1.00 39.74  ? 933  HOH A O     1 
HETATM 1474 O  O     . HOH D 4 .   ? 3.403   -3.309  -14.291 1.00 45.37  ? 934  HOH A O     1 
HETATM 1475 O  O     . HOH D 4 .   ? -8.559  -0.484  14.365  1.00 46.03  ? 935  HOH A O     1 
HETATM 1476 O  O     . HOH D 4 .   ? -11.532 0.588   -12.971 1.00 34.70  ? 936  HOH A O     1 
HETATM 1477 O  O     . HOH D 4 .   ? 18.002  -6.738  2.762   1.00 24.32  ? 937  HOH A O     1 
HETATM 1478 O  O     . HOH D 4 .   ? -7.409  -5.680  -21.732 1.00 58.70  ? 938  HOH A O     1 
HETATM 1479 O  O     . HOH D 4 .   ? 1.457   15.580  5.168   1.00 70.14  ? 939  HOH A O     1 
HETATM 1480 O  O     . HOH D 4 .   ? 4.593   -5.493  -10.661 1.00 40.23  ? 940  HOH A O     1 
HETATM 1481 O  O     . HOH D 4 .   ? -1.223  4.960   -21.477 1.00 37.84  ? 941  HOH A O     1 
HETATM 1482 O  O     . HOH D 4 .   ? 7.132   3.924   -13.079 1.00 40.05  ? 942  HOH A O     1 
HETATM 1483 O  O     . HOH D 4 .   ? 2.302   -20.530 0.107   1.00 38.94  ? 943  HOH A O     1 
HETATM 1484 O  O     . HOH D 4 .   ? -9.721  4.050   18.353  1.00 50.26  ? 944  HOH A O     1 
HETATM 1485 O  O     . HOH D 4 .   ? 16.278  -9.407  0.684   1.00 42.86  ? 945  HOH A O     1 
HETATM 1486 O  O     . HOH D 4 .   ? 7.235   -1.490  -10.688 1.00 45.51  ? 946  HOH A O     1 
HETATM 1487 O  O     . HOH D 4 .   ? -0.343  15.833  -1.942  1.00 37.55  ? 947  HOH A O     1 
HETATM 1488 O  O     . HOH D 4 .   ? 2.685   5.586   -17.316 1.00 37.25  ? 948  HOH A O     1 
HETATM 1489 O  O     . HOH D 4 .   ? -8.894  -11.303 10.240  1.00 50.66  ? 949  HOH A O     1 
HETATM 1490 O  O     . HOH D 4 .   ? 8.819   8.065   16.195  1.00 43.99  ? 950  HOH A O     1 
HETATM 1491 O  O     . HOH D 4 .   ? 17.392  6.465   -5.294  1.00 38.67  ? 951  HOH A O     1 
HETATM 1492 O  O     . HOH D 4 .   ? -9.121  1.215   -11.967 1.00 20.46  ? 952  HOH A O     1 
HETATM 1493 O  O     . HOH D 4 .   ? -10.715 13.509  -9.089  1.00 36.39  ? 953  HOH A O     1 
HETATM 1494 O  O     . HOH D 4 .   ? -2.508  -4.341  -21.175 1.00 56.42  ? 954  HOH A O     1 
HETATM 1495 O  O     . HOH D 4 .   ? 21.313  3.823   7.198   1.00 51.10  ? 955  HOH A O     1 
HETATM 1496 O  O     . HOH D 4 .   ? 1.398   15.775  -9.940  1.00 45.58  ? 956  HOH A O     1 
HETATM 1497 O  O     . HOH D 4 .   ? 11.374  9.084   14.900  1.00 51.80  ? 957  HOH A O     1 
HETATM 1498 O  O     . HOH D 4 .   ? 13.552  4.631   9.503   1.00 38.38  ? 958  HOH A O     1 
HETATM 1499 O  O     . HOH D 4 .   ? 18.239  -10.151 -2.503  1.00 47.23  ? 959  HOH A O     1 
HETATM 1500 O  O     . HOH D 4 .   ? 22.687  1.927   1.110   1.00 57.38  ? 960  HOH A O     1 
HETATM 1501 O  O     . HOH D 4 .   ? -12.279 5.009   -10.313 1.00 30.23  ? 961  HOH A O     1 
HETATM 1502 O  O     . HOH D 4 .   ? 1.016   -18.397 -0.085  1.00 46.17  ? 962  HOH A O     1 
HETATM 1503 O  O     . HOH D 4 .   ? 5.173   8.185   15.857  1.00 59.77  ? 963  HOH A O     1 
HETATM 1504 O  O     . HOH D 4 .   ? 13.397  -6.793  11.154  1.00 37.85  ? 964  HOH A O     1 
HETATM 1505 O  O     . HOH D 4 .   ? -2.082  -0.862  -12.667 1.00 59.43  ? 965  HOH A O     1 
HETATM 1506 O  O     . HOH D 4 .   ? 13.177  -10.097 16.785  1.00 44.30  ? 966  HOH A O     1 
HETATM 1507 O  O     . HOH D 4 .   ? -6.848  3.226   22.376  1.00 50.81  ? 967  HOH A O     1 
HETATM 1508 O  O     . HOH D 4 .   ? 6.534   5.120   21.687  1.00 57.83  ? 968  HOH A O     1 
HETATM 1509 O  O     . HOH D 4 .   ? -15.155 20.360  -1.689  1.00 45.64  ? 969  HOH A O     1 
HETATM 1510 O  O     . HOH D 4 .   ? 11.030  9.519   -5.372  1.00 19.19  ? 970  HOH A O     1 
HETATM 1511 O  O     . HOH D 4 .   ? -2.425  -1.030  -24.476 1.00 54.60  ? 971  HOH A O     1 
HETATM 1512 O  O     . HOH D 4 .   ? 2.179   -16.824 9.887   1.00 32.05  ? 972  HOH A O     1 
HETATM 1513 O  O     . HOH D 4 .   ? 9.689   -11.401 7.560   1.00 28.32  ? 973  HOH A O     1 
HETATM 1514 O  O     . HOH D 4 .   ? -5.688  16.708  -13.286 1.00 44.36  ? 974  HOH A O     1 
HETATM 1515 O  O     . HOH D 4 .   ? 11.633  -5.015  17.472  1.00 38.06  ? 975  HOH A O     1 
HETATM 1516 O  O     . HOH D 4 .   ? 8.396   -10.807 -15.649 1.00 49.23  ? 976  HOH A O     1 
HETATM 1517 O  O     . HOH D 4 .   ? -0.910  13.325  4.810   1.00 63.00  ? 977  HOH A O     1 
HETATM 1518 O  O     . HOH D 4 .   ? -10.672 4.079   -14.655 1.00 28.89  ? 978  HOH A O     1 
HETATM 1519 O  O     . HOH D 4 .   ? -5.591  19.972  -9.259  1.00 36.25  ? 979  HOH A O     1 
HETATM 1520 O  O     . HOH D 4 .   ? -13.103 15.444  -17.084 1.00 33.46  ? 980  HOH A O     1 
HETATM 1521 O  O     . HOH D 4 .   ? 6.906   -14.775 -2.522  1.00 58.18  ? 981  HOH A O     1 
HETATM 1522 O  O     . HOH D 4 .   ? 3.310   -3.237  17.547  1.00 35.45  ? 982  HOH A O     1 
HETATM 1523 O  O     . HOH D 4 .   ? 2.510   -18.890 -3.014  1.00 59.18  ? 983  HOH A O     1 
HETATM 1524 O  O     . HOH D 4 .   ? 3.923   -8.482  20.066  1.00 59.34  ? 984  HOH A O     1 
HETATM 1525 O  O     . HOH D 4 .   ? 3.191   8.677   14.483  1.00 46.42  ? 985  HOH A O     1 
HETATM 1526 O  O     . HOH D 4 .   ? 10.313  8.715   6.588   1.00 27.77  ? 986  HOH A O     1 
HETATM 1527 O  O     . HOH D 4 .   ? 19.827  3.498   -1.991  1.00 39.36  ? 987  HOH A O     1 
HETATM 1528 O  O     . HOH D 4 .   ? 29.096  2.923   0.060   1.00 51.46  ? 988  HOH A O     1 
HETATM 1529 O  O     . HOH D 4 .   ? -9.869  0.123   -16.157 1.00 32.14  ? 989  HOH A O     1 
HETATM 1530 O  O     . HOH D 4 .   ? -10.140 11.116  3.788   1.00 36.36  ? 990  HOH A O     1 
HETATM 1531 O  O     . HOH D 4 .   ? 14.533  -5.769  -15.315 1.00 49.23  ? 991  HOH A O     1 
HETATM 1532 O  O     . HOH D 4 .   ? 1.813   -14.274 21.215  1.00 59.36  ? 992  HOH A O     1 
HETATM 1533 O  O     . HOH D 4 .   ? 10.751  8.773   -11.711 1.00 61.53  ? 993  HOH A O     1 
HETATM 1534 O  O     . HOH D 4 .   ? -16.151 -3.824  -6.728  1.00 50.27  ? 994  HOH A O     1 
HETATM 1535 O  O     . HOH D 4 .   ? -11.934 0.700   20.503  1.00 58.96  ? 995  HOH A O     1 
HETATM 1536 O  O     . HOH D 4 .   ? -9.267  1.932   20.035  1.00 39.06  ? 996  HOH A O     1 
HETATM 1537 O  O     . HOH D 4 .   ? -1.181  15.193  8.527   1.00 40.99  ? 997  HOH A O     1 
HETATM 1538 O  O     . HOH D 4 .   ? -5.285  -10.187 2.516   1.00 44.71  ? 998  HOH A O     1 
HETATM 1539 O  O     . HOH D 4 .   ? 8.524   -11.966 -12.671 1.00 55.53  ? 999  HOH A O     1 
HETATM 1540 O  O     . HOH D 4 .   ? -10.493 -0.548  17.126  1.00 52.26  ? 1000 HOH A O     1 
HETATM 1541 O  O     . HOH D 4 .   ? 2.561   6.772   7.482   1.00 60.43  ? 1001 HOH A O     1 
HETATM 1542 O  O     . HOH D 4 .   ? -0.631  -17.600 1.916   1.00 44.37  ? 1002 HOH A O     1 
HETATM 1543 O  O     . HOH D 4 .   ? -8.206  19.566  -7.820  1.00 33.55  ? 1003 HOH A O     1 
HETATM 1544 O  O     . HOH D 4 .   ? 29.747  2.122   -3.070  1.00 55.81  ? 1004 HOH A O     1 
HETATM 1545 O  O     . HOH D 4 .   ? -11.352 10.703  6.333   1.00 53.36  ? 1005 HOH A O     1 
HETATM 1546 O  O     . HOH D 4 .   ? -5.858  20.789  -13.780 1.00 44.82  ? 1006 HOH A O     1 
HETATM 1547 O  O     . HOH D 4 .   ? -4.099  4.318   15.964  1.00 40.49  ? 1007 HOH A O     1 
HETATM 1548 O  O     . HOH D 4 .   ? -10.435 -12.144 -10.632 1.00 44.52  ? 1008 HOH A O     1 
HETATM 1549 O  O     . HOH D 4 .   ? -2.825  15.529  10.618  1.00 53.17  ? 1009 HOH A O     1 
HETATM 1550 O  O     . HOH D 4 .   ? -18.017 -3.105  3.585   1.00 43.57  ? 1010 HOH A O     1 
HETATM 1551 O  O     . HOH D 4 .   ? -10.551 -9.469  11.024  1.00 53.81  ? 1011 HOH A O     1 
HETATM 1552 O  O     . HOH D 4 .   ? 14.217  -19.121 1.612   1.00 48.76  ? 1012 HOH A O     1 
HETATM 1553 O  O     . HOH D 4 .   ? -15.189 5.427   4.341   1.00 58.36  ? 1013 HOH A O     1 
HETATM 1554 O  O     . HOH D 4 .   ? -12.534 0.326   -15.431 1.00 37.19  ? 1014 HOH A O     1 
HETATM 1555 O  O     . HOH D 4 .   ? -11.135 -10.596 -12.785 1.00 47.16  ? 1015 HOH A O     1 
HETATM 1556 O  O     . HOH D 4 .   ? 8.907   -9.003  -8.418  1.00 43.58  ? 1016 HOH A O     1 
HETATM 1557 O  O     . HOH D 4 .   ? -7.810  22.215  -13.430 1.00 58.03  ? 1017 HOH A O     1 
HETATM 1558 O  O     . HOH D 4 .   ? 2.618   -13.394 13.147  1.00 51.51  ? 1018 HOH A O     1 
HETATM 1559 O  O     . HOH D 4 .   ? 8.949   12.928  7.146   1.00 49.40  ? 1019 HOH A O     1 
HETATM 1560 O  O     . HOH D 4 .   ? 7.343   9.856   15.833  1.00 56.98  ? 1020 HOH A O     1 
HETATM 1561 O  O     . HOH D 4 .   ? -9.989  0.971   12.537  1.00 43.19  ? 1021 HOH A O     1 
HETATM 1562 O  O     . HOH D 4 .   ? 3.456   -14.885 -15.639 1.00 51.47  ? 1022 HOH A O     1 
HETATM 1563 O  O     . HOH D 4 .   ? 5.253   -1.816  21.524  1.00 59.35  ? 1023 HOH A O     1 
HETATM 1564 O  O     . HOH D 4 .   ? 2.331   14.350  -12.108 1.00 56.14  ? 1024 HOH A O     1 
HETATM 1565 O  O     . HOH D 4 .   ? 1.268   -14.358 -17.443 1.00 67.53  ? 1025 HOH A O     1 
HETATM 1566 O  O     . HOH D 4 .   ? 2.222   -7.119  22.624  1.00 49.64  ? 1026 HOH A O     1 
HETATM 1567 O  O     . HOH D 4 .   ? 10.578  11.120  -12.017 0.5  72.22  ? 1027 HOH A O     1 
HETATM 1568 O  O     . HOH D 4 .   ? -12.244 -10.852 -9.384  1.00 34.00  ? 1028 HOH A O     1 
HETATM 1569 O  O     . HOH D 4 .   ? -2.860  0.248   -14.786 1.00 29.86  ? 1029 HOH A O     1 
HETATM 1570 O  O     . HOH D 4 .   ? -2.861  -5.224  -18.858 1.00 50.24  ? 1030 HOH A O     1 
HETATM 1571 O  O     . HOH D 4 .   ? 12.343  -15.782 2.812   1.00 54.34  ? 1031 HOH A O     1 
HETATM 1572 O  O     . HOH D 4 .   ? 10.479  -2.484  -15.737 1.00 56.19  ? 1032 HOH A O     1 
HETATM 1573 O  O     . HOH D 4 .   ? -5.373  -0.424  -15.012 1.00 24.36  ? 1033 HOH A O     1 
HETATM 1574 O  O     . HOH D 4 .   ? 9.757   -9.271  -10.902 1.00 55.74  ? 1034 HOH A O     1 
HETATM 1575 O  O     . HOH D 4 .   ? -3.898  18.716  -12.873 1.00 29.37  ? 1035 HOH A O     1 
HETATM 1576 O  O     . HOH D 4 .   ? -11.226 20.926  -8.969  1.00 58.86  ? 1036 HOH A O     1 
HETATM 1577 O  O     . HOH D 4 .   ? -9.066  3.566   -12.539 1.00 32.49  ? 1037 HOH A O     1 
HETATM 1578 O  O     . HOH D 4 .   ? 13.046  -9.547  -5.664  1.00 41.10  ? 1038 HOH A O     1 
HETATM 1579 O  O     . HOH D 4 .   ? -10.823 14.867  -0.375  1.00 38.62  ? 1039 HOH A O     1 
HETATM 1580 O  O     . HOH D 4 .   ? 17.638  11.403  -0.745  1.00 43.42  ? 1040 HOH A O     1 
HETATM 1581 O  O     . HOH D 4 .   ? -0.571  -6.637  8.521   1.00 26.87  ? 1041 HOH A O     1 
HETATM 1582 O  O     . HOH D 4 .   ? 2.349   -10.202 18.578  1.00 57.79  ? 1042 HOH A O     1 
HETATM 1583 O  O     . HOH D 4 .   ? 12.874  7.863   17.762  1.00 51.36  ? 1043 HOH A O     1 
HETATM 1584 O  O     . HOH D 4 .   ? 6.197   -17.554 4.829   1.00 35.93  ? 1044 HOH A O     1 
HETATM 1585 O  O     . HOH D 4 .   ? 8.002   -8.526  17.492  1.00 40.25  ? 1045 HOH A O     1 
HETATM 1586 O  O     . HOH D 4 .   ? -13.531 10.322  -5.298  1.00 46.57  ? 1046 HOH A O     1 
HETATM 1587 O  O     . HOH D 4 .   ? -14.665 18.344  -20.062 1.00 70.32  ? 1047 HOH A O     1 
HETATM 1588 O  O     . HOH D 4 .   ? -7.986  0.640   -14.248 1.00 33.43  ? 1048 HOH A O     1 
HETATM 1589 O  O     . HOH D 4 .   ? 13.566  -12.562 0.107   1.00 45.05  ? 1049 HOH A O     1 
HETATM 1590 O  O     . HOH D 4 .   ? 9.100   -10.327 14.717  1.00 35.32  ? 1050 HOH A O     1 
HETATM 1591 O  O     . HOH D 4 .   ? -11.278 -7.765  -13.266 1.00 41.52  ? 1051 HOH A O     1 
HETATM 1592 O  O     . HOH D 4 .   ? -2.471  5.405   14.489  1.00 92.05  ? 1052 HOH A O     1 
HETATM 1593 O  O     . HOH D 4 .   ? -6.311  -9.218  14.662  1.00 49.39  ? 1053 HOH A O     1 
HETATM 1594 O  O     . HOH D 4 .   ? -12.212 17.784  -18.397 1.00 47.32  ? 1054 HOH A O     1 
HETATM 1595 O  O     . HOH D 4 .   ? 11.746  -4.578  12.935  1.00 81.36  ? 1055 HOH A O     1 
HETATM 1596 O  O     . HOH D 4 .   ? -10.685 -4.807  13.608  1.00 52.72  ? 1056 HOH A O     1 
HETATM 1597 O  O     . HOH D 4 .   ? 29.723  5.589   -0.259  1.00 50.81  ? 1057 HOH A O     1 
HETATM 1598 O  O     . HOH D 4 .   ? -11.735 16.999  -12.945 1.00 52.19  ? 1058 HOH A O     1 
HETATM 1599 O  O     . HOH D 4 .   ? -12.220 12.918  -7.337  1.00 51.40  ? 1059 HOH A O     1 
HETATM 1600 O  O     . HOH D 4 .   ? -16.234 -1.404  -5.190  1.00 62.16  ? 1060 HOH A O     1 
HETATM 1601 O  O     . HOH D 4 .   ? 7.010   -11.374 13.579  1.00 47.48  ? 1061 HOH A O     1 
HETATM 1602 O  O     . HOH D 4 .   ? 6.656   -15.736 -10.017 1.00 61.86  ? 1062 HOH A O     1 
HETATM 1603 O  O     . HOH D 4 .   ? -6.826  0.501   16.152  1.00 54.49  ? 1063 HOH A O     1 
HETATM 1604 O  O     . HOH D 4 .   ? -9.904  17.065  -17.767 1.00 47.25  ? 1064 HOH A O     1 
HETATM 1605 O  O     . HOH D 4 .   ? 9.356   12.645  -10.208 1.00 62.53  ? 1065 HOH A O     1 
HETATM 1606 O  O     . HOH D 4 .   ? 5.806   -1.326  -13.812 1.00 54.34  ? 1066 HOH A O     1 
HETATM 1607 O  O     . HOH D 4 .   ? 7.523   -16.199 9.961   1.00 38.26  ? 1067 HOH A O     1 
HETATM 1608 O  O     . HOH D 4 .   ? 31.387  1.043   0.787   1.00 39.55  ? 1068 HOH A O     1 
# 
